data_9PJ3
#
_entry.id   9PJ3
#
_cell.length_a   81.478
_cell.length_b   134.275
_cell.length_c   85.416
_cell.angle_alpha   90.000
_cell.angle_beta   104.480
_cell.angle_gamma   90.000
#
_symmetry.space_group_name_H-M   'P 1 21 1'
#
loop_
_entity.id
_entity.type
_entity.pdbx_description
1 polymer 'Putative molybdopterin oxidoreductase'
2 non-polymer 'MANGANESE (II) ION'
3 non-polymer '(2R)-2-amino-3-methylbut-3-enoic acid'
4 water water
#
_entity_poly.entity_id   1
_entity_poly.type   'polypeptide(L)'
_entity_poly.pdbx_seq_one_letter_code
;MTVNALALSAAEQQDLDARVGKEIDAARLRRADNAFFGEARKAESVTPEAALAIAHRWRAMTKAFMFTTLSGLGVMARRF
QGQDAPDHELLAAFQTVYQVIGDDLDNAAPAFREVAPRGPAGIHYVWWEDTVLKPVAAHVAEEDRQSAAVLPRAVTGLLD
SMDRLATHPLGAAVQLRVVEDIALDIAVGFRRLYAKVEVPGTTLFAGRDDLAWVDSHIKAETMHAAQVSDEDTGMTRLVA
DREQAEEFLTAVREYAAHWSAALETYAQALRDGHA
;
_entity_poly.pdbx_strand_id   A,B,C,D,E,F
#
# COMPACT_ATOMS: atom_id res chain seq x y z
N ALA A 7 -12.27 -22.27 5.48
CA ALA A 7 -11.20 -21.83 4.58
C ALA A 7 -11.59 -20.55 3.84
N LEU A 8 -11.13 -20.41 2.61
CA LEU A 8 -11.40 -19.22 1.80
C LEU A 8 -11.99 -19.65 0.47
N SER A 9 -13.18 -19.14 0.17
CA SER A 9 -13.82 -19.45 -1.10
C SER A 9 -13.08 -18.77 -2.25
N ALA A 10 -13.55 -19.04 -3.47
CA ALA A 10 -13.00 -18.35 -4.64
C ALA A 10 -13.30 -16.86 -4.58
N ALA A 11 -14.45 -16.49 -4.00
CA ALA A 11 -14.79 -15.07 -3.87
C ALA A 11 -13.94 -14.40 -2.81
N GLU A 12 -13.78 -15.02 -1.64
CA GLU A 12 -12.95 -14.43 -0.58
C GLU A 12 -11.50 -14.34 -1.01
N GLN A 13 -11.04 -15.28 -1.86
CA GLN A 13 -9.68 -15.19 -2.38
C GLN A 13 -9.50 -13.96 -3.24
N GLN A 14 -10.48 -13.67 -4.11
CA GLN A 14 -10.38 -12.49 -4.98
C GLN A 14 -10.33 -11.21 -4.16
N ASP A 15 -11.20 -11.12 -3.15
CA ASP A 15 -11.30 -9.89 -2.37
C ASP A 15 -10.05 -9.65 -1.53
N LEU A 16 -9.51 -10.71 -0.89
CA LEU A 16 -8.27 -10.55 -0.13
C LEU A 16 -7.16 -9.99 -1.00
N ASP A 17 -6.96 -10.55 -2.20
CA ASP A 17 -5.93 -10.03 -3.09
C ASP A 17 -6.11 -8.53 -3.31
N ALA A 18 -7.35 -8.10 -3.58
CA ALA A 18 -7.61 -6.68 -3.84
C ALA A 18 -7.30 -5.81 -2.63
N ARG A 19 -7.61 -6.30 -1.42
CA ARG A 19 -7.32 -5.49 -0.24
C ARG A 19 -5.82 -5.36 0.00
N VAL A 20 -5.04 -6.42 -0.26
CA VAL A 20 -3.58 -6.28 -0.15
C VAL A 20 -3.11 -5.12 -1.00
N GLY A 21 -3.49 -5.14 -2.30
CA GLY A 21 -3.14 -4.05 -3.19
C GLY A 21 -3.52 -2.69 -2.65
N LYS A 22 -4.71 -2.60 -2.03
CA LYS A 22 -5.13 -1.32 -1.43
C LYS A 22 -4.28 -0.96 -0.22
N GLU A 23 -3.79 -1.95 0.54
CA GLU A 23 -2.89 -1.60 1.63
C GLU A 23 -1.59 -1.00 1.11
N ILE A 24 -1.04 -1.58 0.04
CA ILE A 24 0.23 -1.09 -0.51
C ILE A 24 0.04 0.29 -1.14
N ASP A 25 -1.09 0.51 -1.85
CA ASP A 25 -1.49 1.84 -2.29
C ASP A 25 -1.51 2.83 -1.14
N ALA A 26 -2.31 2.52 -0.11
CA ALA A 26 -2.43 3.41 1.04
C ALA A 26 -1.10 3.66 1.74
N ALA A 27 -0.12 2.76 1.59
CA ALA A 27 1.19 2.96 2.21
C ALA A 27 2.08 3.94 1.45
N ARG A 28 1.64 4.42 0.29
CA ARG A 28 2.41 5.36 -0.52
C ARG A 28 3.70 4.71 -1.02
N LEU A 29 3.59 3.44 -1.41
CA LEU A 29 4.67 2.64 -1.99
C LEU A 29 4.62 2.56 -3.51
N ARG A 30 3.58 3.08 -4.16
CA ARG A 30 3.48 2.97 -5.60
C ARG A 30 4.45 3.92 -6.31
N ARG A 31 4.61 3.71 -7.62
CA ARG A 31 5.60 4.45 -8.40
C ARG A 31 5.48 5.96 -8.20
N ALA A 32 4.28 6.50 -8.34
CA ALA A 32 4.08 7.94 -8.33
C ALA A 32 3.84 8.50 -6.93
N ASP A 33 4.11 7.72 -5.88
CA ASP A 33 3.70 8.15 -4.56
C ASP A 33 4.85 8.20 -3.56
N ASN A 34 5.81 7.28 -3.63
CA ASN A 34 6.94 7.28 -2.71
C ASN A 34 8.04 8.20 -3.21
N ALA A 35 8.48 9.11 -2.33
CA ALA A 35 9.44 10.15 -2.67
C ALA A 35 10.72 9.62 -3.28
N PHE A 36 11.18 8.44 -2.86
CA PHE A 36 12.45 7.96 -3.36
C PHE A 36 12.43 7.82 -4.88
N PHE A 37 11.38 7.19 -5.41
CA PHE A 37 11.29 7.01 -6.86
C PHE A 37 11.36 8.35 -7.59
N GLY A 38 10.64 9.36 -7.08
CA GLY A 38 10.71 10.68 -7.68
C GLY A 38 12.08 11.34 -7.55
N GLU A 39 12.62 11.41 -6.32
CA GLU A 39 13.92 12.05 -6.13
C GLU A 39 15.01 11.39 -6.95
N ALA A 40 15.02 10.06 -6.99
CA ALA A 40 16.08 9.38 -7.75
C ALA A 40 16.04 9.76 -9.22
N ARG A 41 14.86 10.10 -9.73
CA ARG A 41 14.80 10.51 -11.12
C ARG A 41 15.05 12.01 -11.27
N LYS A 42 14.39 12.83 -10.44
CA LYS A 42 14.53 14.29 -10.51
C LYS A 42 15.95 14.76 -10.23
N ALA A 43 16.71 14.01 -9.43
CA ALA A 43 18.04 14.49 -9.03
C ALA A 43 18.90 14.80 -10.24
N GLU A 44 19.58 15.96 -10.20
CA GLU A 44 20.48 16.31 -11.29
C GLU A 44 21.81 15.58 -11.19
N SER A 45 22.36 15.46 -9.99
CA SER A 45 23.53 14.64 -9.72
C SER A 45 23.43 14.14 -8.29
N VAL A 46 24.25 13.15 -7.97
CA VAL A 46 24.22 12.51 -6.66
C VAL A 46 25.63 12.52 -6.10
N THR A 47 25.77 12.93 -4.85
CA THR A 47 27.09 12.86 -4.27
C THR A 47 27.43 11.42 -3.93
N PRO A 48 28.71 11.06 -3.97
CA PRO A 48 29.09 9.73 -3.48
C PRO A 48 28.68 9.51 -2.03
N GLU A 49 28.68 10.55 -1.21
CA GLU A 49 28.25 10.41 0.17
C GLU A 49 26.78 10.01 0.24
N ALA A 50 25.93 10.63 -0.57
CA ALA A 50 24.53 10.24 -0.60
C ALA A 50 24.39 8.81 -1.12
N ALA A 51 25.16 8.48 -2.16
CA ALA A 51 25.09 7.16 -2.77
C ALA A 51 25.60 6.10 -1.82
N LEU A 52 26.55 6.47 -0.95
CA LEU A 52 27.09 5.51 0.00
C LEU A 52 26.10 5.25 1.12
N ALA A 53 25.49 6.33 1.65
CA ALA A 53 24.45 6.16 2.67
C ALA A 53 23.32 5.30 2.14
N ILE A 54 22.88 5.55 0.90
CA ILE A 54 21.83 4.71 0.31
C ILE A 54 22.33 3.28 0.19
N ALA A 55 23.60 3.10 -0.18
CA ALA A 55 24.11 1.73 -0.31
C ALA A 55 24.09 1.00 1.02
N HIS A 56 24.51 1.66 2.11
CA HIS A 56 24.53 0.99 3.40
C HIS A 56 23.13 0.63 3.86
N ARG A 57 22.17 1.53 3.64
CA ARG A 57 20.78 1.24 4.00
C ARG A 57 20.24 0.06 3.20
N TRP A 58 20.48 0.05 1.87
CA TRP A 58 19.98 -1.07 1.08
C TRP A 58 20.66 -2.38 1.48
N ARG A 59 21.99 -2.36 1.66
CA ARG A 59 22.70 -3.54 2.16
C ARG A 59 22.01 -4.14 3.37
N ALA A 60 21.73 -3.31 4.37
CA ALA A 60 21.07 -3.80 5.58
C ALA A 60 19.66 -4.29 5.28
N MET A 61 18.92 -3.53 4.49
CA MET A 61 17.52 -3.89 4.29
C MET A 61 17.40 -5.19 3.50
N THR A 62 18.22 -5.36 2.46
CA THR A 62 18.06 -6.55 1.63
C THR A 62 18.68 -7.78 2.29
N LYS A 63 19.74 -7.61 3.09
CA LYS A 63 20.26 -8.74 3.85
C LYS A 63 19.21 -9.24 4.84
N ALA A 64 18.62 -8.33 5.61
CA ALA A 64 17.58 -8.71 6.56
C ALA A 64 16.36 -9.29 5.84
N PHE A 65 15.97 -8.67 4.73
CA PHE A 65 14.85 -9.20 3.94
C PHE A 65 15.07 -10.66 3.59
N MET A 66 16.23 -10.98 3.02
CA MET A 66 16.52 -12.35 2.62
C MET A 66 16.53 -13.29 3.82
N PHE A 67 17.31 -12.96 4.85
CA PHE A 67 17.41 -13.91 5.97
C PHE A 67 16.09 -14.04 6.73
N THR A 68 15.37 -12.93 6.97
CA THR A 68 14.12 -13.06 7.71
C THR A 68 12.99 -13.66 6.87
N THR A 69 13.03 -13.57 5.54
CA THR A 69 12.04 -14.29 4.75
C THR A 69 12.32 -15.79 4.77
N LEU A 70 13.60 -16.17 4.69
CA LEU A 70 13.96 -17.58 4.84
C LEU A 70 13.56 -18.11 6.21
N SER A 71 13.73 -17.30 7.26
CA SER A 71 13.25 -17.70 8.59
C SER A 71 11.74 -17.92 8.57
N GLY A 72 11.00 -17.01 7.93
CA GLY A 72 9.56 -17.20 7.86
C GLY A 72 9.19 -18.45 7.09
N LEU A 73 9.95 -18.74 6.02
CA LEU A 73 9.77 -20.01 5.33
C LEU A 73 9.90 -21.19 6.29
N GLY A 74 10.85 -21.12 7.22
CA GLY A 74 11.02 -22.24 8.15
C GLY A 74 9.84 -22.39 9.10
N VAL A 75 9.30 -21.27 9.57
CA VAL A 75 8.12 -21.29 10.44
C VAL A 75 6.97 -22.00 9.74
N MET A 76 6.66 -21.61 8.49
CA MET A 76 5.64 -22.31 7.72
C MET A 76 5.95 -23.79 7.62
N ALA A 77 7.22 -24.12 7.32
CA ALA A 77 7.55 -25.54 7.18
C ALA A 77 7.21 -26.30 8.46
N ARG A 78 7.50 -25.71 9.61
CA ARG A 78 7.18 -26.36 10.87
C ARG A 78 5.68 -26.52 11.04
N ARG A 79 4.91 -25.49 10.67
CA ARG A 79 3.45 -25.61 10.71
C ARG A 79 2.96 -26.72 9.80
N PHE A 80 3.42 -26.72 8.54
CA PHE A 80 3.04 -27.80 7.62
C PHE A 80 3.35 -29.17 8.22
N GLN A 81 4.51 -29.31 8.87
CA GLN A 81 4.84 -30.61 9.43
C GLN A 81 3.86 -31.05 10.49
N GLY A 82 3.21 -30.10 11.18
CA GLY A 82 2.20 -30.44 12.16
C GLY A 82 0.91 -30.99 11.57
N GLN A 83 0.76 -30.97 10.24
CA GLN A 83 -0.45 -31.46 9.59
C GLN A 83 -0.22 -32.82 8.97
N ASP A 84 -1.26 -33.66 9.01
CA ASP A 84 -1.17 -34.99 8.42
C ASP A 84 -0.95 -34.92 6.93
N ALA A 85 -1.65 -34.00 6.26
CA ALA A 85 -1.64 -33.90 4.80
C ALA A 85 -1.94 -32.47 4.37
N PRO A 86 -0.93 -31.60 4.37
CA PRO A 86 -1.15 -30.21 3.94
C PRO A 86 -1.85 -30.14 2.59
N ASP A 87 -2.74 -29.16 2.47
CA ASP A 87 -3.48 -28.90 1.25
C ASP A 87 -2.53 -28.58 0.10
N HIS A 88 -2.71 -29.27 -1.03
CA HIS A 88 -1.79 -29.09 -2.14
C HIS A 88 -1.80 -27.66 -2.66
N GLU A 89 -2.91 -26.93 -2.45
CA GLU A 89 -2.95 -25.51 -2.81
C GLU A 89 -1.97 -24.69 -2.00
N LEU A 90 -1.86 -24.98 -0.69
CA LEU A 90 -0.88 -24.27 0.12
C LEU A 90 0.54 -24.68 -0.27
N LEU A 91 0.76 -25.98 -0.51
CA LEU A 91 2.07 -26.44 -0.94
C LEU A 91 2.52 -25.69 -2.20
N ALA A 92 1.64 -25.55 -3.19
CA ALA A 92 1.99 -24.84 -4.40
C ALA A 92 2.44 -23.40 -4.09
N ALA A 93 1.71 -22.71 -3.20
CA ALA A 93 2.09 -21.35 -2.84
C ALA A 93 3.38 -21.35 -2.03
N PHE A 94 3.58 -22.40 -1.23
CA PHE A 94 4.82 -22.57 -0.51
C PHE A 94 5.99 -22.75 -1.48
N GLN A 95 5.80 -23.53 -2.54
CA GLN A 95 6.86 -23.70 -3.53
C GLN A 95 7.25 -22.36 -4.15
N THR A 96 6.27 -21.48 -4.35
CA THR A 96 6.59 -20.18 -4.94
C THR A 96 7.45 -19.35 -4.00
N VAL A 97 7.07 -19.31 -2.73
CA VAL A 97 7.90 -18.63 -1.72
C VAL A 97 9.33 -19.08 -1.86
N TYR A 98 9.54 -20.40 -1.87
CA TYR A 98 10.87 -20.98 -1.91
C TYR A 98 11.61 -20.55 -3.17
N GLN A 99 10.93 -20.63 -4.33
CA GLN A 99 11.53 -20.28 -5.61
C GLN A 99 11.93 -18.82 -5.65
N VAL A 100 11.06 -17.93 -5.17
CA VAL A 100 11.31 -16.51 -5.31
C VAL A 100 12.48 -16.07 -4.44
N ILE A 101 12.47 -16.44 -3.15
CA ILE A 101 13.57 -15.98 -2.29
C ILE A 101 14.88 -16.68 -2.68
N GLY A 102 14.79 -17.84 -3.32
CA GLY A 102 15.99 -18.47 -3.84
C GLY A 102 16.75 -17.61 -4.83
N ASP A 103 16.07 -16.68 -5.50
CA ASP A 103 16.81 -15.78 -6.37
C ASP A 103 17.82 -14.94 -5.59
N ASP A 104 17.43 -14.42 -4.41
CA ASP A 104 18.38 -13.62 -3.61
C ASP A 104 19.51 -14.48 -3.10
N LEU A 105 19.20 -15.72 -2.74
CA LEU A 105 20.23 -16.54 -2.12
C LEU A 105 21.11 -17.21 -3.15
N ASP A 106 20.57 -17.54 -4.31
CA ASP A 106 21.21 -18.49 -5.20
C ASP A 106 21.09 -18.11 -6.67
N ASN A 107 20.30 -17.10 -7.04
CA ASN A 107 20.23 -16.61 -8.41
C ASN A 107 19.62 -17.63 -9.38
N ALA A 108 18.47 -18.19 -9.00
CA ALA A 108 17.86 -19.22 -9.85
C ALA A 108 17.27 -18.64 -11.14
N ALA A 109 16.60 -17.49 -11.07
CA ALA A 109 15.90 -16.95 -12.23
C ALA A 109 16.90 -16.62 -13.36
N PRO A 110 16.45 -16.67 -14.62
CA PRO A 110 17.43 -16.66 -15.73
C PRO A 110 18.17 -15.34 -15.88
N ALA A 111 17.49 -14.20 -15.70
CA ALA A 111 18.17 -12.93 -15.72
C ALA A 111 19.28 -12.85 -14.68
N PHE A 112 19.19 -13.64 -13.60
CA PHE A 112 20.23 -13.64 -12.56
C PHE A 112 21.33 -14.66 -12.84
N ARG A 113 20.98 -15.88 -13.27
CA ARG A 113 21.99 -16.90 -13.52
C ARG A 113 23.05 -16.41 -14.49
N GLU A 114 22.68 -15.60 -15.47
CA GLU A 114 23.60 -15.23 -16.55
C GLU A 114 24.63 -14.16 -16.15
N VAL A 115 24.36 -13.31 -15.15
CA VAL A 115 25.30 -12.24 -14.84
C VAL A 115 25.87 -12.37 -13.43
N ALA A 116 25.08 -12.91 -12.50
CA ALA A 116 25.50 -12.92 -11.11
C ALA A 116 26.75 -13.75 -10.93
N PRO A 117 27.66 -13.34 -10.04
CA PRO A 117 28.78 -14.21 -9.67
C PRO A 117 28.27 -15.52 -9.09
N ARG A 118 29.16 -16.51 -9.06
CA ARG A 118 28.87 -17.83 -8.49
C ARG A 118 29.28 -17.89 -7.02
N GLY A 119 28.64 -18.80 -6.29
CA GLY A 119 28.94 -19.00 -4.89
C GLY A 119 28.35 -17.88 -4.06
N PRO A 120 28.92 -17.61 -2.89
CA PRO A 120 28.32 -16.60 -2.01
C PRO A 120 28.50 -15.17 -2.51
N ALA A 121 29.50 -14.88 -3.36
CA ALA A 121 29.59 -13.53 -3.93
C ALA A 121 28.38 -13.18 -4.77
N GLY A 122 27.58 -14.17 -5.19
CA GLY A 122 26.35 -13.89 -5.91
C GLY A 122 25.15 -13.60 -5.02
N ILE A 123 25.26 -13.86 -3.72
CA ILE A 123 24.17 -13.54 -2.80
C ILE A 123 23.90 -12.05 -2.89
N HIS A 124 22.62 -11.67 -3.02
CA HIS A 124 22.33 -10.34 -3.55
C HIS A 124 22.87 -9.22 -2.67
N TYR A 125 22.82 -9.38 -1.33
CA TYR A 125 23.42 -8.31 -0.51
C TYR A 125 24.95 -8.31 -0.61
N VAL A 126 25.55 -9.48 -0.81
CA VAL A 126 27.00 -9.53 -1.01
C VAL A 126 27.38 -8.95 -2.36
N TRP A 127 26.66 -9.36 -3.40
CA TRP A 127 26.87 -8.81 -4.72
C TRP A 127 26.71 -7.30 -4.71
N TRP A 128 25.75 -6.81 -3.91
CA TRP A 128 25.56 -5.38 -3.73
C TRP A 128 26.75 -4.74 -3.04
N GLU A 129 27.21 -5.34 -1.94
CA GLU A 129 28.41 -4.84 -1.24
C GLU A 129 29.58 -4.69 -2.20
N ASP A 130 29.82 -5.72 -3.02
CA ASP A 130 31.03 -5.79 -3.83
C ASP A 130 30.99 -4.87 -5.03
N THR A 131 29.83 -4.71 -5.68
CA THR A 131 29.78 -4.01 -6.96
C THR A 131 29.18 -2.62 -6.89
N VAL A 132 28.53 -2.24 -5.78
CA VAL A 132 27.93 -0.93 -5.65
C VAL A 132 28.52 -0.19 -4.44
N LEU A 133 28.38 -0.78 -3.25
CA LEU A 133 28.74 -0.07 -2.02
C LEU A 133 30.23 0.26 -1.99
N LYS A 134 31.08 -0.75 -2.13
CA LYS A 134 32.52 -0.58 -2.02
C LYS A 134 33.07 0.28 -3.16
N PRO A 135 32.56 0.17 -4.38
CA PRO A 135 32.98 1.15 -5.40
C PRO A 135 32.69 2.58 -5.00
N VAL A 136 31.49 2.86 -4.49
CA VAL A 136 31.18 4.22 -4.06
C VAL A 136 32.02 4.59 -2.85
N ALA A 137 32.20 3.67 -1.91
CA ALA A 137 32.89 4.01 -0.67
C ALA A 137 34.34 4.40 -0.91
N ALA A 138 34.94 3.87 -1.99
CA ALA A 138 36.31 4.24 -2.32
C ALA A 138 36.45 5.73 -2.60
N HIS A 139 35.36 6.42 -2.96
CA HIS A 139 35.37 7.83 -3.27
C HIS A 139 34.87 8.70 -2.13
N VAL A 140 34.93 8.21 -0.90
CA VAL A 140 34.37 8.90 0.26
C VAL A 140 35.44 8.92 1.34
N ALA A 141 35.62 10.09 1.96
CA ALA A 141 36.59 10.23 3.04
C ALA A 141 36.19 9.40 4.25
N GLU A 142 37.19 8.91 4.98
CA GLU A 142 36.95 7.96 6.06
C GLU A 142 35.99 8.50 7.12
N GLU A 143 36.04 9.80 7.38
CA GLU A 143 35.08 10.39 8.31
C GLU A 143 33.66 10.25 7.78
N ASP A 144 33.47 10.46 6.48
CA ASP A 144 32.13 10.44 5.92
C ASP A 144 31.63 9.02 5.68
N ARG A 145 32.53 8.05 5.53
CA ARG A 145 32.09 6.66 5.47
C ARG A 145 31.35 6.27 6.73
N GLN A 146 31.92 6.65 7.89
CA GLN A 146 31.32 6.26 9.17
C GLN A 146 29.93 6.82 9.31
N SER A 147 29.76 8.11 9.00
CA SER A 147 28.43 8.71 9.11
C SER A 147 27.46 8.05 8.13
N ALA A 148 27.95 7.65 6.95
CA ALA A 148 27.08 7.06 5.92
C ALA A 148 26.50 5.72 6.37
N ALA A 149 27.22 4.96 7.21
CA ALA A 149 26.73 3.67 7.68
C ALA A 149 25.74 3.80 8.84
N VAL A 150 25.55 5.00 9.37
CA VAL A 150 24.61 5.15 10.47
C VAL A 150 23.19 5.03 9.92
N LEU A 151 22.47 4.01 10.35
CA LEU A 151 21.14 3.81 9.79
C LEU A 151 20.11 4.71 10.47
N PRO A 152 19.21 5.33 9.71
CA PRO A 152 18.15 6.13 10.32
C PRO A 152 17.14 5.24 11.03
N ARG A 153 16.41 5.87 11.96
CA ARG A 153 15.38 5.16 12.70
C ARG A 153 14.33 4.53 11.79
N ALA A 154 13.99 5.17 10.67
CA ALA A 154 13.00 4.55 9.81
C ALA A 154 13.56 3.29 9.15
N VAL A 155 14.87 3.26 8.87
CA VAL A 155 15.45 2.01 8.36
C VAL A 155 15.44 0.96 9.47
N THR A 156 15.89 1.35 10.67
CA THR A 156 15.91 0.44 11.82
C THR A 156 14.53 -0.10 12.13
N GLY A 157 13.49 0.74 11.99
CA GLY A 157 12.14 0.25 12.24
C GLY A 157 11.75 -0.85 11.27
N LEU A 158 12.19 -0.72 10.02
CA LEU A 158 11.96 -1.77 9.03
C LEU A 158 12.70 -3.05 9.42
N LEU A 159 13.97 -2.92 9.79
CA LEU A 159 14.75 -4.08 10.20
C LEU A 159 14.12 -4.78 11.41
N ASP A 160 13.60 -4.00 12.37
CA ASP A 160 12.89 -4.61 13.49
C ASP A 160 11.57 -5.23 13.07
N SER A 161 10.89 -4.62 12.11
CA SER A 161 9.69 -5.25 11.58
C SER A 161 10.01 -6.59 10.92
N MET A 162 11.12 -6.65 10.17
CA MET A 162 11.50 -7.92 9.53
C MET A 162 11.83 -8.97 10.59
N ASP A 163 12.52 -8.55 11.66
CA ASP A 163 12.88 -9.49 12.71
C ASP A 163 11.63 -10.11 13.34
N ARG A 164 10.57 -9.32 13.48
CA ARG A 164 9.32 -9.87 14.01
C ARG A 164 8.68 -10.82 13.01
N LEU A 165 8.63 -10.44 11.74
CA LEU A 165 8.03 -11.31 10.74
C LEU A 165 8.83 -12.59 10.55
N ALA A 166 10.09 -12.62 10.98
CA ALA A 166 10.92 -13.82 10.83
C ALA A 166 10.37 -15.00 11.60
N THR A 167 9.54 -14.76 12.62
CA THR A 167 8.91 -15.83 13.38
C THR A 167 7.40 -15.90 13.16
N HIS A 168 6.89 -15.15 12.25
CA HIS A 168 5.46 -15.06 12.07
C HIS A 168 5.02 -16.12 11.07
N PRO A 169 3.96 -16.88 11.35
CA PRO A 169 3.59 -17.99 10.43
C PRO A 169 3.24 -17.52 9.02
N LEU A 170 2.93 -16.25 8.82
CA LEU A 170 2.69 -15.72 7.49
C LEU A 170 3.73 -14.68 7.10
N GLY A 171 4.79 -14.53 7.91
CA GLY A 171 5.73 -13.46 7.67
C GLY A 171 6.37 -13.52 6.29
N ALA A 172 6.72 -14.72 5.83
CA ALA A 172 7.41 -14.81 4.54
C ALA A 172 6.47 -14.41 3.41
N ALA A 173 5.22 -14.85 3.47
CA ALA A 173 4.26 -14.45 2.43
C ALA A 173 4.00 -12.94 2.47
N VAL A 174 4.00 -12.33 3.66
CA VAL A 174 3.83 -10.89 3.74
C VAL A 174 5.01 -10.16 3.08
N GLN A 175 6.23 -10.56 3.43
CA GLN A 175 7.39 -9.84 2.92
C GLN A 175 7.51 -9.99 1.41
N LEU A 176 7.33 -11.20 0.89
CA LEU A 176 7.45 -11.39 -0.55
C LEU A 176 6.33 -10.68 -1.30
N ARG A 177 5.11 -10.68 -0.76
CA ARG A 177 4.00 -10.05 -1.44
C ARG A 177 4.20 -8.54 -1.57
N VAL A 178 4.77 -7.92 -0.54
CA VAL A 178 5.00 -6.49 -0.59
C VAL A 178 6.27 -6.15 -1.37
N VAL A 179 7.39 -6.76 -0.99
CA VAL A 179 8.69 -6.38 -1.58
C VAL A 179 8.71 -6.67 -3.07
N GLU A 180 8.23 -7.84 -3.48
CA GLU A 180 8.34 -8.18 -4.90
C GLU A 180 7.43 -7.32 -5.76
N ASP A 181 6.45 -6.67 -5.15
CA ASP A 181 5.60 -5.72 -5.83
C ASP A 181 6.31 -4.38 -6.06
N ILE A 182 7.13 -3.94 -5.11
CA ILE A 182 7.83 -2.66 -5.24
C ILE A 182 9.23 -2.78 -5.82
N ALA A 183 9.72 -4.01 -6.02
CA ALA A 183 11.14 -4.20 -6.29
C ALA A 183 11.60 -3.58 -7.61
N LEU A 184 10.73 -3.51 -8.63
CA LEU A 184 11.14 -2.95 -9.92
C LEU A 184 11.38 -1.45 -9.80
N ASP A 185 10.46 -0.74 -9.16
CA ASP A 185 10.61 0.70 -8.97
C ASP A 185 11.88 1.03 -8.20
N ILE A 186 12.22 0.17 -7.22
CA ILE A 186 13.45 0.37 -6.47
C ILE A 186 14.67 0.19 -7.37
N ALA A 187 14.68 -0.90 -8.14
CA ALA A 187 15.79 -1.13 -9.06
C ALA A 187 15.92 0.01 -10.06
N VAL A 188 14.80 0.48 -10.62
CA VAL A 188 14.86 1.62 -11.53
C VAL A 188 15.43 2.84 -10.81
N GLY A 189 14.98 3.10 -9.58
CA GLY A 189 15.57 4.18 -8.80
C GLY A 189 17.08 4.06 -8.69
N PHE A 190 17.56 2.86 -8.33
CA PHE A 190 19.00 2.65 -8.22
C PHE A 190 19.71 2.87 -9.55
N ARG A 191 19.15 2.33 -10.65
CA ARG A 191 19.76 2.53 -11.96
C ARG A 191 19.90 4.00 -12.25
N ARG A 192 18.87 4.79 -11.94
CA ARG A 192 18.94 6.22 -12.21
C ARG A 192 19.99 6.90 -11.33
N LEU A 193 19.92 6.69 -10.01
CA LEU A 193 20.75 7.52 -9.14
C LEU A 193 22.22 7.12 -9.22
N TYR A 194 22.53 5.82 -9.26
CA TYR A 194 23.95 5.47 -9.30
C TYR A 194 24.59 5.85 -10.62
N ALA A 195 23.78 6.05 -11.67
CA ALA A 195 24.31 6.54 -12.93
C ALA A 195 24.68 8.02 -12.84
N LYS A 196 24.04 8.77 -11.93
CA LYS A 196 24.26 10.21 -11.79
C LYS A 196 25.24 10.55 -10.68
N VAL A 197 25.88 9.55 -10.08
CA VAL A 197 26.87 9.82 -9.05
C VAL A 197 28.11 10.45 -9.68
N GLU A 198 28.55 11.57 -9.13
CA GLU A 198 29.67 12.33 -9.66
C GLU A 198 30.85 12.23 -8.70
N VAL A 199 31.97 11.74 -9.21
CA VAL A 199 33.18 11.57 -8.42
C VAL A 199 34.28 12.45 -9.00
N PRO A 200 35.20 12.97 -8.19
CA PRO A 200 36.25 13.85 -8.71
C PRO A 200 37.38 13.05 -9.34
N GLY A 201 37.71 13.39 -10.59
CA GLY A 201 38.82 12.76 -11.28
C GLY A 201 38.41 11.72 -12.30
N THR A 202 37.56 10.76 -11.91
CA THR A 202 37.13 9.72 -12.83
C THR A 202 35.60 9.66 -12.93
N THR A 203 35.08 8.56 -13.48
CA THR A 203 33.64 8.35 -13.60
C THR A 203 33.31 6.97 -13.05
N LEU A 204 32.19 6.89 -12.33
CA LEU A 204 31.80 5.68 -11.62
C LEU A 204 30.68 4.97 -12.37
N PHE A 205 30.82 3.65 -12.51
CA PHE A 205 29.85 2.85 -13.26
C PHE A 205 29.73 3.38 -14.70
N ALA A 206 30.88 3.46 -15.38
CA ALA A 206 30.90 4.00 -16.72
C ALA A 206 30.44 2.97 -17.74
N GLY A 207 31.17 1.86 -17.83
CA GLY A 207 30.82 0.79 -18.76
C GLY A 207 31.16 -0.59 -18.26
N ARG A 208 31.10 -1.59 -19.14
CA ARG A 208 31.32 -3.01 -18.82
C ARG A 208 30.53 -3.40 -17.57
N ASP A 209 29.20 -3.43 -17.76
CA ASP A 209 28.28 -4.13 -16.86
C ASP A 209 28.54 -3.81 -15.39
N ASP A 210 28.92 -2.55 -15.10
CA ASP A 210 29.23 -2.15 -13.73
C ASP A 210 27.99 -2.05 -12.86
N LEU A 211 26.80 -1.93 -13.46
CA LEU A 211 25.54 -1.99 -12.73
C LEU A 211 24.82 -3.30 -13.01
N ALA A 212 25.60 -4.38 -13.17
CA ALA A 212 25.01 -5.68 -13.48
C ALA A 212 23.99 -6.09 -12.42
N TRP A 213 24.26 -5.76 -11.15
CA TRP A 213 23.29 -6.03 -10.09
C TRP A 213 21.96 -5.40 -10.42
N VAL A 214 21.97 -4.15 -10.86
CA VAL A 214 20.75 -3.39 -11.06
C VAL A 214 20.03 -3.83 -12.33
N ASP A 215 20.76 -3.92 -13.45
CA ASP A 215 20.13 -4.27 -14.71
C ASP A 215 19.49 -5.65 -14.66
N SER A 216 20.18 -6.62 -14.03
CA SER A 216 19.61 -7.98 -13.90
C SER A 216 18.29 -7.95 -13.13
N HIS A 217 18.21 -7.11 -12.09
CA HIS A 217 16.95 -6.98 -11.36
C HIS A 217 15.86 -6.38 -12.23
N ILE A 218 16.19 -5.34 -13.01
CA ILE A 218 15.17 -4.72 -13.85
C ILE A 218 14.55 -5.74 -14.81
N LYS A 219 15.38 -6.62 -15.37
CA LYS A 219 14.85 -7.64 -16.28
C LYS A 219 13.99 -8.68 -15.57
N ALA A 220 14.19 -8.88 -14.26
CA ALA A 220 13.60 -9.99 -13.52
C ALA A 220 12.47 -9.62 -12.57
N GLU A 221 12.33 -8.35 -12.16
CA GLU A 221 11.38 -8.03 -11.11
C GLU A 221 9.95 -7.89 -11.60
N THR A 222 9.73 -7.80 -12.92
CA THR A 222 8.38 -7.92 -13.46
C THR A 222 7.78 -9.29 -13.15
N MET A 223 8.54 -10.36 -13.40
CA MET A 223 8.03 -11.70 -13.15
C MET A 223 7.91 -11.99 -11.66
N HIS A 224 8.79 -11.42 -10.83
CA HIS A 224 8.68 -11.62 -9.38
C HIS A 224 7.38 -11.05 -8.84
N ALA A 225 7.01 -9.84 -9.30
CA ALA A 225 5.74 -9.26 -8.87
C ALA A 225 4.57 -10.15 -9.31
N ALA A 226 4.67 -10.75 -10.50
CA ALA A 226 3.60 -11.63 -10.97
C ALA A 226 3.47 -12.88 -10.10
N GLN A 227 4.61 -13.46 -9.69
CA GLN A 227 4.57 -14.69 -8.91
C GLN A 227 3.88 -14.49 -7.56
N VAL A 228 4.24 -13.41 -6.85
CA VAL A 228 3.72 -13.21 -5.50
C VAL A 228 2.23 -12.86 -5.50
N SER A 229 1.73 -12.28 -6.57
CA SER A 229 0.33 -11.90 -6.63
C SER A 229 -0.50 -12.85 -7.49
N ASP A 230 0.08 -13.96 -7.94
CA ASP A 230 -0.67 -14.91 -8.75
C ASP A 230 -1.88 -15.44 -7.99
N GLU A 231 -3.06 -15.31 -8.60
CA GLU A 231 -4.30 -15.73 -7.96
C GLU A 231 -4.30 -17.22 -7.59
N ASP A 232 -3.52 -18.05 -8.26
CA ASP A 232 -3.53 -19.48 -7.97
C ASP A 232 -2.37 -19.90 -7.05
N THR A 233 -1.15 -19.46 -7.33
CA THR A 233 0.01 -19.93 -6.56
C THR A 233 0.73 -18.79 -5.86
N GLY A 234 0.09 -17.62 -5.74
CA GLY A 234 0.70 -16.45 -5.12
C GLY A 234 0.50 -16.41 -3.62
N MET A 235 1.02 -15.33 -3.01
CA MET A 235 1.26 -15.31 -1.58
C MET A 235 -0.03 -15.41 -0.77
N THR A 236 -1.12 -14.79 -1.23
CA THR A 236 -2.34 -14.84 -0.44
C THR A 236 -2.96 -16.23 -0.44
N ARG A 237 -2.54 -17.10 -1.36
CA ARG A 237 -3.01 -18.49 -1.30
C ARG A 237 -2.36 -19.27 -0.18
N LEU A 238 -1.46 -18.64 0.58
CA LEU A 238 -0.98 -19.20 1.84
C LEU A 238 -1.91 -18.88 2.99
N VAL A 239 -2.86 -17.98 2.79
CA VAL A 239 -3.87 -17.72 3.80
C VAL A 239 -4.85 -18.88 3.79
N ALA A 240 -4.98 -19.57 4.93
CA ALA A 240 -5.79 -20.77 5.00
C ALA A 240 -7.26 -20.45 5.27
N ASP A 241 -7.52 -19.57 6.22
CA ASP A 241 -8.87 -19.24 6.64
C ASP A 241 -9.07 -17.73 6.64
N ARG A 242 -10.20 -17.27 7.17
CA ARG A 242 -10.49 -15.83 7.15
C ARG A 242 -9.78 -15.08 8.28
N GLU A 243 -9.52 -15.73 9.41
CA GLU A 243 -8.76 -15.05 10.45
C GLU A 243 -7.29 -14.92 10.04
N GLN A 244 -6.75 -15.89 9.30
CA GLN A 244 -5.44 -15.67 8.70
C GLN A 244 -5.49 -14.51 7.72
N ALA A 245 -6.57 -14.43 6.92
CA ALA A 245 -6.72 -13.31 5.99
C ALA A 245 -6.59 -11.97 6.72
N GLU A 246 -7.31 -11.82 7.84
CA GLU A 246 -7.23 -10.56 8.56
C GLU A 246 -5.85 -10.36 9.19
N GLU A 247 -5.24 -11.43 9.71
CA GLU A 247 -3.86 -11.30 10.19
C GLU A 247 -2.94 -10.90 9.04
N PHE A 248 -3.09 -11.56 7.89
CA PHE A 248 -2.26 -11.25 6.74
C PHE A 248 -2.30 -9.76 6.42
N LEU A 249 -3.48 -9.15 6.52
CA LEU A 249 -3.65 -7.77 6.09
C LEU A 249 -3.10 -6.76 7.09
N THR A 250 -3.21 -7.01 8.39
CA THR A 250 -2.62 -6.04 9.30
C THR A 250 -1.09 -6.13 9.26
N ALA A 251 -0.55 -7.34 9.07
CA ALA A 251 0.89 -7.45 8.89
C ALA A 251 1.35 -6.66 7.66
N VAL A 252 0.66 -6.82 6.52
CA VAL A 252 1.00 -6.04 5.32
C VAL A 252 0.97 -4.55 5.61
N ARG A 253 -0.06 -4.08 6.31
CA ARG A 253 -0.19 -2.64 6.56
C ARG A 253 0.98 -2.13 7.38
N GLU A 254 1.32 -2.84 8.45
CA GLU A 254 2.45 -2.40 9.30
C GLU A 254 3.76 -2.47 8.52
N TYR A 255 4.00 -3.61 7.87
CA TYR A 255 5.23 -3.82 7.11
C TYR A 255 5.38 -2.76 6.02
N ALA A 256 4.31 -2.53 5.24
CA ALA A 256 4.38 -1.57 4.15
C ALA A 256 4.64 -0.17 4.68
N ALA A 257 4.10 0.16 5.85
CA ALA A 257 4.38 1.47 6.41
C ALA A 257 5.87 1.64 6.69
N HIS A 258 6.52 0.58 7.19
CA HIS A 258 7.96 0.67 7.43
C HIS A 258 8.74 0.78 6.13
N TRP A 259 8.39 -0.01 5.12
CA TRP A 259 9.10 0.10 3.84
C TRP A 259 9.02 1.52 3.29
N SER A 260 7.83 2.10 3.26
CA SER A 260 7.66 3.45 2.76
C SER A 260 8.53 4.43 3.55
N ALA A 261 8.46 4.35 4.88
CA ALA A 261 9.29 5.21 5.72
C ALA A 261 10.78 5.02 5.43
N ALA A 262 11.23 3.76 5.26
CA ALA A 262 12.66 3.54 5.02
C ALA A 262 13.06 4.13 3.68
N LEU A 263 12.22 3.94 2.66
CA LEU A 263 12.55 4.43 1.32
C LEU A 263 12.56 5.96 1.28
N GLU A 264 11.70 6.60 2.08
CA GLU A 264 11.70 8.06 2.14
C GLU A 264 13.03 8.61 2.61
N THR A 265 13.71 7.93 3.54
CA THR A 265 15.04 8.38 3.92
C THR A 265 15.99 8.40 2.73
N TYR A 266 15.76 7.53 1.73
CA TYR A 266 16.57 7.59 0.52
C TYR A 266 16.39 8.93 -0.18
N ALA A 267 15.13 9.41 -0.25
CA ALA A 267 14.87 10.72 -0.84
C ALA A 267 15.56 11.82 -0.05
N GLN A 268 15.47 11.75 1.29
CA GLN A 268 16.12 12.72 2.18
C GLN A 268 17.62 12.75 1.96
N ALA A 269 18.25 11.58 1.83
CA ALA A 269 19.68 11.53 1.58
C ALA A 269 20.03 12.15 0.24
N LEU A 270 19.18 11.93 -0.77
CA LEU A 270 19.44 12.52 -2.10
C LEU A 270 19.36 14.04 -2.04
N ARG A 271 18.33 14.58 -1.37
CA ARG A 271 18.22 16.03 -1.24
C ARG A 271 19.41 16.61 -0.48
N ASP A 272 19.77 15.99 0.66
CA ASP A 272 20.79 16.58 1.54
C ASP A 272 22.21 16.34 1.07
N GLY A 273 22.45 15.30 0.26
CA GLY A 273 23.80 15.01 -0.19
C GLY A 273 24.62 14.20 0.78
N HIS A 274 24.00 13.60 1.80
CA HIS A 274 24.68 12.86 2.85
C HIS A 274 23.63 12.23 3.76
N ALA A 275 24.09 11.35 4.66
CA ALA A 275 23.22 10.65 5.61
C ALA A 275 22.44 11.61 6.50
N ALA B 7 21.13 43.06 18.39
CA ALA B 7 20.46 42.67 19.63
C ALA B 7 18.95 42.80 19.47
N LEU B 8 18.19 42.10 20.30
CA LEU B 8 16.74 42.24 20.30
C LEU B 8 16.34 43.39 21.22
N SER B 9 15.36 44.17 20.78
CA SER B 9 14.87 45.28 21.59
C SER B 9 14.06 44.75 22.78
N ALA B 10 13.77 45.66 23.71
CA ALA B 10 13.03 45.28 24.91
C ALA B 10 11.63 44.78 24.59
N ALA B 11 11.00 45.34 23.56
CA ALA B 11 9.69 44.85 23.13
C ALA B 11 9.79 43.55 22.36
N GLU B 12 10.84 43.41 21.54
CA GLU B 12 11.00 42.21 20.73
C GLU B 12 11.23 40.97 21.59
N GLN B 13 12.00 41.14 22.68
CA GLN B 13 12.19 40.06 23.66
C GLN B 13 10.87 39.63 24.28
N GLN B 14 10.04 40.60 24.69
CA GLN B 14 8.75 40.28 25.30
C GLN B 14 7.82 39.62 24.29
N ASP B 15 7.77 40.16 23.07
CA ASP B 15 6.95 39.56 22.02
C ASP B 15 7.39 38.14 21.71
N LEU B 16 8.70 37.92 21.59
CA LEU B 16 9.20 36.56 21.41
C LEU B 16 8.76 35.68 22.57
N ASP B 17 8.96 36.16 23.80
CA ASP B 17 8.65 35.36 24.98
C ASP B 17 7.18 34.96 25.02
N ALA B 18 6.29 35.81 24.51
CA ALA B 18 4.87 35.49 24.49
C ALA B 18 4.54 34.53 23.35
N ARG B 19 5.11 34.76 22.17
CA ARG B 19 4.85 33.85 21.06
C ARG B 19 5.35 32.44 21.39
N VAL B 20 6.37 32.34 22.25
CA VAL B 20 6.84 31.02 22.66
C VAL B 20 5.77 30.31 23.47
N GLY B 21 5.25 30.97 24.50
CA GLY B 21 4.14 30.41 25.26
C GLY B 21 2.93 30.12 24.40
N LYS B 22 2.72 30.88 23.33
CA LYS B 22 1.57 30.67 22.47
C LYS B 22 1.75 29.46 21.56
N GLU B 23 2.98 29.20 21.11
CA GLU B 23 3.22 27.98 20.35
C GLU B 23 3.01 26.74 21.20
N ILE B 24 3.36 26.81 22.49
CA ILE B 24 3.22 25.66 23.35
C ILE B 24 1.75 25.43 23.69
N ASP B 25 0.98 26.52 23.86
CA ASP B 25 -0.48 26.40 23.91
C ASP B 25 -1.00 25.69 22.68
N ALA B 26 -0.68 26.20 21.49
CA ALA B 26 -1.26 25.66 20.26
C ALA B 26 -0.81 24.22 19.98
N ALA B 27 0.27 23.78 20.60
CA ALA B 27 0.71 22.40 20.42
C ALA B 27 -0.08 21.41 21.27
N ARG B 28 -1.00 21.90 22.11
CA ARG B 28 -1.81 21.06 22.98
C ARG B 28 -0.95 20.32 24.00
N LEU B 29 0.02 21.05 24.56
CA LEU B 29 0.92 20.52 25.57
C LEU B 29 0.56 20.93 26.98
N ARG B 30 -0.38 21.87 27.16
CA ARG B 30 -0.73 22.33 28.50
C ARG B 30 -1.58 21.27 29.20
N ARG B 31 -1.64 21.39 30.53
CA ARG B 31 -2.27 20.38 31.37
C ARG B 31 -3.64 19.95 30.84
N ALA B 32 -4.54 20.91 30.62
CA ALA B 32 -5.92 20.59 30.31
C ALA B 32 -6.13 20.25 28.84
N ASP B 33 -5.05 20.08 28.07
CA ASP B 33 -5.16 19.94 26.63
C ASP B 33 -4.60 18.65 26.05
N ASN B 34 -3.53 18.09 26.62
CA ASN B 34 -2.93 16.91 26.02
C ASN B 34 -3.62 15.66 26.56
N ALA B 35 -3.83 14.70 25.66
CA ALA B 35 -4.56 13.51 26.02
C ALA B 35 -3.86 12.71 27.11
N PHE B 36 -2.53 12.78 27.20
CA PHE B 36 -1.86 11.95 28.19
C PHE B 36 -2.24 12.39 29.60
N PHE B 37 -2.25 13.70 29.85
CA PHE B 37 -2.53 14.19 31.18
C PHE B 37 -3.94 13.84 31.60
N GLY B 38 -4.90 14.01 30.70
CA GLY B 38 -6.26 13.62 31.00
C GLY B 38 -6.42 12.12 31.19
N GLU B 39 -5.72 11.33 30.37
CA GLU B 39 -5.94 9.89 30.45
C GLU B 39 -5.35 9.32 31.73
N ALA B 40 -4.18 9.80 32.16
CA ALA B 40 -3.59 9.24 33.37
C ALA B 40 -4.45 9.54 34.60
N ARG B 41 -5.17 10.67 34.57
CA ARG B 41 -6.04 11.04 35.68
C ARG B 41 -7.30 10.20 35.69
N LYS B 42 -8.01 10.18 34.56
CA LYS B 42 -9.28 9.46 34.47
C LYS B 42 -9.15 7.98 34.80
N ALA B 43 -7.97 7.40 34.60
CA ALA B 43 -7.87 5.94 34.55
C ALA B 43 -8.13 5.33 35.92
N GLU B 44 -8.94 4.27 35.95
CA GLU B 44 -9.24 3.59 37.20
C GLU B 44 -8.16 2.59 37.57
N SER B 45 -7.53 1.97 36.58
CA SER B 45 -6.38 1.11 36.81
C SER B 45 -5.64 0.96 35.49
N VAL B 46 -4.43 0.42 35.57
CA VAL B 46 -3.51 0.37 34.44
C VAL B 46 -2.89 -1.01 34.42
N THR B 47 -2.92 -1.66 33.25
CA THR B 47 -2.29 -2.97 33.12
C THR B 47 -0.77 -2.82 33.17
N PRO B 48 -0.06 -3.86 33.62
CA PRO B 48 1.41 -3.80 33.54
C PRO B 48 1.92 -3.65 32.12
N GLU B 49 1.18 -4.17 31.13
CA GLU B 49 1.64 -4.09 29.76
C GLU B 49 1.63 -2.64 29.27
N ALA B 50 0.59 -1.88 29.61
CA ALA B 50 0.55 -0.48 29.17
C ALA B 50 1.60 0.34 29.92
N ALA B 51 1.72 0.11 31.23
CA ALA B 51 2.75 0.80 32.03
C ALA B 51 4.15 0.45 31.54
N LEU B 52 4.37 -0.80 31.10
CA LEU B 52 5.68 -1.15 30.55
C LEU B 52 5.93 -0.41 29.23
N ALA B 53 4.94 -0.39 28.34
CA ALA B 53 5.07 0.31 27.08
C ALA B 53 5.43 1.78 27.31
N ILE B 54 4.74 2.42 28.25
CA ILE B 54 5.06 3.81 28.55
C ILE B 54 6.46 3.91 29.12
N ALA B 55 6.85 2.96 29.99
CA ALA B 55 8.19 3.03 30.56
C ALA B 55 9.28 2.94 29.49
N HIS B 56 9.08 2.06 28.49
CA HIS B 56 10.04 1.98 27.38
C HIS B 56 10.04 3.27 26.56
N ARG B 57 8.87 3.84 26.30
CA ARG B 57 8.82 5.06 25.52
C ARG B 57 9.54 6.20 26.24
N TRP B 58 9.26 6.37 27.53
CA TRP B 58 9.89 7.45 28.27
C TRP B 58 11.40 7.25 28.38
N ARG B 59 11.83 6.00 28.59
CA ARG B 59 13.26 5.70 28.62
C ARG B 59 13.94 6.17 27.34
N ALA B 60 13.40 5.80 26.18
CA ALA B 60 13.96 6.28 24.93
C ALA B 60 13.91 7.80 24.87
N MET B 61 12.76 8.38 25.23
CA MET B 61 12.58 9.81 25.02
C MET B 61 13.41 10.65 25.99
N THR B 62 13.53 10.22 27.25
CA THR B 62 14.31 11.01 28.19
C THR B 62 15.82 10.77 28.00
N LYS B 63 16.23 9.55 27.63
CA LYS B 63 17.63 9.35 27.26
C LYS B 63 18.01 10.27 26.10
N ALA B 64 17.21 10.26 25.04
CA ALA B 64 17.48 11.10 23.89
C ALA B 64 17.43 12.59 24.26
N PHE B 65 16.47 12.99 25.11
CA PHE B 65 16.42 14.39 25.52
C PHE B 65 17.73 14.81 26.17
N MET B 66 18.22 14.01 27.10
CA MET B 66 19.43 14.40 27.81
C MET B 66 20.62 14.49 26.86
N PHE B 67 20.90 13.43 26.11
CA PHE B 67 22.10 13.44 25.29
C PHE B 67 22.01 14.46 24.15
N THR B 68 20.83 14.63 23.53
CA THR B 68 20.80 15.60 22.43
C THR B 68 20.84 17.02 22.94
N THR B 69 20.30 17.28 24.15
CA THR B 69 20.46 18.59 24.76
C THR B 69 21.92 18.83 25.14
N LEU B 70 22.60 17.81 25.68
CA LEU B 70 24.03 17.96 25.92
C LEU B 70 24.77 18.25 24.62
N SER B 71 24.36 17.60 23.53
CA SER B 71 24.98 17.87 22.24
C SER B 71 24.78 19.32 21.83
N GLY B 72 23.57 19.85 21.98
CA GLY B 72 23.32 21.23 21.62
C GLY B 72 24.09 22.21 22.51
N LEU B 73 24.29 21.84 23.77
CA LEU B 73 25.14 22.63 24.65
C LEU B 73 26.55 22.73 24.07
N GLY B 74 27.08 21.62 23.57
CA GLY B 74 28.40 21.65 22.97
C GLY B 74 28.45 22.50 21.71
N VAL B 75 27.35 22.51 20.95
CA VAL B 75 27.27 23.29 19.73
C VAL B 75 27.25 24.78 20.06
N MET B 76 26.50 25.19 21.10
CA MET B 76 26.58 26.57 21.55
C MET B 76 27.99 26.93 22.01
N ALA B 77 28.61 26.06 22.82
CA ALA B 77 29.98 26.33 23.27
C ALA B 77 30.91 26.62 22.10
N ARG B 78 30.78 25.83 21.04
CA ARG B 78 31.69 25.99 19.91
C ARG B 78 31.43 27.30 19.19
N ARG B 79 30.16 27.70 19.07
CA ARG B 79 29.83 28.99 18.48
C ARG B 79 30.31 30.14 19.36
N PHE B 80 30.24 29.98 20.70
CA PHE B 80 30.76 31.01 21.59
C PHE B 80 32.28 31.12 21.45
N GLN B 81 32.97 30.00 21.26
CA GLN B 81 34.41 30.08 21.15
C GLN B 81 34.84 30.75 19.87
N GLY B 82 33.95 30.83 18.87
CA GLY B 82 34.16 31.66 17.70
C GLY B 82 34.02 33.15 17.92
N GLN B 83 33.54 33.56 19.09
CA GLN B 83 33.40 34.96 19.40
C GLN B 83 34.53 35.41 20.33
N ASP B 84 35.05 36.62 20.06
CA ASP B 84 36.13 37.16 20.87
C ASP B 84 35.70 37.41 22.30
N ALA B 85 34.50 37.97 22.48
CA ALA B 85 34.00 38.33 23.81
C ALA B 85 32.49 38.12 23.82
N PRO B 86 32.05 36.89 24.04
CA PRO B 86 30.61 36.63 24.11
C PRO B 86 29.91 37.59 25.05
N ASP B 87 28.74 38.05 24.61
CA ASP B 87 27.93 38.95 25.43
C ASP B 87 27.57 38.28 26.75
N HIS B 88 27.77 39.00 27.85
CA HIS B 88 27.48 38.43 29.16
C HIS B 88 26.02 38.00 29.30
N GLU B 89 25.08 38.67 28.63
CA GLU B 89 23.68 38.24 28.72
C GLU B 89 23.48 36.86 28.11
N LEU B 90 24.23 36.52 27.07
CA LEU B 90 24.13 35.16 26.55
C LEU B 90 24.85 34.15 27.45
N LEU B 91 25.98 34.55 28.04
CA LEU B 91 26.71 33.63 28.92
C LEU B 91 25.86 33.22 30.11
N ALA B 92 25.07 34.16 30.65
CA ALA B 92 24.19 33.84 31.78
C ALA B 92 23.17 32.77 31.39
N ALA B 93 22.55 32.94 30.22
CA ALA B 93 21.58 31.95 29.77
C ALA B 93 22.26 30.63 29.42
N PHE B 94 23.48 30.71 28.89
CA PHE B 94 24.24 29.50 28.63
C PHE B 94 24.53 28.75 29.93
N GLN B 95 24.84 29.49 30.99
CA GLN B 95 24.96 28.87 32.31
C GLN B 95 23.66 28.18 32.72
N THR B 96 22.52 28.83 32.46
CA THR B 96 21.25 28.17 32.79
C THR B 96 21.12 26.82 32.08
N VAL B 97 21.50 26.75 30.79
CA VAL B 97 21.48 25.45 30.09
C VAL B 97 22.33 24.42 30.83
N TYR B 98 23.58 24.80 31.17
CA TYR B 98 24.45 23.85 31.87
C TYR B 98 23.84 23.41 33.19
N GLN B 99 23.29 24.36 33.95
CA GLN B 99 22.72 24.03 35.25
C GLN B 99 21.50 23.12 35.11
N VAL B 100 20.58 23.45 34.21
CA VAL B 100 19.32 22.72 34.15
C VAL B 100 19.54 21.28 33.68
N ILE B 101 20.19 21.11 32.53
CA ILE B 101 20.33 19.76 31.98
C ILE B 101 21.27 18.93 32.84
N GLY B 102 22.16 19.57 33.61
CA GLY B 102 23.06 18.86 34.50
C GLY B 102 22.36 18.05 35.57
N ASP B 103 21.14 18.43 35.94
CA ASP B 103 20.40 17.67 36.94
C ASP B 103 20.10 16.25 36.44
N ASP B 104 19.81 16.11 35.13
CA ASP B 104 19.57 14.78 34.56
C ASP B 104 20.82 13.92 34.60
N LEU B 105 21.98 14.56 34.62
CA LEU B 105 23.25 13.85 34.61
C LEU B 105 23.87 13.73 36.00
N ASP B 106 23.55 14.64 36.94
CA ASP B 106 24.28 14.74 38.19
C ASP B 106 23.44 15.01 39.42
N ASN B 107 22.14 15.28 39.28
CA ASN B 107 21.25 15.42 40.43
C ASN B 107 21.76 16.50 41.41
N ALA B 108 22.10 17.67 40.84
CA ALA B 108 22.60 18.78 41.65
C ALA B 108 21.53 19.35 42.57
N ALA B 109 20.28 19.39 42.12
CA ALA B 109 19.23 20.07 42.87
C ALA B 109 18.87 19.30 44.14
N PRO B 110 18.64 20.02 45.23
CA PRO B 110 18.35 19.39 46.55
C PRO B 110 17.27 18.31 46.49
N ALA B 111 16.19 18.53 45.73
CA ALA B 111 15.15 17.51 45.61
C ALA B 111 15.73 16.21 45.06
N PHE B 112 16.61 16.31 44.08
CA PHE B 112 17.26 15.13 43.54
C PHE B 112 18.36 14.65 44.47
N ARG B 113 19.05 15.60 45.11
CA ARG B 113 20.22 15.26 45.92
C ARG B 113 19.88 14.29 47.04
N GLU B 114 18.73 14.49 47.69
CA GLU B 114 18.43 13.69 48.86
C GLU B 114 17.99 12.27 48.55
N VAL B 115 17.69 11.95 47.28
CA VAL B 115 17.08 10.65 46.97
C VAL B 115 17.77 9.95 45.81
N ALA B 116 18.41 10.70 44.91
CA ALA B 116 18.87 10.06 43.69
C ALA B 116 20.09 9.19 43.97
N PRO B 117 20.21 8.04 43.31
CA PRO B 117 21.41 7.23 43.45
C PRO B 117 22.66 7.98 43.02
N ARG B 118 23.80 7.54 43.54
CA ARG B 118 25.08 8.12 43.23
C ARG B 118 25.67 7.52 41.96
N GLY B 119 26.44 8.33 41.24
CA GLY B 119 27.14 7.86 40.06
C GLY B 119 26.21 7.66 38.88
N PRO B 120 26.64 6.86 37.90
CA PRO B 120 25.85 6.69 36.68
C PRO B 120 24.48 6.05 36.92
N ALA B 121 24.28 5.36 38.04
CA ALA B 121 22.94 4.87 38.39
C ALA B 121 21.96 6.00 38.67
N GLY B 122 22.45 7.21 38.93
CA GLY B 122 21.57 8.35 39.11
C GLY B 122 21.19 9.08 37.84
N ILE B 123 21.89 8.84 36.74
CA ILE B 123 21.46 9.41 35.46
C ILE B 123 19.99 9.11 35.26
N HIS B 124 19.23 10.14 34.89
CA HIS B 124 17.78 10.03 35.02
C HIS B 124 17.19 8.91 34.18
N TYR B 125 17.76 8.61 33.01
CA TYR B 125 17.15 7.50 32.26
C TYR B 125 17.62 6.15 32.81
N VAL B 126 18.82 6.06 33.38
CA VAL B 126 19.26 4.83 34.04
C VAL B 126 18.46 4.61 35.31
N TRP B 127 18.37 5.65 36.13
CA TRP B 127 17.52 5.64 37.31
C TRP B 127 16.08 5.26 36.97
N TRP B 128 15.54 5.85 35.90
CA TRP B 128 14.21 5.44 35.43
C TRP B 128 14.20 3.97 35.04
N GLU B 129 15.24 3.52 34.35
CA GLU B 129 15.35 2.10 33.98
C GLU B 129 15.31 1.19 35.21
N ASP B 130 16.07 1.54 36.24
CA ASP B 130 16.23 0.66 37.39
C ASP B 130 14.99 0.62 38.27
N THR B 131 14.32 1.75 38.49
CA THR B 131 13.28 1.81 39.52
C THR B 131 11.85 1.82 39.01
N VAL B 132 11.61 2.05 37.72
CA VAL B 132 10.26 2.07 37.16
C VAL B 132 10.06 0.99 36.11
N LEU B 133 10.93 0.96 35.10
CA LEU B 133 10.76 0.04 33.97
C LEU B 133 10.90 -1.41 34.41
N LYS B 134 12.06 -1.76 34.95
CA LYS B 134 12.39 -3.16 35.28
C LYS B 134 11.49 -3.74 36.37
N PRO B 135 11.14 -2.97 37.41
CA PRO B 135 10.09 -3.46 38.33
C PRO B 135 8.77 -3.75 37.62
N VAL B 136 8.35 -2.91 36.68
CA VAL B 136 7.12 -3.19 35.94
C VAL B 136 7.31 -4.39 35.02
N ALA B 137 8.48 -4.49 34.39
CA ALA B 137 8.71 -5.57 33.43
C ALA B 137 8.64 -6.95 34.10
N ALA B 138 8.91 -7.01 35.41
CA ALA B 138 8.84 -8.29 36.12
C ALA B 138 7.45 -8.92 36.00
N HIS B 139 6.41 -8.09 35.96
CA HIS B 139 5.02 -8.53 35.93
C HIS B 139 4.45 -8.66 34.53
N VAL B 140 5.29 -8.81 33.51
CA VAL B 140 4.84 -8.88 32.12
C VAL B 140 5.52 -10.08 31.46
N ALA B 141 4.72 -10.96 30.84
CA ALA B 141 5.25 -12.14 30.19
C ALA B 141 6.21 -11.77 29.06
N GLU B 142 7.13 -12.70 28.75
CA GLU B 142 8.20 -12.35 27.82
C GLU B 142 7.68 -11.97 26.43
N GLU B 143 6.55 -12.57 25.99
CA GLU B 143 6.00 -12.21 24.69
C GLU B 143 5.55 -10.75 24.68
N ASP B 144 4.99 -10.30 25.79
CA ASP B 144 4.45 -8.96 25.86
C ASP B 144 5.53 -7.93 26.19
N ARG B 145 6.65 -8.37 26.76
CA ARG B 145 7.78 -7.47 26.96
C ARG B 145 8.31 -6.96 25.62
N GLN B 146 8.41 -7.84 24.63
CA GLN B 146 8.91 -7.41 23.33
C GLN B 146 7.93 -6.48 22.64
N SER B 147 6.64 -6.77 22.76
CA SER B 147 5.63 -5.88 22.16
C SER B 147 5.65 -4.51 22.81
N ALA B 148 5.94 -4.46 24.12
CA ALA B 148 5.95 -3.18 24.83
C ALA B 148 7.11 -2.30 24.39
N ALA B 149 8.25 -2.89 24.02
CA ALA B 149 9.41 -2.08 23.68
C ALA B 149 9.35 -1.54 22.26
N VAL B 150 8.35 -1.93 21.47
CA VAL B 150 8.22 -1.43 20.11
C VAL B 150 7.71 0.00 20.18
N LEU B 151 8.55 0.95 19.77
CA LEU B 151 8.19 2.36 19.87
C LEU B 151 7.24 2.76 18.73
N PRO B 152 6.19 3.51 19.05
CA PRO B 152 5.29 4.00 18.00
C PRO B 152 5.92 5.07 17.13
N ARG B 153 5.30 5.24 15.95
CA ARG B 153 5.80 6.19 14.95
C ARG B 153 5.94 7.60 15.52
N ALA B 154 4.97 8.05 16.31
CA ALA B 154 5.07 9.39 16.87
C ALA B 154 6.26 9.53 17.81
N VAL B 155 6.57 8.48 18.57
CA VAL B 155 7.75 8.55 19.43
C VAL B 155 9.01 8.59 18.58
N THR B 156 9.11 7.72 17.57
CA THR B 156 10.31 7.75 16.72
C THR B 156 10.46 9.09 16.00
N GLY B 157 9.35 9.71 15.61
CA GLY B 157 9.46 11.01 14.97
C GLY B 157 9.99 12.07 15.92
N LEU B 158 9.62 11.97 17.21
CA LEU B 158 10.18 12.87 18.20
C LEU B 158 11.66 12.65 18.36
N LEU B 159 12.09 11.38 18.41
CA LEU B 159 13.51 11.08 18.57
C LEU B 159 14.30 11.63 17.39
N ASP B 160 13.76 11.47 16.19
CA ASP B 160 14.41 12.05 15.02
C ASP B 160 14.47 13.58 15.13
N SER B 161 13.41 14.20 15.64
CA SER B 161 13.43 15.64 15.90
C SER B 161 14.56 16.03 16.88
N MET B 162 14.75 15.24 17.94
CA MET B 162 15.82 15.55 18.89
C MET B 162 17.20 15.43 18.24
N ASP B 163 17.42 14.41 17.38
CA ASP B 163 18.68 14.29 16.68
C ASP B 163 18.95 15.51 15.79
N ARG B 164 17.90 16.05 15.17
CA ARG B 164 18.11 17.27 14.37
C ARG B 164 18.53 18.43 15.27
N LEU B 165 17.84 18.60 16.40
CA LEU B 165 18.17 19.69 17.30
C LEU B 165 19.52 19.48 17.99
N ALA B 166 20.02 18.24 18.00
CA ALA B 166 21.31 17.94 18.62
C ALA B 166 22.44 18.75 18.02
N THR B 167 22.30 19.17 16.76
CA THR B 167 23.33 19.93 16.06
C THR B 167 22.90 21.35 15.70
N HIS B 168 21.75 21.79 16.18
CA HIS B 168 21.14 23.09 15.88
C HIS B 168 21.65 24.14 16.87
N PRO B 169 22.06 25.32 16.42
CA PRO B 169 22.68 26.27 17.34
C PRO B 169 21.74 26.74 18.45
N LEU B 170 20.43 26.71 18.25
CA LEU B 170 19.49 26.99 19.32
C LEU B 170 18.84 25.73 19.88
N GLY B 171 19.31 24.55 19.47
CA GLY B 171 18.58 23.32 19.78
C GLY B 171 18.46 23.03 21.27
N ALA B 172 19.55 23.21 22.03
CA ALA B 172 19.45 22.98 23.47
C ALA B 172 18.47 23.94 24.10
N ALA B 173 18.46 25.20 23.63
CA ALA B 173 17.54 26.18 24.19
C ALA B 173 16.09 25.83 23.83
N VAL B 174 15.86 25.36 22.60
CA VAL B 174 14.52 24.92 22.21
C VAL B 174 14.06 23.77 23.09
N GLN B 175 14.90 22.76 23.25
CA GLN B 175 14.46 21.55 23.96
C GLN B 175 14.16 21.86 25.43
N LEU B 176 15.07 22.58 26.10
CA LEU B 176 14.88 22.90 27.52
C LEU B 176 13.65 23.79 27.72
N ARG B 177 13.46 24.76 26.82
CA ARG B 177 12.33 25.67 26.97
C ARG B 177 11.00 24.92 26.88
N VAL B 178 10.94 23.92 26.00
CA VAL B 178 9.68 23.19 25.88
C VAL B 178 9.55 22.10 26.95
N VAL B 179 10.58 21.27 27.14
CA VAL B 179 10.42 20.10 28.00
C VAL B 179 10.28 20.49 29.47
N GLU B 180 11.09 21.44 29.94
CA GLU B 180 10.97 21.80 31.34
C GLU B 180 9.64 22.51 31.62
N ASP B 181 9.00 23.11 30.62
CA ASP B 181 7.70 23.70 30.82
C ASP B 181 6.64 22.63 31.05
N ILE B 182 6.77 21.47 30.40
CA ILE B 182 5.76 20.43 30.45
C ILE B 182 6.13 19.30 31.40
N ALA B 183 7.30 19.38 32.07
CA ALA B 183 7.83 18.21 32.77
C ALA B 183 6.99 17.85 33.99
N LEU B 184 6.46 18.86 34.69
CA LEU B 184 5.69 18.62 35.91
C LEU B 184 4.43 17.82 35.61
N ASP B 185 3.68 18.23 34.59
CA ASP B 185 2.47 17.51 34.21
C ASP B 185 2.80 16.09 33.77
N ILE B 186 3.94 15.90 33.09
CA ILE B 186 4.36 14.55 32.74
C ILE B 186 4.60 13.73 34.01
N ALA B 187 5.37 14.30 34.94
CA ALA B 187 5.68 13.58 36.17
C ALA B 187 4.43 13.27 36.97
N VAL B 188 3.51 14.25 37.06
CA VAL B 188 2.22 13.98 37.72
C VAL B 188 1.48 12.86 36.98
N GLY B 189 1.54 12.85 35.64
CA GLY B 189 0.96 11.73 34.90
C GLY B 189 1.58 10.41 35.29
N PHE B 190 2.91 10.35 35.36
CA PHE B 190 3.56 9.13 35.82
C PHE B 190 3.14 8.80 37.26
N ARG B 191 3.04 9.80 38.14
CA ARG B 191 2.66 9.53 39.53
C ARG B 191 1.30 8.89 39.59
N ARG B 192 0.37 9.37 38.78
CA ARG B 192 -0.99 8.84 38.82
C ARG B 192 -1.03 7.43 38.25
N LEU B 193 -0.47 7.22 37.06
CA LEU B 193 -0.68 5.94 36.38
C LEU B 193 0.10 4.81 37.05
N TYR B 194 1.33 5.08 37.49
CA TYR B 194 2.14 4.01 38.06
C TYR B 194 1.70 3.64 39.48
N ALA B 195 0.79 4.41 40.07
CA ALA B 195 0.18 4.02 41.33
C ALA B 195 -1.11 3.22 41.13
N LYS B 196 -1.59 3.11 39.89
CA LYS B 196 -2.81 2.37 39.57
C LYS B 196 -2.53 1.12 38.74
N VAL B 197 -1.35 0.53 38.88
CA VAL B 197 -1.03 -0.67 38.11
C VAL B 197 -1.65 -1.86 38.83
N GLU B 198 -2.68 -2.44 38.21
CA GLU B 198 -3.38 -3.60 38.75
C GLU B 198 -2.59 -4.86 38.43
N VAL B 199 -2.09 -5.54 39.46
CA VAL B 199 -1.39 -6.81 39.33
C VAL B 199 -2.00 -7.81 40.29
N PRO B 200 -2.11 -9.10 39.92
CA PRO B 200 -2.83 -10.05 40.77
C PRO B 200 -2.11 -10.26 42.09
N GLY B 201 -2.82 -10.02 43.19
CA GLY B 201 -2.31 -10.31 44.51
C GLY B 201 -1.34 -9.28 45.05
N THR B 202 -0.21 -9.09 44.39
CA THR B 202 0.77 -8.14 44.88
C THR B 202 0.37 -6.70 44.50
N THR B 203 1.10 -5.74 45.06
CA THR B 203 0.91 -4.33 44.78
C THR B 203 2.18 -3.78 44.15
N LEU B 204 2.02 -2.73 43.35
CA LEU B 204 3.13 -2.13 42.62
C LEU B 204 3.29 -0.67 43.02
N PHE B 205 4.49 -0.31 43.44
CA PHE B 205 4.81 1.08 43.77
C PHE B 205 3.96 1.59 44.92
N ALA B 206 3.84 0.79 45.97
CA ALA B 206 3.05 1.16 47.14
C ALA B 206 3.93 1.62 48.30
N GLY B 207 5.20 1.23 48.32
CA GLY B 207 6.10 1.76 49.33
C GLY B 207 6.23 3.27 49.27
N ARG B 208 6.70 3.84 50.38
CA ARG B 208 6.81 5.31 50.45
C ARG B 208 7.77 5.85 49.41
N ASP B 209 8.91 5.17 49.20
CA ASP B 209 9.96 5.66 48.32
C ASP B 209 10.04 4.89 47.00
N ASP B 210 8.98 4.19 46.61
CA ASP B 210 9.05 3.38 45.40
C ASP B 210 9.01 4.22 44.12
N LEU B 211 8.47 5.43 44.19
CA LEU B 211 8.45 6.31 43.02
C LEU B 211 9.31 7.56 43.26
N ALA B 212 10.52 7.37 43.80
CA ALA B 212 11.37 8.52 44.14
C ALA B 212 11.77 9.30 42.90
N TRP B 213 11.97 8.61 41.78
CA TRP B 213 12.19 9.28 40.50
C TRP B 213 11.08 10.28 40.24
N VAL B 214 9.83 9.83 40.37
CA VAL B 214 8.68 10.68 40.06
C VAL B 214 8.53 11.76 41.12
N ASP B 215 8.58 11.38 42.40
CA ASP B 215 8.33 12.36 43.46
C ASP B 215 9.39 13.45 43.46
N SER B 216 10.66 13.09 43.30
CA SER B 216 11.70 14.12 43.27
C SER B 216 11.51 15.06 42.09
N HIS B 217 11.10 14.50 40.93
CA HIS B 217 10.85 15.36 39.78
C HIS B 217 9.69 16.30 40.02
N ILE B 218 8.64 15.83 40.70
CA ILE B 218 7.48 16.68 40.91
C ILE B 218 7.85 17.86 41.81
N LYS B 219 8.85 17.68 42.68
CA LYS B 219 9.29 18.78 43.53
C LYS B 219 10.26 19.71 42.81
N ALA B 220 11.06 19.18 41.89
CA ALA B 220 12.13 19.95 41.26
C ALA B 220 11.71 20.71 40.01
N GLU B 221 10.65 20.27 39.30
CA GLU B 221 10.40 20.79 37.96
C GLU B 221 9.80 22.18 37.94
N THR B 222 9.16 22.62 39.03
CA THR B 222 8.68 23.99 39.05
C THR B 222 9.85 24.98 38.96
N MET B 223 10.93 24.70 39.69
CA MET B 223 12.14 25.51 39.56
C MET B 223 12.68 25.47 38.12
N HIS B 224 12.77 24.26 37.55
CA HIS B 224 13.26 24.10 36.18
C HIS B 224 12.44 24.93 35.20
N ALA B 225 11.12 24.85 35.27
CA ALA B 225 10.29 25.67 34.39
C ALA B 225 10.58 27.15 34.61
N ALA B 226 10.77 27.56 35.86
CA ALA B 226 11.06 28.97 36.12
C ALA B 226 12.40 29.37 35.49
N GLN B 227 13.41 28.51 35.61
CA GLN B 227 14.72 28.81 35.04
C GLN B 227 14.64 28.99 33.52
N VAL B 228 14.03 28.04 32.81
CA VAL B 228 14.09 28.09 31.35
C VAL B 228 13.24 29.22 30.76
N SER B 229 12.22 29.69 31.47
CA SER B 229 11.37 30.76 30.94
C SER B 229 11.64 32.11 31.59
N ASP B 230 12.63 32.21 32.47
CA ASP B 230 13.08 33.48 33.03
C ASP B 230 13.36 34.52 31.94
N GLU B 231 12.92 35.77 32.19
CA GLU B 231 13.06 36.81 31.17
C GLU B 231 14.48 37.34 31.07
N ASP B 232 15.32 37.09 32.06
CA ASP B 232 16.71 37.56 32.06
C ASP B 232 17.71 36.47 31.74
N THR B 233 17.61 35.30 32.39
CA THR B 233 18.60 34.24 32.20
C THR B 233 18.00 32.95 31.64
N GLY B 234 16.83 33.05 30.98
CA GLY B 234 16.17 31.88 30.43
C GLY B 234 16.53 31.65 28.97
N MET B 235 15.86 30.66 28.39
CA MET B 235 16.29 30.12 27.11
C MET B 235 16.11 31.11 25.97
N THR B 236 15.07 31.94 26.00
CA THR B 236 14.87 32.90 24.91
C THR B 236 15.92 34.00 24.89
N ARG B 237 16.67 34.17 25.98
CA ARG B 237 17.78 35.11 25.97
C ARG B 237 19.02 34.59 25.24
N LEU B 238 19.01 33.35 24.74
CA LEU B 238 20.08 32.91 23.85
C LEU B 238 19.78 33.27 22.40
N VAL B 239 18.63 33.89 22.13
CA VAL B 239 18.31 34.37 20.79
C VAL B 239 18.90 35.77 20.62
N ALA B 240 19.94 35.89 19.80
CA ALA B 240 20.69 37.14 19.72
C ALA B 240 19.97 38.20 18.90
N ASP B 241 19.32 37.84 17.79
CA ASP B 241 18.75 38.81 16.85
C ASP B 241 17.41 38.33 16.31
N ARG B 242 16.83 39.12 15.40
CA ARG B 242 15.48 38.87 14.88
C ARG B 242 15.40 37.61 14.04
N GLU B 243 16.45 37.29 13.28
CA GLU B 243 16.43 36.08 12.46
C GLU B 243 16.39 34.82 13.32
N GLN B 244 17.18 34.81 14.40
CA GLN B 244 17.15 33.67 15.31
C GLN B 244 15.81 33.56 16.00
N ALA B 245 15.17 34.70 16.30
CA ALA B 245 13.85 34.71 16.90
C ALA B 245 12.85 33.93 16.07
N GLU B 246 12.84 34.17 14.76
CA GLU B 246 11.96 33.42 13.87
C GLU B 246 12.35 31.94 13.85
N GLU B 247 13.65 31.66 13.74
CA GLU B 247 14.12 30.28 13.72
C GLU B 247 13.78 29.55 15.03
N PHE B 248 13.92 30.25 16.17
CA PHE B 248 13.54 29.67 17.46
C PHE B 248 12.08 29.30 17.50
N LEU B 249 11.22 30.16 16.94
CA LEU B 249 9.78 29.90 17.02
C LEU B 249 9.34 28.76 16.11
N THR B 250 9.96 28.61 14.94
CA THR B 250 9.55 27.49 14.11
C THR B 250 10.14 26.17 14.61
N ALA B 251 11.32 26.20 15.23
CA ALA B 251 11.81 24.98 15.90
C ALA B 251 10.89 24.60 17.06
N VAL B 252 10.54 25.55 17.92
CA VAL B 252 9.58 25.30 19.00
C VAL B 252 8.29 24.70 18.46
N ARG B 253 7.74 25.31 17.40
CA ARG B 253 6.49 24.82 16.83
C ARG B 253 6.61 23.36 16.41
N GLU B 254 7.65 23.04 15.64
CA GLU B 254 7.83 21.66 15.18
C GLU B 254 8.15 20.73 16.35
N TYR B 255 9.02 21.18 17.27
CA TYR B 255 9.43 20.32 18.38
C TYR B 255 8.24 20.01 19.29
N ALA B 256 7.49 21.05 19.64
CA ALA B 256 6.34 20.85 20.52
C ALA B 256 5.29 19.96 19.88
N ALA B 257 5.14 20.04 18.55
CA ALA B 257 4.22 19.13 17.87
C ALA B 257 4.64 17.67 18.04
N HIS B 258 5.93 17.39 17.86
CA HIS B 258 6.40 16.01 18.05
C HIS B 258 6.20 15.54 19.50
N TRP B 259 6.58 16.38 20.48
CA TRP B 259 6.33 16.02 21.87
C TRP B 259 4.87 15.69 22.12
N SER B 260 3.97 16.55 21.61
CA SER B 260 2.54 16.34 21.84
C SER B 260 2.06 15.03 21.23
N ALA B 261 2.45 14.76 19.98
CA ALA B 261 2.06 13.50 19.35
C ALA B 261 2.65 12.30 20.10
N ALA B 262 3.92 12.38 20.53
CA ALA B 262 4.50 11.29 21.31
C ALA B 262 3.71 11.02 22.57
N LEU B 263 3.36 12.09 23.31
CA LEU B 263 2.58 11.94 24.54
C LEU B 263 1.18 11.39 24.27
N GLU B 264 0.61 11.68 23.10
CA GLU B 264 -0.72 11.15 22.82
C GLU B 264 -0.70 9.61 22.76
N THR B 265 0.40 9.03 22.26
CA THR B 265 0.52 7.57 22.25
C THR B 265 0.53 6.99 23.65
N TYR B 266 0.99 7.76 24.65
CA TYR B 266 0.90 7.28 26.03
C TYR B 266 -0.55 7.06 26.40
N ALA B 267 -1.40 8.05 26.08
CA ALA B 267 -2.83 7.92 26.34
C ALA B 267 -3.40 6.71 25.62
N GLN B 268 -2.96 6.47 24.38
CA GLN B 268 -3.45 5.32 23.63
C GLN B 268 -3.07 4.02 24.32
N ALA B 269 -1.86 3.93 24.87
CA ALA B 269 -1.46 2.70 25.55
C ALA B 269 -2.32 2.47 26.79
N LEU B 270 -2.70 3.56 27.48
CA LEU B 270 -3.58 3.45 28.65
C LEU B 270 -4.97 2.93 28.26
N ARG B 271 -5.58 3.54 27.24
CA ARG B 271 -6.90 3.08 26.77
C ARG B 271 -6.85 1.65 26.24
N ASP B 272 -5.73 1.24 25.64
CA ASP B 272 -5.68 -0.09 25.05
C ASP B 272 -5.29 -1.18 26.03
N GLY B 273 -4.55 -0.85 27.08
CA GLY B 273 -4.04 -1.88 27.95
C GLY B 273 -2.79 -2.56 27.46
N HIS B 274 -2.18 -2.08 26.38
CA HIS B 274 -0.96 -2.65 25.82
C HIS B 274 -0.45 -1.70 24.74
N ALA B 275 0.78 -1.96 24.26
CA ALA B 275 1.37 -1.14 23.20
C ALA B 275 0.50 -1.14 21.93
N ALA C 7 36.61 -19.52 15.34
CA ALA C 7 36.86 -19.92 13.96
C ALA C 7 37.31 -21.38 13.90
N LEU C 8 37.34 -21.97 12.69
CA LEU C 8 37.69 -23.38 12.53
C LEU C 8 38.68 -23.57 11.38
N SER C 9 39.88 -24.03 11.72
CA SER C 9 40.98 -24.17 10.79
C SER C 9 40.65 -25.13 9.65
N ALA C 10 41.44 -25.03 8.57
CA ALA C 10 41.35 -25.99 7.48
C ALA C 10 41.66 -27.40 7.95
N ALA C 11 42.46 -27.52 9.00
CA ALA C 11 42.70 -28.82 9.61
C ALA C 11 41.55 -29.21 10.55
N GLU C 12 41.03 -28.25 11.33
CA GLU C 12 39.86 -28.51 12.16
C GLU C 12 38.66 -28.93 11.30
N GLN C 13 38.66 -28.55 10.01
CA GLN C 13 37.59 -28.95 9.09
C GLN C 13 37.71 -30.42 8.71
N GLN C 14 38.88 -30.81 8.18
CA GLN C 14 39.10 -32.20 7.78
C GLN C 14 38.80 -33.16 8.93
N ASP C 15 39.13 -32.74 10.14
CA ASP C 15 38.92 -33.63 11.28
C ASP C 15 37.43 -33.83 11.55
N LEU C 16 36.67 -32.74 11.59
CA LEU C 16 35.24 -32.86 11.87
C LEU C 16 34.55 -33.72 10.84
N ASP C 17 34.83 -33.48 9.55
CA ASP C 17 34.25 -34.30 8.49
C ASP C 17 34.59 -35.77 8.71
N ALA C 18 35.87 -36.06 8.98
CA ALA C 18 36.27 -37.43 9.25
C ALA C 18 35.47 -38.02 10.41
N ARG C 19 35.41 -37.30 11.53
CA ARG C 19 34.76 -37.87 12.71
C ARG C 19 33.28 -38.08 12.47
N VAL C 20 32.68 -37.25 11.61
CA VAL C 20 31.29 -37.44 11.21
C VAL C 20 31.11 -38.76 10.48
N GLY C 21 31.99 -39.02 9.51
CA GLY C 21 31.91 -40.24 8.76
C GLY C 21 32.09 -41.48 9.62
N LYS C 22 32.86 -41.36 10.71
CA LYS C 22 33.00 -42.54 11.55
C LYS C 22 31.76 -42.75 12.41
N GLU C 23 31.05 -41.67 12.77
CA GLU C 23 29.78 -41.83 13.48
C GLU C 23 28.77 -42.56 12.61
N ILE C 24 28.74 -42.24 11.32
CA ILE C 24 27.78 -42.89 10.42
C ILE C 24 28.19 -44.34 10.20
N ASP C 25 29.50 -44.61 10.14
CA ASP C 25 29.98 -46.00 10.18
C ASP C 25 29.53 -46.70 11.46
N ALA C 26 29.71 -46.04 12.60
CA ALA C 26 29.35 -46.64 13.89
C ALA C 26 27.86 -46.94 13.99
N ALA C 27 27.03 -46.18 13.27
CA ALA C 27 25.58 -46.37 13.31
C ALA C 27 25.11 -47.53 12.45
N ARG C 28 26.01 -48.21 11.74
CA ARG C 28 25.61 -49.33 10.89
C ARG C 28 24.64 -48.87 9.80
N LEU C 29 24.93 -47.69 9.24
CA LEU C 29 24.15 -47.11 8.15
C LEU C 29 24.79 -47.35 6.78
N ARG C 30 26.04 -47.80 6.74
CA ARG C 30 26.68 -48.01 5.45
C ARG C 30 26.04 -49.18 4.74
N ARG C 31 26.31 -49.27 3.43
CA ARG C 31 25.60 -50.18 2.56
C ARG C 31 25.59 -51.63 3.08
N ALA C 32 26.73 -52.13 3.51
CA ALA C 32 26.86 -53.54 3.86
C ALA C 32 26.61 -53.81 5.33
N ASP C 33 26.15 -52.81 6.09
CA ASP C 33 25.92 -52.98 7.51
C ASP C 33 24.46 -52.87 7.93
N ASN C 34 23.61 -52.18 7.15
CA ASN C 34 22.24 -51.95 7.60
C ASN C 34 21.33 -53.06 7.10
N ALA C 35 20.46 -53.55 7.99
CA ALA C 35 19.65 -54.72 7.68
C ALA C 35 18.74 -54.48 6.48
N PHE C 36 18.21 -53.27 6.34
CA PHE C 36 17.25 -53.01 5.27
C PHE C 36 17.88 -53.22 3.90
N PHE C 37 19.08 -52.69 3.68
CA PHE C 37 19.68 -52.81 2.35
C PHE C 37 19.89 -54.27 1.97
N GLY C 38 20.44 -55.06 2.89
CA GLY C 38 20.58 -56.50 2.64
C GLY C 38 19.24 -57.19 2.43
N GLU C 39 18.30 -56.96 3.34
CA GLU C 39 17.00 -57.64 3.24
C GLU C 39 16.30 -57.31 1.93
N ALA C 40 16.36 -56.05 1.49
CA ALA C 40 15.77 -55.70 0.21
C ALA C 40 16.52 -56.36 -0.95
N ARG C 41 17.83 -56.56 -0.79
CA ARG C 41 18.60 -57.25 -1.83
C ARG C 41 18.34 -58.76 -1.78
N LYS C 42 18.38 -59.35 -0.57
CA LYS C 42 18.24 -60.79 -0.40
C LYS C 42 16.81 -61.30 -0.63
N ALA C 43 15.80 -60.45 -0.49
CA ALA C 43 14.42 -60.90 -0.61
C ALA C 43 14.16 -61.53 -1.98
N GLU C 44 13.42 -62.64 -1.98
CA GLU C 44 13.00 -63.26 -3.23
C GLU C 44 11.74 -62.61 -3.76
N SER C 45 10.75 -62.38 -2.89
CA SER C 45 9.51 -61.72 -3.25
C SER C 45 9.00 -60.96 -2.04
N VAL C 46 8.07 -60.06 -2.28
CA VAL C 46 7.60 -59.12 -1.26
C VAL C 46 6.09 -59.03 -1.31
N THR C 47 5.44 -59.18 -0.14
CA THR C 47 4.01 -59.03 -0.08
C THR C 47 3.61 -57.57 -0.27
N PRO C 48 2.44 -57.31 -0.84
CA PRO C 48 1.94 -55.94 -0.88
C PRO C 48 1.72 -55.34 0.50
N GLU C 49 1.31 -56.15 1.47
CA GLU C 49 1.17 -55.65 2.84
C GLU C 49 2.50 -55.12 3.37
N ALA C 50 3.60 -55.84 3.11
CA ALA C 50 4.91 -55.38 3.56
C ALA C 50 5.35 -54.16 2.78
N ALA C 51 5.15 -54.16 1.46
CA ALA C 51 5.48 -53.00 0.66
C ALA C 51 4.66 -51.79 1.07
N LEU C 52 3.39 -52.00 1.45
CA LEU C 52 2.57 -50.86 1.86
C LEU C 52 3.05 -50.30 3.20
N ALA C 53 3.42 -51.17 4.15
CA ALA C 53 3.89 -50.66 5.44
C ALA C 53 5.15 -49.81 5.26
N ILE C 54 6.08 -50.27 4.41
CA ILE C 54 7.30 -49.51 4.12
C ILE C 54 6.96 -48.18 3.47
N ALA C 55 5.96 -48.19 2.57
CA ALA C 55 5.61 -46.96 1.87
C ALA C 55 5.02 -45.93 2.83
N HIS C 56 4.18 -46.35 3.78
CA HIS C 56 3.67 -45.40 4.79
C HIS C 56 4.79 -44.87 5.67
N ARG C 57 5.72 -45.74 6.08
CA ARG C 57 6.81 -45.27 6.93
C ARG C 57 7.71 -44.30 6.19
N TRP C 58 8.01 -44.59 4.91
CA TRP C 58 8.80 -43.67 4.12
C TRP C 58 8.06 -42.38 3.88
N ARG C 59 6.76 -42.47 3.59
CA ARG C 59 5.94 -41.26 3.47
C ARG C 59 6.10 -40.38 4.70
N ALA C 60 5.96 -40.98 5.89
CA ALA C 60 6.05 -40.19 7.11
C ALA C 60 7.47 -39.65 7.32
N MET C 61 8.46 -40.50 7.08
CA MET C 61 9.82 -40.12 7.36
C MET C 61 10.29 -39.02 6.40
N THR C 62 9.97 -39.16 5.11
CA THR C 62 10.51 -38.21 4.14
C THR C 62 9.75 -36.88 4.17
N LYS C 63 8.44 -36.91 4.39
CA LYS C 63 7.73 -35.64 4.61
C LYS C 63 8.35 -34.90 5.80
N ALA C 64 8.59 -35.62 6.90
CA ALA C 64 9.10 -34.95 8.08
C ALA C 64 10.53 -34.46 7.86
N PHE C 65 11.36 -35.26 7.16
CA PHE C 65 12.71 -34.81 6.82
C PHE C 65 12.67 -33.50 6.08
N MET C 66 11.86 -33.43 5.01
CA MET C 66 11.80 -32.19 4.24
C MET C 66 11.37 -31.00 5.10
N PHE C 67 10.22 -31.11 5.78
CA PHE C 67 9.71 -29.93 6.47
C PHE C 67 10.61 -29.55 7.66
N THR C 68 11.12 -30.52 8.42
CA THR C 68 11.96 -30.11 9.55
C THR C 68 13.33 -29.62 9.08
N THR C 69 13.83 -30.10 7.94
CA THR C 69 15.07 -29.50 7.41
C THR C 69 14.82 -28.07 6.94
N LEU C 70 13.72 -27.86 6.24
CA LEU C 70 13.31 -26.50 5.91
C LEU C 70 13.22 -25.61 7.16
N SER C 71 12.58 -26.12 8.22
CA SER C 71 12.52 -25.35 9.45
C SER C 71 13.92 -25.06 10.00
N GLY C 72 14.81 -26.06 9.96
CA GLY C 72 16.16 -25.81 10.41
C GLY C 72 16.87 -24.78 9.57
N LEU C 73 16.54 -24.72 8.27
CA LEU C 73 17.10 -23.71 7.39
C LEU C 73 16.71 -22.33 7.87
N GLY C 74 15.46 -22.17 8.31
CA GLY C 74 15.02 -20.88 8.80
C GLY C 74 15.70 -20.48 10.10
N VAL C 75 15.96 -21.45 10.97
CA VAL C 75 16.65 -21.15 12.22
C VAL C 75 18.07 -20.66 11.93
N MET C 76 18.77 -21.36 11.04
CA MET C 76 20.08 -20.90 10.60
C MET C 76 20.01 -19.48 10.06
N ALA C 77 19.01 -19.22 9.23
CA ALA C 77 18.86 -17.90 8.65
C ALA C 77 18.69 -16.84 9.74
N ARG C 78 17.93 -17.18 10.79
CA ARG C 78 17.74 -16.19 11.85
C ARG C 78 19.06 -15.96 12.58
N ARG C 79 19.86 -17.01 12.77
CA ARG C 79 21.18 -16.81 13.38
C ARG C 79 22.08 -15.95 12.49
N PHE C 80 22.10 -16.22 11.18
CA PHE C 80 22.90 -15.39 10.27
C PHE C 80 22.45 -13.94 10.31
N GLN C 81 21.13 -13.71 10.38
CA GLN C 81 20.65 -12.34 10.36
C GLN C 81 21.14 -11.58 11.59
N GLY C 82 21.33 -12.30 12.70
CA GLY C 82 21.87 -11.65 13.89
C GLY C 82 23.34 -11.27 13.79
N GLN C 83 24.05 -11.74 12.77
CA GLN C 83 25.46 -11.39 12.57
C GLN C 83 25.57 -10.23 11.60
N ASP C 84 26.48 -9.28 11.90
CA ASP C 84 26.68 -8.14 11.02
C ASP C 84 27.13 -8.58 9.63
N ALA C 85 28.06 -9.53 9.57
CA ALA C 85 28.71 -9.91 8.31
C ALA C 85 29.05 -11.37 8.37
N PRO C 86 28.06 -12.25 8.13
CA PRO C 86 28.33 -13.69 8.14
C PRO C 86 29.50 -14.02 7.24
N ASP C 87 30.32 -14.95 7.68
CA ASP C 87 31.47 -15.39 6.88
C ASP C 87 30.97 -16.00 5.57
N HIS C 88 31.60 -15.61 4.46
CA HIS C 88 31.18 -16.12 3.16
C HIS C 88 31.37 -17.62 3.03
N GLU C 89 32.31 -18.20 3.78
CA GLU C 89 32.45 -19.66 3.72
C GLU C 89 31.28 -20.35 4.40
N LEU C 90 30.75 -19.76 5.47
CA LEU C 90 29.49 -20.27 6.03
C LEU C 90 28.35 -20.10 5.04
N LEU C 91 28.34 -18.99 4.31
CA LEU C 91 27.22 -18.69 3.42
C LEU C 91 27.19 -19.63 2.22
N ALA C 92 28.36 -20.05 1.74
CA ALA C 92 28.45 -21.02 0.66
C ALA C 92 27.81 -22.34 1.06
N ALA C 93 28.08 -22.81 2.29
CA ALA C 93 27.44 -24.03 2.78
C ALA C 93 25.94 -23.82 2.97
N PHE C 94 25.54 -22.62 3.41
CA PHE C 94 24.12 -22.28 3.54
C PHE C 94 23.43 -22.34 2.19
N GLN C 95 24.12 -21.92 1.12
CA GLN C 95 23.58 -22.09 -0.22
C GLN C 95 23.36 -23.56 -0.55
N THR C 96 24.30 -24.43 -0.15
CA THR C 96 24.14 -25.85 -0.38
C THR C 96 22.87 -26.37 0.30
N VAL C 97 22.63 -25.99 1.56
CA VAL C 97 21.41 -26.41 2.26
C VAL C 97 20.19 -26.09 1.41
N TYR C 98 20.03 -24.81 1.04
CA TYR C 98 18.92 -24.40 0.19
C TYR C 98 18.86 -25.22 -1.10
N GLN C 99 20.03 -25.44 -1.72
CA GLN C 99 20.06 -26.17 -2.98
C GLN C 99 19.60 -27.61 -2.79
N VAL C 100 20.13 -28.28 -1.76
CA VAL C 100 19.91 -29.71 -1.63
C VAL C 100 18.47 -29.99 -1.20
N ILE C 101 17.99 -29.30 -0.16
CA ILE C 101 16.61 -29.61 0.26
C ILE C 101 15.58 -29.11 -0.75
N GLY C 102 15.93 -28.11 -1.57
CA GLY C 102 14.99 -27.61 -2.57
C GLY C 102 14.65 -28.63 -3.64
N ASP C 103 15.55 -29.59 -3.89
CA ASP C 103 15.23 -30.68 -4.80
C ASP C 103 14.00 -31.46 -4.33
N ASP C 104 13.87 -31.66 -3.01
CA ASP C 104 12.70 -32.36 -2.48
C ASP C 104 11.45 -31.53 -2.68
N LEU C 105 11.58 -30.21 -2.66
CA LEU C 105 10.44 -29.33 -2.77
C LEU C 105 10.11 -28.99 -4.21
N ASP C 106 11.12 -28.89 -5.10
CA ASP C 106 10.88 -28.36 -6.43
C ASP C 106 11.66 -29.04 -7.55
N ASN C 107 12.50 -30.03 -7.26
CA ASN C 107 13.16 -30.83 -8.31
C ASN C 107 14.01 -29.98 -9.25
N ALA C 108 14.93 -29.19 -8.69
CA ALA C 108 15.77 -28.35 -9.54
C ALA C 108 16.89 -29.15 -10.22
N ALA C 109 17.35 -30.25 -9.62
CA ALA C 109 18.44 -31.02 -10.19
C ALA C 109 18.02 -31.65 -11.52
N PRO C 110 18.93 -31.72 -12.49
CA PRO C 110 18.57 -32.25 -13.82
C PRO C 110 18.05 -33.68 -13.83
N ALA C 111 18.49 -34.52 -12.89
CA ALA C 111 17.94 -35.88 -12.81
C ALA C 111 16.48 -35.88 -12.39
N PHE C 112 15.99 -34.79 -11.82
CA PHE C 112 14.59 -34.66 -11.45
C PHE C 112 13.78 -33.87 -12.46
N ARG C 113 14.41 -32.95 -13.20
CA ARG C 113 13.67 -32.14 -14.16
C ARG C 113 13.16 -32.95 -15.35
N GLU C 114 13.73 -34.14 -15.59
CA GLU C 114 13.24 -34.98 -16.67
C GLU C 114 11.91 -35.62 -16.32
N VAL C 115 11.85 -36.31 -15.18
CA VAL C 115 10.75 -37.23 -14.90
C VAL C 115 9.80 -36.73 -13.81
N ALA C 116 10.19 -35.74 -13.00
CA ALA C 116 9.34 -35.33 -11.90
C ALA C 116 8.14 -34.52 -12.40
N PRO C 117 6.96 -34.73 -11.83
CA PRO C 117 5.81 -33.87 -12.16
C PRO C 117 6.08 -32.42 -11.75
N ARG C 118 5.29 -31.51 -12.32
CA ARG C 118 5.35 -30.09 -11.98
C ARG C 118 4.38 -29.78 -10.84
N GLY C 119 4.63 -28.67 -10.14
CA GLY C 119 3.80 -28.25 -9.04
C GLY C 119 3.98 -29.10 -7.79
N PRO C 120 2.98 -29.10 -6.91
CA PRO C 120 3.09 -29.89 -5.67
C PRO C 120 3.19 -31.39 -5.89
N ALA C 121 2.59 -31.92 -6.97
CA ALA C 121 2.76 -33.33 -7.29
C ALA C 121 4.22 -33.71 -7.42
N GLY C 122 5.10 -32.75 -7.70
CA GLY C 122 6.52 -33.03 -7.71
C GLY C 122 7.18 -33.06 -6.34
N ILE C 123 6.51 -32.56 -5.30
CA ILE C 123 7.07 -32.69 -3.95
C ILE C 123 7.26 -34.17 -3.65
N HIS C 124 8.44 -34.52 -3.11
CA HIS C 124 8.87 -35.92 -3.15
C HIS C 124 8.00 -36.82 -2.27
N TYR C 125 7.54 -36.34 -1.11
CA TYR C 125 6.62 -37.19 -0.36
C TYR C 125 5.28 -37.32 -1.07
N VAL C 126 4.86 -36.30 -1.81
CA VAL C 126 3.61 -36.37 -2.57
C VAL C 126 3.78 -37.28 -3.78
N TRP C 127 4.85 -37.06 -4.54
CA TRP C 127 5.23 -37.97 -5.61
C TRP C 127 5.23 -39.41 -5.12
N TRP C 128 5.82 -39.65 -3.94
CA TRP C 128 5.80 -40.99 -3.35
C TRP C 128 4.38 -41.49 -3.10
N GLU C 129 3.52 -40.64 -2.53
CA GLU C 129 2.12 -41.01 -2.32
C GLU C 129 1.49 -41.48 -3.62
N ASP C 130 1.71 -40.74 -4.71
CA ASP C 130 0.96 -40.92 -5.93
C ASP C 130 1.48 -42.11 -6.76
N THR C 131 2.79 -42.33 -6.76
CA THR C 131 3.37 -43.30 -7.67
C THR C 131 3.88 -44.56 -6.98
N VAL C 132 3.73 -44.67 -5.65
CA VAL C 132 4.21 -45.85 -4.94
C VAL C 132 3.15 -46.29 -3.96
N LEU C 133 2.89 -45.45 -2.96
CA LEU C 133 2.02 -45.84 -1.86
C LEU C 133 0.63 -46.27 -2.37
N LYS C 134 -0.07 -45.37 -3.02
CA LYS C 134 -1.48 -45.65 -3.35
C LYS C 134 -1.58 -46.78 -4.37
N PRO C 135 -0.77 -46.82 -5.42
CA PRO C 135 -0.78 -48.01 -6.29
C PRO C 135 -0.55 -49.33 -5.56
N VAL C 136 0.31 -49.36 -4.54
CA VAL C 136 0.47 -50.61 -3.80
C VAL C 136 -0.74 -50.83 -2.90
N ALA C 137 -1.33 -49.75 -2.39
CA ALA C 137 -2.49 -49.90 -1.52
C ALA C 137 -3.70 -50.47 -2.24
N ALA C 138 -3.79 -50.32 -3.57
CA ALA C 138 -4.94 -50.85 -4.28
C ALA C 138 -5.01 -52.37 -4.21
N HIS C 139 -3.87 -53.04 -4.03
CA HIS C 139 -3.78 -54.47 -3.90
C HIS C 139 -3.75 -54.96 -2.46
N VAL C 140 -4.30 -54.20 -1.54
CA VAL C 140 -4.28 -54.55 -0.13
C VAL C 140 -5.68 -54.34 0.43
N ALA C 141 -6.18 -55.33 1.17
CA ALA C 141 -7.50 -55.22 1.78
C ALA C 141 -7.53 -54.08 2.79
N GLU C 142 -8.74 -53.63 3.13
CA GLU C 142 -8.87 -52.42 3.96
C GLU C 142 -8.33 -52.63 5.37
N GLU C 143 -8.72 -53.75 6.02
CA GLU C 143 -8.19 -54.03 7.36
C GLU C 143 -6.67 -54.01 7.36
N ASP C 144 -6.06 -54.56 6.31
CA ASP C 144 -4.61 -54.58 6.24
C ASP C 144 -4.02 -53.23 5.89
N ARG C 145 -4.82 -52.31 5.33
CA ARG C 145 -4.35 -50.96 5.07
C ARG C 145 -4.12 -50.20 6.37
N GLN C 146 -5.15 -50.14 7.22
CA GLN C 146 -5.01 -49.46 8.50
C GLN C 146 -3.88 -50.06 9.33
N SER C 147 -3.71 -51.38 9.23
CA SER C 147 -2.59 -52.01 9.90
C SER C 147 -1.26 -51.49 9.36
N ALA C 148 -1.13 -51.39 8.03
CA ALA C 148 0.13 -50.96 7.42
C ALA C 148 0.46 -49.50 7.73
N ALA C 149 -0.53 -48.69 8.07
CA ALA C 149 -0.26 -47.30 8.39
C ALA C 149 0.26 -47.06 9.80
N VAL C 150 0.16 -48.04 10.71
CA VAL C 150 0.63 -47.82 12.09
C VAL C 150 2.16 -47.79 12.09
N LEU C 151 2.73 -46.67 12.53
CA LEU C 151 4.18 -46.53 12.43
C LEU C 151 4.85 -47.23 13.60
N PRO C 152 5.97 -47.92 13.37
CA PRO C 152 6.73 -48.48 14.50
C PRO C 152 7.30 -47.36 15.36
N ARG C 153 7.62 -47.74 16.61
CA ARG C 153 8.17 -46.79 17.57
C ARG C 153 9.53 -46.27 17.14
N ALA C 154 10.32 -47.11 16.46
CA ALA C 154 11.60 -46.66 15.93
C ALA C 154 11.42 -45.58 14.88
N VAL C 155 10.35 -45.67 14.07
CA VAL C 155 10.04 -44.62 13.08
C VAL C 155 9.54 -43.38 13.79
N THR C 156 8.62 -43.56 14.72
CA THR C 156 8.16 -42.44 15.52
C THR C 156 9.31 -41.79 16.30
N GLY C 157 10.26 -42.58 16.77
CA GLY C 157 11.40 -41.97 17.47
C GLY C 157 12.28 -41.12 16.56
N LEU C 158 12.42 -41.53 15.30
CA LEU C 158 13.13 -40.73 14.32
C LEU C 158 12.38 -39.43 14.05
N LEU C 159 11.05 -39.52 13.89
CA LEU C 159 10.22 -38.33 13.73
C LEU C 159 10.35 -37.37 14.91
N ASP C 160 10.39 -37.90 16.14
CA ASP C 160 10.66 -37.06 17.31
C ASP C 160 12.04 -36.43 17.23
N SER C 161 13.03 -37.17 16.74
CA SER C 161 14.36 -36.59 16.60
C SER C 161 14.33 -35.44 15.59
N MET C 162 13.64 -35.65 14.47
CA MET C 162 13.54 -34.60 13.43
C MET C 162 12.83 -33.37 13.96
N ASP C 163 11.77 -33.56 14.77
CA ASP C 163 11.07 -32.40 15.33
C ASP C 163 11.97 -31.58 16.23
N ARG C 164 12.88 -32.23 16.95
CA ARG C 164 13.81 -31.44 17.79
C ARG C 164 14.86 -30.73 16.93
N LEU C 165 15.38 -31.41 15.91
CA LEU C 165 16.32 -30.78 14.98
C LEU C 165 15.70 -29.65 14.17
N ALA C 166 14.37 -29.61 14.05
CA ALA C 166 13.70 -28.52 13.32
C ALA C 166 13.99 -27.16 13.91
N THR C 167 14.24 -27.07 15.22
CA THR C 167 14.55 -25.79 15.86
C THR C 167 15.99 -25.74 16.39
N HIS C 168 16.84 -26.64 15.96
CA HIS C 168 18.24 -26.63 16.37
C HIS C 168 19.05 -25.83 15.35
N PRO C 169 19.93 -24.94 15.79
CA PRO C 169 20.64 -24.07 14.83
C PRO C 169 21.55 -24.83 13.89
N LEU C 170 21.89 -26.07 14.21
CA LEU C 170 22.62 -26.94 13.29
C LEU C 170 21.74 -28.05 12.73
N GLY C 171 20.45 -28.03 13.03
CA GLY C 171 19.60 -29.18 12.72
C GLY C 171 19.56 -29.52 11.25
N ALA C 172 19.46 -28.49 10.39
CA ALA C 172 19.37 -28.76 8.96
C ALA C 172 20.65 -29.39 8.43
N ALA C 173 21.80 -28.90 8.92
CA ALA C 173 23.07 -29.44 8.48
C ALA C 173 23.22 -30.89 8.89
N VAL C 174 22.87 -31.19 10.14
CA VAL C 174 22.96 -32.56 10.63
C VAL C 174 22.11 -33.49 9.78
N GLN C 175 20.86 -33.08 9.52
CA GLN C 175 19.94 -33.97 8.80
C GLN C 175 20.45 -34.24 7.40
N LEU C 176 20.80 -33.18 6.66
CA LEU C 176 21.23 -33.37 5.28
C LEU C 176 22.52 -34.19 5.21
N ARG C 177 23.45 -33.95 6.14
CA ARG C 177 24.73 -34.65 6.11
C ARG C 177 24.55 -36.16 6.25
N VAL C 178 23.67 -36.58 7.17
CA VAL C 178 23.40 -37.99 7.34
C VAL C 178 22.51 -38.52 6.22
N VAL C 179 21.35 -37.89 5.98
CA VAL C 179 20.36 -38.48 5.07
C VAL C 179 20.89 -38.55 3.64
N GLU C 180 21.53 -37.47 3.15
CA GLU C 180 21.99 -37.54 1.76
C GLU C 180 23.14 -38.52 1.60
N ASP C 181 23.86 -38.84 2.67
CA ASP C 181 24.95 -39.83 2.62
C ASP C 181 24.41 -41.25 2.42
N ILE C 182 23.18 -41.52 2.91
CA ILE C 182 22.57 -42.85 2.84
C ILE C 182 21.47 -42.92 1.80
N ALA C 183 21.03 -41.79 1.24
CA ALA C 183 19.88 -41.77 0.34
C ALA C 183 20.05 -42.74 -0.83
N LEU C 184 21.25 -42.84 -1.39
CA LEU C 184 21.46 -43.75 -2.52
C LEU C 184 21.07 -45.18 -2.15
N ASP C 185 21.62 -45.67 -1.02
CA ASP C 185 21.35 -47.03 -0.60
C ASP C 185 19.88 -47.25 -0.29
N ILE C 186 19.21 -46.24 0.29
CA ILE C 186 17.77 -46.35 0.50
C ILE C 186 17.06 -46.47 -0.85
N ALA C 187 17.35 -45.55 -1.77
CA ALA C 187 16.66 -45.55 -3.05
C ALA C 187 16.88 -46.88 -3.80
N VAL C 188 18.09 -47.43 -3.69
CA VAL C 188 18.39 -48.71 -4.33
C VAL C 188 17.58 -49.83 -3.67
N GLY C 189 17.46 -49.79 -2.35
CA GLY C 189 16.60 -50.76 -1.67
C GLY C 189 15.16 -50.68 -2.13
N PHE C 190 14.66 -49.46 -2.35
CA PHE C 190 13.29 -49.31 -2.81
C PHE C 190 13.13 -49.88 -4.22
N ARG C 191 14.15 -49.70 -5.07
CA ARG C 191 14.05 -50.23 -6.43
C ARG C 191 13.97 -51.75 -6.42
N ARG C 192 14.84 -52.41 -5.64
CA ARG C 192 14.83 -53.86 -5.56
C ARG C 192 13.55 -54.39 -4.91
N LEU C 193 13.17 -53.81 -3.78
CA LEU C 193 11.98 -54.23 -3.04
C LEU C 193 10.71 -54.14 -3.88
N TYR C 194 10.41 -52.93 -4.39
CA TYR C 194 9.13 -52.73 -5.06
C TYR C 194 9.10 -53.35 -6.45
N ALA C 195 10.24 -53.75 -6.99
CA ALA C 195 10.23 -54.51 -8.23
C ALA C 195 9.78 -55.94 -7.99
N LYS C 196 9.96 -56.43 -6.76
CA LYS C 196 9.65 -57.77 -6.36
C LYS C 196 8.32 -57.87 -5.61
N VAL C 197 7.50 -56.84 -5.66
CA VAL C 197 6.16 -56.92 -5.10
C VAL C 197 5.34 -57.79 -6.03
N GLU C 198 4.91 -58.95 -5.54
CA GLU C 198 4.09 -59.87 -6.32
C GLU C 198 2.62 -59.70 -5.93
N VAL C 199 1.77 -59.45 -6.92
CA VAL C 199 0.37 -59.14 -6.69
C VAL C 199 -0.50 -60.24 -7.28
N PRO C 200 -1.68 -60.50 -6.73
CA PRO C 200 -2.50 -61.60 -7.22
C PRO C 200 -3.22 -61.21 -8.50
N GLY C 201 -2.59 -61.48 -9.65
CA GLY C 201 -3.23 -61.15 -10.90
C GLY C 201 -2.31 -60.50 -11.93
N THR C 202 -2.00 -59.22 -11.74
CA THR C 202 -1.20 -58.46 -12.68
C THR C 202 0.27 -58.45 -12.22
N THR C 203 1.06 -57.53 -12.77
CA THR C 203 2.42 -57.28 -12.31
C THR C 203 2.55 -55.80 -12.01
N LEU C 204 3.17 -55.48 -10.87
CA LEU C 204 3.26 -54.10 -10.41
C LEU C 204 4.59 -53.48 -10.85
N PHE C 205 4.54 -52.20 -11.23
CA PHE C 205 5.72 -51.40 -11.53
C PHE C 205 6.55 -51.94 -12.69
N ALA C 206 6.00 -52.87 -13.48
CA ALA C 206 6.74 -53.41 -14.61
C ALA C 206 7.00 -52.37 -15.70
N GLY C 207 6.20 -51.30 -15.73
CA GLY C 207 6.37 -50.27 -16.75
C GLY C 207 7.67 -49.50 -16.60
N ARG C 208 8.13 -48.97 -17.73
CA ARG C 208 9.43 -48.30 -17.78
C ARG C 208 9.48 -47.08 -16.86
N ASP C 209 8.43 -46.27 -16.86
CA ASP C 209 8.40 -45.04 -16.09
C ASP C 209 7.70 -45.20 -14.74
N ASP C 210 7.42 -46.45 -14.32
CA ASP C 210 6.61 -46.69 -13.14
C ASP C 210 7.35 -46.35 -11.85
N LEU C 211 8.66 -46.60 -11.79
CA LEU C 211 9.49 -46.25 -10.63
C LEU C 211 10.40 -45.05 -10.90
N ALA C 212 9.88 -44.02 -11.60
CA ALA C 212 10.69 -42.84 -11.91
C ALA C 212 11.16 -42.14 -10.63
N TRP C 213 10.32 -42.16 -9.58
CA TRP C 213 10.74 -41.65 -8.27
C TRP C 213 12.09 -42.23 -7.87
N VAL C 214 12.27 -43.54 -8.08
CA VAL C 214 13.44 -44.23 -7.58
C VAL C 214 14.63 -44.06 -8.52
N ASP C 215 14.42 -44.22 -9.82
CA ASP C 215 15.54 -44.15 -10.77
C ASP C 215 16.17 -42.76 -10.75
N SER C 216 15.36 -41.70 -10.77
CA SER C 216 15.91 -40.35 -10.73
C SER C 216 16.68 -40.12 -9.44
N HIS C 217 16.14 -40.60 -8.31
CA HIS C 217 16.86 -40.47 -7.05
C HIS C 217 18.21 -41.18 -7.13
N ILE C 218 18.22 -42.39 -7.68
CA ILE C 218 19.50 -43.10 -7.81
C ILE C 218 20.50 -42.23 -8.57
N LYS C 219 20.02 -41.52 -9.60
CA LYS C 219 20.89 -40.56 -10.28
C LYS C 219 21.24 -39.38 -9.38
N ALA C 220 20.23 -38.68 -8.88
CA ALA C 220 20.48 -37.44 -8.14
C ALA C 220 21.20 -37.69 -6.81
N GLU C 221 20.89 -38.79 -6.13
CA GLU C 221 21.36 -38.92 -4.75
C GLU C 221 22.86 -39.11 -4.65
N THR C 222 23.55 -39.53 -5.71
CA THR C 222 25.03 -39.47 -5.65
C THR C 222 25.53 -38.04 -5.66
N MET C 223 24.85 -37.15 -6.37
CA MET C 223 25.20 -35.75 -6.32
C MET C 223 25.01 -35.18 -4.92
N HIS C 224 23.84 -35.41 -4.32
CA HIS C 224 23.56 -34.84 -3.00
C HIS C 224 24.55 -35.33 -1.98
N ALA C 225 24.97 -36.60 -2.08
CA ALA C 225 25.95 -37.10 -1.13
C ALA C 225 27.25 -36.30 -1.22
N ALA C 226 27.72 -36.02 -2.44
CA ALA C 226 28.95 -35.25 -2.57
C ALA C 226 28.77 -33.83 -2.05
N GLN C 227 27.62 -33.22 -2.34
CA GLN C 227 27.38 -31.84 -1.91
C GLN C 227 27.47 -31.71 -0.39
N VAL C 228 26.81 -32.61 0.34
CA VAL C 228 26.71 -32.42 1.79
C VAL C 228 28.03 -32.73 2.48
N SER C 229 28.93 -33.45 1.81
CA SER C 229 30.23 -33.78 2.37
C SER C 229 31.39 -33.01 1.75
N ASP C 230 31.12 -32.14 0.78
CA ASP C 230 32.16 -31.35 0.14
C ASP C 230 32.98 -30.59 1.18
N GLU C 231 34.31 -30.55 0.97
CA GLU C 231 35.19 -29.94 1.96
C GLU C 231 35.04 -28.43 1.99
N ASP C 232 34.53 -27.81 0.94
CA ASP C 232 34.37 -26.36 0.92
C ASP C 232 32.95 -25.90 1.19
N THR C 233 31.97 -26.56 0.61
CA THR C 233 30.59 -26.07 0.66
C THR C 233 29.66 -27.09 1.32
N GLY C 234 30.22 -27.98 2.14
CA GLY C 234 29.44 -29.05 2.75
C GLY C 234 28.93 -28.69 4.13
N MET C 235 28.14 -29.61 4.69
CA MET C 235 27.37 -29.29 5.89
C MET C 235 28.26 -28.93 7.06
N THR C 236 29.45 -29.54 7.16
CA THR C 236 30.28 -29.25 8.32
C THR C 236 30.91 -27.88 8.22
N ARG C 237 30.93 -27.27 7.03
CA ARG C 237 31.35 -25.87 6.92
C ARG C 237 30.35 -24.90 7.55
N LEU C 238 29.15 -25.37 7.92
CA LEU C 238 28.26 -24.53 8.72
C LEU C 238 28.67 -24.50 10.19
N VAL C 239 29.51 -25.44 10.63
CA VAL C 239 30.01 -25.43 12.00
C VAL C 239 31.04 -24.32 12.15
N ALA C 240 30.83 -23.44 13.14
CA ALA C 240 31.56 -22.16 13.20
C ALA C 240 32.58 -22.06 14.33
N ASP C 241 32.33 -22.70 15.46
CA ASP C 241 33.28 -22.71 16.56
C ASP C 241 33.37 -24.13 17.12
N ARG C 242 34.19 -24.28 18.17
CA ARG C 242 34.43 -25.60 18.75
C ARG C 242 33.22 -26.13 19.48
N GLU C 243 32.44 -25.24 20.11
CA GLU C 243 31.23 -25.65 20.82
C GLU C 243 30.19 -26.19 19.85
N GLN C 244 30.14 -25.63 18.64
CA GLN C 244 29.21 -26.15 17.64
C GLN C 244 29.69 -27.48 17.08
N ALA C 245 31.01 -27.65 16.91
CA ALA C 245 31.54 -28.89 16.36
C ALA C 245 31.23 -30.06 17.29
N GLU C 246 31.36 -29.84 18.59
CA GLU C 246 31.01 -30.89 19.54
C GLU C 246 29.53 -31.23 19.46
N GLU C 247 28.67 -30.22 19.48
CA GLU C 247 27.24 -30.48 19.37
C GLU C 247 26.92 -31.16 18.03
N PHE C 248 27.62 -30.80 16.97
CA PHE C 248 27.35 -31.39 15.66
C PHE C 248 27.56 -32.89 15.72
N LEU C 249 28.72 -33.32 16.21
CA LEU C 249 29.01 -34.74 16.32
C LEU C 249 28.01 -35.43 17.21
N THR C 250 27.63 -34.80 18.32
CA THR C 250 26.65 -35.44 19.20
C THR C 250 25.30 -35.52 18.51
N ALA C 251 24.95 -34.51 17.72
CA ALA C 251 23.69 -34.56 16.97
C ALA C 251 23.71 -35.67 15.94
N VAL C 252 24.79 -35.74 15.16
CA VAL C 252 24.90 -36.77 14.14
C VAL C 252 24.79 -38.15 14.77
N ARG C 253 25.57 -38.40 15.83
CA ARG C 253 25.53 -39.72 16.47
C ARG C 253 24.11 -40.12 16.83
N GLU C 254 23.38 -39.22 17.51
CA GLU C 254 22.04 -39.56 18.00
C GLU C 254 21.04 -39.67 16.86
N TYR C 255 21.12 -38.75 15.89
CA TYR C 255 20.21 -38.78 14.75
C TYR C 255 20.47 -40.00 13.88
N ALA C 256 21.75 -40.32 13.63
CA ALA C 256 22.08 -41.48 12.81
C ALA C 256 21.61 -42.76 13.46
N ALA C 257 21.66 -42.82 14.79
CA ALA C 257 21.14 -44.00 15.48
C ALA C 257 19.65 -44.18 15.20
N HIS C 258 18.88 -43.08 15.26
CA HIS C 258 17.46 -43.19 14.98
C HIS C 258 17.20 -43.57 13.53
N TRP C 259 18.03 -43.09 12.61
CA TRP C 259 17.83 -43.53 11.23
C TRP C 259 18.11 -45.02 11.08
N SER C 260 19.16 -45.52 11.74
CA SER C 260 19.47 -46.93 11.62
C SER C 260 18.34 -47.78 12.20
N ALA C 261 17.74 -47.32 13.29
CA ALA C 261 16.62 -48.05 13.89
C ALA C 261 15.41 -48.07 12.96
N ALA C 262 15.00 -46.91 12.45
CA ALA C 262 13.82 -46.83 11.59
C ALA C 262 13.99 -47.74 10.38
N LEU C 263 15.16 -47.70 9.76
CA LEU C 263 15.42 -48.54 8.60
C LEU C 263 15.41 -50.01 8.98
N GLU C 264 15.88 -50.33 10.18
CA GLU C 264 15.82 -51.72 10.62
C GLU C 264 14.39 -52.26 10.66
N THR C 265 13.39 -51.39 10.89
CA THR C 265 12.02 -51.89 10.85
C THR C 265 11.57 -52.20 9.43
N TYR C 266 12.15 -51.53 8.43
CA TYR C 266 11.84 -51.90 7.05
C TYR C 266 12.24 -53.35 6.78
N ALA C 267 13.40 -53.76 7.32
CA ALA C 267 13.86 -55.14 7.17
C ALA C 267 12.99 -56.09 7.98
N GLN C 268 12.57 -55.66 9.17
CA GLN C 268 11.59 -56.44 9.93
C GLN C 268 10.34 -56.70 9.11
N ALA C 269 9.83 -55.68 8.43
CA ALA C 269 8.59 -55.83 7.68
C ALA C 269 8.78 -56.76 6.48
N LEU C 270 9.92 -56.66 5.79
CA LEU C 270 10.18 -57.60 4.69
C LEU C 270 10.23 -59.04 5.21
N ARG C 271 10.89 -59.28 6.35
CA ARG C 271 10.89 -60.61 6.94
C ARG C 271 9.49 -61.08 7.29
N ASP C 272 8.72 -60.25 7.99
CA ASP C 272 7.41 -60.70 8.46
C ASP C 272 6.39 -60.79 7.33
N GLY C 273 6.52 -59.96 6.29
CA GLY C 273 5.52 -59.90 5.23
C GLY C 273 4.33 -59.01 5.53
N HIS C 274 4.31 -58.29 6.64
CA HIS C 274 3.27 -57.33 7.00
C HIS C 274 3.86 -56.33 7.98
N ALA C 275 3.06 -55.33 8.36
CA ALA C 275 3.52 -54.34 9.34
C ALA C 275 3.87 -55.00 10.66
N ALA D 7 -18.87 -14.35 19.05
CA ALA D 7 -20.14 -13.71 19.37
C ALA D 7 -20.02 -12.86 20.65
N LEU D 8 -20.33 -11.57 20.53
CA LEU D 8 -20.03 -10.60 21.58
C LEU D 8 -21.11 -10.63 22.65
N SER D 9 -20.69 -10.65 23.92
CA SER D 9 -21.63 -10.63 25.04
C SER D 9 -22.10 -9.21 25.32
N ALA D 10 -23.14 -9.09 26.13
CA ALA D 10 -23.69 -7.78 26.44
C ALA D 10 -22.61 -6.87 27.03
N ALA D 11 -21.89 -7.35 28.03
CA ALA D 11 -20.81 -6.57 28.63
C ALA D 11 -19.75 -6.19 27.59
N GLU D 12 -19.37 -7.13 26.71
CA GLU D 12 -18.39 -6.81 25.68
C GLU D 12 -18.94 -5.79 24.69
N GLN D 13 -20.25 -5.80 24.45
CA GLN D 13 -20.84 -4.80 23.56
C GLN D 13 -20.81 -3.43 24.19
N GLN D 14 -21.18 -3.33 25.48
CA GLN D 14 -21.06 -2.06 26.20
C GLN D 14 -19.62 -1.56 26.20
N ASP D 15 -18.68 -2.46 26.48
CA ASP D 15 -17.28 -2.05 26.53
C ASP D 15 -16.83 -1.47 25.20
N LEU D 16 -17.15 -2.16 24.10
CA LEU D 16 -16.83 -1.67 22.76
C LEU D 16 -17.51 -0.33 22.50
N ASP D 17 -18.80 -0.23 22.80
CA ASP D 17 -19.51 1.02 22.55
C ASP D 17 -18.88 2.19 23.31
N ALA D 18 -18.54 1.98 24.59
CA ALA D 18 -17.88 3.03 25.36
C ALA D 18 -16.50 3.38 24.79
N ARG D 19 -15.72 2.36 24.44
CA ARG D 19 -14.41 2.61 23.83
C ARG D 19 -14.52 3.42 22.54
N VAL D 20 -15.55 3.16 21.73
CA VAL D 20 -15.71 3.94 20.51
C VAL D 20 -15.87 5.41 20.84
N GLY D 21 -16.65 5.72 21.88
CA GLY D 21 -16.85 7.11 22.24
C GLY D 21 -15.56 7.77 22.69
N LYS D 22 -14.76 7.05 23.49
CA LYS D 22 -13.51 7.62 23.98
C LYS D 22 -12.52 7.88 22.85
N GLU D 23 -12.50 7.01 21.83
CA GLU D 23 -11.64 7.30 20.68
C GLU D 23 -12.09 8.56 19.93
N ILE D 24 -13.39 8.82 19.85
CA ILE D 24 -13.81 10.05 19.19
C ILE D 24 -13.52 11.25 20.11
N ASP D 25 -13.72 11.08 21.41
CA ASP D 25 -13.26 12.10 22.36
C ASP D 25 -11.79 12.41 22.14
N ALA D 26 -10.96 11.37 22.20
CA ALA D 26 -9.50 11.57 22.20
C ALA D 26 -9.01 12.20 20.90
N ALA D 27 -9.76 12.04 19.80
CA ALA D 27 -9.32 12.61 18.52
C ALA D 27 -9.64 14.09 18.39
N ARG D 28 -10.23 14.71 19.40
CA ARG D 28 -10.52 16.15 19.38
C ARG D 28 -11.58 16.49 18.34
N LEU D 29 -12.58 15.62 18.21
CA LEU D 29 -13.67 15.81 17.28
C LEU D 29 -14.93 16.35 17.95
N ARG D 30 -14.98 16.43 19.27
CA ARG D 30 -16.19 16.91 19.91
C ARG D 30 -16.34 18.41 19.74
N ARG D 31 -17.57 18.89 19.96
CA ARG D 31 -17.97 20.27 19.66
C ARG D 31 -17.03 21.30 20.27
N ALA D 32 -16.66 21.12 21.53
CA ALA D 32 -15.84 22.09 22.25
C ALA D 32 -14.34 21.88 22.05
N ASP D 33 -13.93 20.82 21.35
CA ASP D 33 -12.52 20.50 21.19
C ASP D 33 -11.96 20.79 19.81
N ASN D 34 -12.71 20.55 18.74
CA ASN D 34 -12.14 20.72 17.41
C ASN D 34 -11.97 22.19 17.06
N ALA D 35 -10.85 22.51 16.42
CA ALA D 35 -10.56 23.91 16.14
C ALA D 35 -11.53 24.50 15.14
N PHE D 36 -11.99 23.70 14.17
CA PHE D 36 -12.90 24.24 13.16
C PHE D 36 -14.18 24.74 13.78
N PHE D 37 -14.79 23.96 14.67
CA PHE D 37 -15.99 24.42 15.34
C PHE D 37 -15.70 25.68 16.13
N GLY D 38 -14.51 25.76 16.73
CA GLY D 38 -14.17 26.95 17.50
C GLY D 38 -14.01 28.18 16.62
N GLU D 39 -13.19 28.08 15.56
CA GLU D 39 -12.99 29.23 14.68
C GLU D 39 -14.28 29.67 14.02
N ALA D 40 -15.16 28.73 13.66
CA ALA D 40 -16.36 29.10 12.91
C ALA D 40 -17.26 29.99 13.76
N ARG D 41 -17.35 29.71 15.06
CA ARG D 41 -18.20 30.55 15.91
C ARG D 41 -17.50 31.85 16.31
N LYS D 42 -16.17 31.82 16.51
CA LYS D 42 -15.44 33.02 16.90
C LYS D 42 -15.35 34.05 15.77
N ALA D 43 -15.28 33.58 14.52
CA ALA D 43 -15.12 34.49 13.39
C ALA D 43 -16.16 35.60 13.42
N GLU D 44 -15.70 36.83 13.20
CA GLU D 44 -16.62 37.94 12.96
C GLU D 44 -16.92 38.12 11.48
N SER D 45 -15.95 37.85 10.60
CA SER D 45 -16.20 37.88 9.17
C SER D 45 -15.31 36.85 8.49
N VAL D 46 -15.70 36.47 7.28
CA VAL D 46 -15.05 35.41 6.54
C VAL D 46 -14.85 35.91 5.12
N THR D 47 -13.65 35.69 4.57
CA THR D 47 -13.45 36.13 3.19
C THR D 47 -14.02 35.07 2.24
N PRO D 48 -14.50 35.50 1.07
CA PRO D 48 -14.90 34.51 0.07
C PRO D 48 -13.79 33.54 -0.30
N GLU D 49 -12.53 34.00 -0.28
CA GLU D 49 -11.42 33.09 -0.55
C GLU D 49 -11.35 31.97 0.49
N ALA D 50 -11.57 32.30 1.76
CA ALA D 50 -11.53 31.26 2.78
C ALA D 50 -12.75 30.35 2.68
N ALA D 51 -13.93 30.94 2.49
CA ALA D 51 -15.15 30.14 2.38
C ALA D 51 -15.07 29.21 1.17
N LEU D 52 -14.40 29.65 0.10
CA LEU D 52 -14.31 28.85 -1.11
C LEU D 52 -13.29 27.73 -0.98
N ALA D 53 -12.22 27.95 -0.22
CA ALA D 53 -11.29 26.86 0.04
C ALA D 53 -11.98 25.76 0.86
N ILE D 54 -12.74 26.17 1.88
CA ILE D 54 -13.49 25.20 2.67
C ILE D 54 -14.53 24.50 1.81
N ALA D 55 -15.16 25.24 0.88
CA ALA D 55 -16.18 24.63 0.03
C ALA D 55 -15.58 23.55 -0.87
N HIS D 56 -14.37 23.77 -1.39
CA HIS D 56 -13.73 22.74 -2.22
C HIS D 56 -13.29 21.57 -1.38
N ARG D 57 -12.78 21.82 -0.17
CA ARG D 57 -12.38 20.70 0.66
C ARG D 57 -13.60 19.86 1.04
N TRP D 58 -14.69 20.51 1.46
CA TRP D 58 -15.86 19.74 1.85
C TRP D 58 -16.43 18.95 0.68
N ARG D 59 -16.37 19.54 -0.52
CA ARG D 59 -16.87 18.85 -1.71
C ARG D 59 -16.10 17.55 -1.94
N ALA D 60 -14.77 17.61 -1.80
CA ALA D 60 -13.98 16.41 -2.01
C ALA D 60 -14.22 15.42 -0.89
N MET D 61 -14.28 15.91 0.35
CA MET D 61 -14.45 15.03 1.49
C MET D 61 -15.83 14.35 1.49
N THR D 62 -16.89 15.11 1.23
CA THR D 62 -18.19 14.47 1.38
C THR D 62 -18.50 13.59 0.17
N LYS D 63 -17.99 13.96 -1.01
CA LYS D 63 -18.11 13.09 -2.17
C LYS D 63 -17.42 11.75 -1.90
N ALA D 64 -16.17 11.80 -1.44
CA ALA D 64 -15.46 10.56 -1.12
C ALA D 64 -16.16 9.80 -0.01
N PHE D 65 -16.67 10.52 1.00
CA PHE D 65 -17.32 9.83 2.10
C PHE D 65 -18.51 9.03 1.60
N MET D 66 -19.29 9.61 0.67
CA MET D 66 -20.48 8.92 0.20
C MET D 66 -20.11 7.73 -0.66
N PHE D 67 -19.24 7.93 -1.64
CA PHE D 67 -18.95 6.83 -2.56
C PHE D 67 -18.21 5.68 -1.87
N THR D 68 -17.26 5.99 -0.97
CA THR D 68 -16.51 4.92 -0.29
C THR D 68 -17.31 4.25 0.81
N THR D 69 -18.29 4.94 1.39
CA THR D 69 -19.20 4.24 2.30
C THR D 69 -20.13 3.32 1.53
N LEU D 70 -20.64 3.80 0.40
CA LEU D 70 -21.44 2.94 -0.47
C LEU D 70 -20.64 1.76 -0.95
N SER D 71 -19.36 1.98 -1.30
CA SER D 71 -18.50 0.85 -1.65
C SER D 71 -18.40 -0.13 -0.47
N GLY D 72 -18.26 0.39 0.74
CA GLY D 72 -18.15 -0.50 1.90
C GLY D 72 -19.43 -1.29 2.16
N LEU D 73 -20.59 -0.66 1.96
CA LEU D 73 -21.85 -1.42 1.99
C LEU D 73 -21.79 -2.60 1.02
N GLY D 74 -21.31 -2.35 -0.21
CA GLY D 74 -21.19 -3.44 -1.16
C GLY D 74 -20.28 -4.55 -0.68
N VAL D 75 -19.20 -4.19 0.01
CA VAL D 75 -18.26 -5.20 0.52
C VAL D 75 -18.94 -6.04 1.59
N MET D 76 -19.65 -5.39 2.52
CA MET D 76 -20.45 -6.14 3.49
C MET D 76 -21.44 -7.08 2.81
N ALA D 77 -22.12 -6.61 1.77
CA ALA D 77 -23.06 -7.47 1.05
C ALA D 77 -22.33 -8.67 0.47
N ARG D 78 -21.12 -8.46 -0.01
CA ARG D 78 -20.31 -9.56 -0.51
C ARG D 78 -19.97 -10.55 0.60
N ARG D 79 -19.72 -10.07 1.82
CA ARG D 79 -19.46 -11.00 2.92
C ARG D 79 -20.71 -11.76 3.30
N PHE D 80 -21.84 -11.07 3.40
CA PHE D 80 -23.10 -11.76 3.72
C PHE D 80 -23.47 -12.81 2.67
N GLN D 81 -23.13 -12.57 1.40
CA GLN D 81 -23.48 -13.57 0.40
C GLN D 81 -22.65 -14.83 0.58
N GLY D 82 -21.42 -14.71 1.08
CA GLY D 82 -20.64 -15.90 1.33
C GLY D 82 -21.10 -16.72 2.51
N GLN D 83 -22.18 -16.31 3.19
CA GLN D 83 -22.70 -17.03 4.33
C GLN D 83 -24.04 -17.64 3.96
N ASP D 84 -24.30 -18.85 4.47
CA ASP D 84 -25.55 -19.52 4.17
C ASP D 84 -26.72 -18.81 4.84
N ALA D 85 -26.53 -18.33 6.06
CA ALA D 85 -27.60 -17.65 6.79
C ALA D 85 -26.99 -16.55 7.65
N PRO D 86 -26.83 -15.35 7.09
CA PRO D 86 -26.32 -14.22 7.89
C PRO D 86 -27.17 -13.99 9.13
N ASP D 87 -26.50 -13.78 10.26
CA ASP D 87 -27.18 -13.49 11.51
C ASP D 87 -28.07 -12.26 11.37
N HIS D 88 -29.29 -12.37 11.88
CA HIS D 88 -30.26 -11.30 11.72
C HIS D 88 -29.87 -10.05 12.50
N GLU D 89 -29.14 -10.20 13.60
CA GLU D 89 -28.65 -9.02 14.32
C GLU D 89 -27.66 -8.24 13.46
N LEU D 90 -26.75 -8.93 12.78
CA LEU D 90 -25.88 -8.23 11.86
C LEU D 90 -26.69 -7.61 10.71
N LEU D 91 -27.72 -8.30 10.22
CA LEU D 91 -28.51 -7.78 9.12
C LEU D 91 -29.25 -6.50 9.50
N ALA D 92 -29.74 -6.41 10.74
CA ALA D 92 -30.47 -5.22 11.16
C ALA D 92 -29.56 -4.00 11.13
N ALA D 93 -28.34 -4.14 11.65
CA ALA D 93 -27.38 -3.04 11.58
C ALA D 93 -26.97 -2.77 10.13
N PHE D 94 -26.95 -3.81 9.28
CA PHE D 94 -26.71 -3.59 7.86
C PHE D 94 -27.82 -2.76 7.22
N GLN D 95 -29.06 -2.97 7.68
CA GLN D 95 -30.15 -2.09 7.25
C GLN D 95 -29.94 -0.65 7.69
N THR D 96 -29.33 -0.42 8.85
CA THR D 96 -29.03 0.97 9.26
C THR D 96 -28.04 1.63 8.31
N VAL D 97 -26.98 0.90 7.94
CA VAL D 97 -26.03 1.43 6.97
C VAL D 97 -26.77 1.89 5.74
N TYR D 98 -27.64 1.02 5.21
CA TYR D 98 -28.34 1.34 3.97
C TYR D 98 -29.15 2.62 4.11
N GLN D 99 -29.85 2.78 5.24
CA GLN D 99 -30.76 3.92 5.39
C GLN D 99 -29.97 5.21 5.60
N VAL D 100 -28.94 5.17 6.45
CA VAL D 100 -28.27 6.41 6.81
C VAL D 100 -27.54 7.00 5.61
N ILE D 101 -26.71 6.20 4.93
CA ILE D 101 -26.00 6.74 3.79
C ILE D 101 -26.93 7.00 2.61
N GLY D 102 -28.07 6.31 2.55
CA GLY D 102 -29.03 6.60 1.50
C GLY D 102 -29.48 8.05 1.50
N ASP D 103 -29.50 8.70 2.67
CA ASP D 103 -29.93 10.10 2.73
C ASP D 103 -29.03 11.00 1.90
N ASP D 104 -27.72 10.69 1.80
CA ASP D 104 -26.82 11.49 0.97
C ASP D 104 -27.05 11.23 -0.50
N LEU D 105 -27.69 10.10 -0.82
CA LEU D 105 -28.01 9.77 -2.20
C LEU D 105 -29.42 10.22 -2.60
N ASP D 106 -30.38 10.18 -1.68
CA ASP D 106 -31.77 10.32 -2.10
C ASP D 106 -32.66 11.12 -1.15
N ASN D 107 -32.13 11.65 -0.05
CA ASN D 107 -32.86 12.60 0.80
C ASN D 107 -34.20 12.04 1.28
N ALA D 108 -34.15 10.85 1.91
CA ALA D 108 -35.40 10.24 2.34
C ALA D 108 -35.90 10.80 3.66
N ALA D 109 -35.01 11.22 4.57
CA ALA D 109 -35.46 11.68 5.87
C ALA D 109 -36.39 12.90 5.70
N PRO D 110 -37.39 13.05 6.58
CA PRO D 110 -38.36 14.15 6.39
C PRO D 110 -37.74 15.54 6.36
N ALA D 111 -36.68 15.75 7.14
CA ALA D 111 -35.97 17.03 7.10
C ALA D 111 -35.45 17.34 5.71
N PHE D 112 -35.05 16.33 4.94
CA PHE D 112 -34.47 16.56 3.63
C PHE D 112 -35.54 16.63 2.55
N ARG D 113 -36.63 15.87 2.70
CA ARG D 113 -37.69 15.89 1.71
C ARG D 113 -38.26 17.29 1.52
N GLU D 114 -38.22 18.10 2.59
CA GLU D 114 -38.86 19.41 2.54
C GLU D 114 -38.21 20.36 1.55
N VAL D 115 -36.89 20.23 1.32
CA VAL D 115 -36.13 21.28 0.65
C VAL D 115 -35.14 20.74 -0.38
N ALA D 116 -34.98 19.42 -0.45
CA ALA D 116 -33.90 18.89 -1.27
C ALA D 116 -34.24 18.98 -2.76
N PRO D 117 -33.26 19.21 -3.61
CA PRO D 117 -33.51 19.20 -5.05
C PRO D 117 -33.79 17.78 -5.53
N ARG D 118 -34.44 17.70 -6.70
CA ARG D 118 -34.82 16.42 -7.27
C ARG D 118 -33.66 15.82 -8.04
N GLY D 119 -33.64 14.50 -8.15
CA GLY D 119 -32.68 13.83 -8.98
C GLY D 119 -31.28 13.99 -8.44
N PRO D 120 -30.27 13.89 -9.29
CA PRO D 120 -28.89 13.95 -8.81
C PRO D 120 -28.48 15.33 -8.28
N ALA D 121 -29.26 16.37 -8.56
CA ALA D 121 -28.98 17.68 -7.98
C ALA D 121 -29.12 17.64 -6.47
N GLY D 122 -29.93 16.71 -5.96
CA GLY D 122 -30.06 16.45 -4.54
C GLY D 122 -28.96 15.63 -3.91
N ILE D 123 -28.09 15.00 -4.71
CA ILE D 123 -26.96 14.29 -4.14
C ILE D 123 -26.13 15.30 -3.35
N HIS D 124 -25.76 14.93 -2.12
CA HIS D 124 -25.38 15.98 -1.16
C HIS D 124 -24.12 16.72 -1.57
N TYR D 125 -23.11 16.03 -2.15
CA TYR D 125 -21.93 16.76 -2.64
C TYR D 125 -22.26 17.60 -3.87
N VAL D 126 -23.24 17.15 -4.68
CA VAL D 126 -23.70 17.95 -5.82
C VAL D 126 -24.50 19.16 -5.34
N TRP D 127 -25.46 18.91 -4.45
CA TRP D 127 -26.25 19.98 -3.84
C TRP D 127 -25.32 21.03 -3.22
N TRP D 128 -24.19 20.58 -2.66
CA TRP D 128 -23.22 21.50 -2.08
C TRP D 128 -22.51 22.32 -3.17
N GLU D 129 -22.05 21.65 -4.23
CA GLU D 129 -21.47 22.35 -5.37
C GLU D 129 -22.37 23.48 -5.85
N ASP D 130 -23.66 23.18 -6.01
CA ASP D 130 -24.59 24.13 -6.62
C ASP D 130 -25.03 25.24 -5.67
N THR D 131 -25.20 24.96 -4.38
CA THR D 131 -25.76 25.99 -3.53
C THR D 131 -24.72 26.68 -2.65
N VAL D 132 -23.46 26.20 -2.62
CA VAL D 132 -22.47 26.77 -1.71
C VAL D 132 -21.20 27.13 -2.46
N LEU D 133 -20.56 26.13 -3.08
CA LEU D 133 -19.32 26.36 -3.80
C LEU D 133 -19.49 27.36 -4.94
N LYS D 134 -20.32 27.02 -5.93
CA LYS D 134 -20.42 27.86 -7.12
C LYS D 134 -20.77 29.31 -6.79
N PRO D 135 -21.80 29.61 -5.97
CA PRO D 135 -22.10 31.04 -5.73
C PRO D 135 -21.01 31.78 -4.97
N VAL D 136 -20.29 31.10 -4.08
CA VAL D 136 -19.11 31.70 -3.45
C VAL D 136 -18.03 31.95 -4.49
N ALA D 137 -17.79 30.99 -5.38
CA ALA D 137 -16.75 31.14 -6.39
C ALA D 137 -16.99 32.34 -7.30
N ALA D 138 -18.26 32.71 -7.51
CA ALA D 138 -18.59 33.86 -8.35
C ALA D 138 -18.00 35.16 -7.81
N HIS D 139 -17.64 35.20 -6.52
CA HIS D 139 -17.05 36.38 -5.91
C HIS D 139 -15.58 36.19 -5.59
N VAL D 140 -14.91 35.32 -6.36
CA VAL D 140 -13.48 35.07 -6.24
C VAL D 140 -12.90 35.12 -7.65
N ALA D 141 -11.79 35.84 -7.81
CA ALA D 141 -11.14 35.91 -9.12
C ALA D 141 -10.52 34.57 -9.47
N GLU D 142 -10.38 34.32 -10.79
CA GLU D 142 -9.92 33.02 -11.28
C GLU D 142 -8.61 32.60 -10.63
N GLU D 143 -7.68 33.54 -10.46
CA GLU D 143 -6.38 33.19 -9.89
C GLU D 143 -6.53 32.64 -8.48
N ASP D 144 -7.41 33.25 -7.68
CA ASP D 144 -7.61 32.77 -6.32
C ASP D 144 -8.46 31.50 -6.29
N ARG D 145 -9.32 31.32 -7.30
CA ARG D 145 -10.13 30.10 -7.41
C ARG D 145 -9.26 28.87 -7.52
N GLN D 146 -8.25 28.91 -8.39
CA GLN D 146 -7.35 27.76 -8.53
C GLN D 146 -6.65 27.47 -7.21
N SER D 147 -6.23 28.52 -6.50
CA SER D 147 -5.57 28.33 -5.21
C SER D 147 -6.54 27.79 -4.17
N ALA D 148 -7.79 28.26 -4.18
CA ALA D 148 -8.78 27.74 -3.24
C ALA D 148 -9.01 26.25 -3.41
N ALA D 149 -8.88 25.75 -4.65
CA ALA D 149 -9.14 24.35 -4.96
C ALA D 149 -8.01 23.40 -4.59
N VAL D 150 -6.84 23.89 -4.21
CA VAL D 150 -5.76 22.97 -3.83
C VAL D 150 -6.07 22.40 -2.46
N LEU D 151 -5.94 21.05 -2.30
CA LEU D 151 -6.33 20.45 -1.02
C LEU D 151 -5.13 20.33 -0.09
N PRO D 152 -5.25 20.75 1.17
CA PRO D 152 -4.18 20.53 2.13
C PRO D 152 -3.84 19.05 2.24
N ARG D 153 -2.58 18.78 2.64
CA ARG D 153 -2.14 17.41 2.86
C ARG D 153 -2.99 16.68 3.89
N ALA D 154 -3.49 17.38 4.91
CA ALA D 154 -4.36 16.73 5.88
C ALA D 154 -5.67 16.27 5.22
N VAL D 155 -6.18 17.03 4.25
CA VAL D 155 -7.41 16.63 3.57
C VAL D 155 -7.17 15.41 2.71
N THR D 156 -6.01 15.37 2.03
CA THR D 156 -5.67 14.24 1.16
C THR D 156 -5.36 12.97 1.96
N GLY D 157 -4.80 13.10 3.16
CA GLY D 157 -4.66 11.92 4.01
C GLY D 157 -6.00 11.29 4.37
N LEU D 158 -7.03 12.10 4.59
CA LEU D 158 -8.35 11.55 4.91
C LEU D 158 -8.95 10.88 3.67
N LEU D 159 -8.94 11.60 2.54
CA LEU D 159 -9.34 11.01 1.27
C LEU D 159 -8.67 9.66 1.04
N ASP D 160 -7.35 9.55 1.31
CA ASP D 160 -6.68 8.26 1.12
C ASP D 160 -7.19 7.24 2.12
N SER D 161 -7.44 7.65 3.36
CA SER D 161 -8.02 6.74 4.34
C SER D 161 -9.40 6.24 3.90
N MET D 162 -10.24 7.15 3.39
CA MET D 162 -11.55 6.72 2.89
C MET D 162 -11.40 5.71 1.77
N ASP D 163 -10.48 5.98 0.83
CA ASP D 163 -10.29 5.06 -0.29
C ASP D 163 -9.87 3.69 0.19
N ARG D 164 -9.12 3.61 1.30
CA ARG D 164 -8.79 2.30 1.84
C ARG D 164 -10.00 1.65 2.52
N LEU D 165 -10.77 2.43 3.28
CA LEU D 165 -11.91 1.82 3.96
C LEU D 165 -13.00 1.38 2.98
N ALA D 166 -12.96 1.91 1.74
CA ALA D 166 -13.95 1.54 0.72
C ALA D 166 -14.06 0.04 0.53
N THR D 167 -12.96 -0.70 0.73
CA THR D 167 -13.01 -2.15 0.53
C THR D 167 -12.81 -2.91 1.84
N HIS D 168 -12.93 -2.26 2.94
CA HIS D 168 -12.77 -2.91 4.24
C HIS D 168 -14.11 -3.50 4.69
N PRO D 169 -14.18 -4.74 5.17
CA PRO D 169 -15.48 -5.32 5.55
C PRO D 169 -16.14 -4.62 6.73
N LEU D 170 -15.46 -3.73 7.42
CA LEU D 170 -16.13 -2.87 8.40
C LEU D 170 -16.03 -1.39 8.04
N GLY D 171 -15.42 -1.06 6.88
CA GLY D 171 -15.19 0.33 6.53
C GLY D 171 -16.42 1.22 6.65
N ALA D 172 -17.57 0.72 6.19
CA ALA D 172 -18.76 1.56 6.15
C ALA D 172 -19.31 1.82 7.54
N ALA D 173 -19.32 0.79 8.39
CA ALA D 173 -19.69 0.95 9.79
C ALA D 173 -18.78 1.96 10.48
N VAL D 174 -17.48 1.93 10.15
CA VAL D 174 -16.55 2.86 10.77
C VAL D 174 -16.80 4.29 10.28
N GLN D 175 -16.93 4.46 8.96
CA GLN D 175 -17.12 5.82 8.44
C GLN D 175 -18.39 6.44 9.02
N LEU D 176 -19.50 5.69 9.00
CA LEU D 176 -20.77 6.22 9.48
C LEU D 176 -20.75 6.51 10.98
N ARG D 177 -20.16 5.62 11.79
CA ARG D 177 -20.13 5.83 13.22
C ARG D 177 -19.38 7.10 13.60
N VAL D 178 -18.32 7.44 12.86
CA VAL D 178 -17.59 8.66 13.16
C VAL D 178 -18.26 9.85 12.50
N VAL D 179 -18.50 9.79 11.19
CA VAL D 179 -18.94 10.98 10.46
C VAL D 179 -20.29 11.46 10.98
N GLU D 180 -21.23 10.54 11.18
CA GLU D 180 -22.60 10.92 11.58
C GLU D 180 -22.66 11.38 13.03
N ASP D 181 -21.67 11.02 13.83
CA ASP D 181 -21.55 11.54 15.19
C ASP D 181 -21.06 13.00 15.20
N ILE D 182 -20.23 13.39 14.22
CA ILE D 182 -19.69 14.75 14.18
C ILE D 182 -20.42 15.65 13.21
N ALA D 183 -21.30 15.10 12.36
CA ALA D 183 -21.85 15.89 11.26
C ALA D 183 -22.66 17.11 11.74
N LEU D 184 -23.31 17.03 12.88
CA LEU D 184 -24.13 18.16 13.31
C LEU D 184 -23.25 19.39 13.55
N ASP D 185 -22.20 19.23 14.35
CA ASP D 185 -21.25 20.32 14.57
C ASP D 185 -20.64 20.82 13.28
N ILE D 186 -20.39 19.92 12.32
CA ILE D 186 -19.88 20.39 11.04
C ILE D 186 -20.90 21.30 10.36
N ALA D 187 -22.16 20.88 10.34
CA ALA D 187 -23.21 21.67 9.69
C ALA D 187 -23.40 23.03 10.36
N VAL D 188 -23.37 23.05 11.70
CA VAL D 188 -23.47 24.31 12.43
C VAL D 188 -22.29 25.23 12.10
N GLY D 189 -21.08 24.64 12.03
CA GLY D 189 -19.92 25.42 11.60
C GLY D 189 -20.09 26.00 10.21
N PHE D 190 -20.63 25.20 9.29
CA PHE D 190 -20.95 25.73 7.97
C PHE D 190 -22.00 26.83 8.07
N ARG D 191 -23.04 26.61 8.85
CA ARG D 191 -24.06 27.64 9.03
C ARG D 191 -23.41 28.94 9.49
N ARG D 192 -22.62 28.88 10.55
CA ARG D 192 -22.01 30.09 11.10
C ARG D 192 -21.07 30.74 10.10
N LEU D 193 -20.27 29.94 9.42
CA LEU D 193 -19.19 30.47 8.60
C LEU D 193 -19.74 31.14 7.35
N TYR D 194 -20.59 30.45 6.60
CA TYR D 194 -21.02 30.97 5.32
C TYR D 194 -22.02 32.11 5.49
N ALA D 195 -22.64 32.25 6.66
CA ALA D 195 -23.50 33.40 6.90
C ALA D 195 -22.70 34.65 7.20
N LYS D 196 -21.42 34.52 7.52
CA LYS D 196 -20.57 35.65 7.82
C LYS D 196 -19.65 36.01 6.65
N VAL D 197 -19.90 35.47 5.46
CA VAL D 197 -19.08 35.77 4.30
C VAL D 197 -19.38 37.19 3.82
N GLU D 198 -18.41 38.08 3.97
CA GLU D 198 -18.53 39.46 3.49
C GLU D 198 -18.19 39.51 2.01
N VAL D 199 -19.09 40.07 1.20
CA VAL D 199 -18.93 40.07 -0.24
C VAL D 199 -19.09 41.48 -0.79
N PRO D 200 -18.38 41.85 -1.85
CA PRO D 200 -18.42 43.24 -2.33
C PRO D 200 -19.81 43.62 -2.87
N GLY D 201 -20.30 44.77 -2.42
CA GLY D 201 -21.49 45.37 -2.98
C GLY D 201 -22.80 44.75 -2.57
N THR D 202 -22.79 43.54 -2.03
CA THR D 202 -24.02 42.86 -1.64
C THR D 202 -23.74 41.98 -0.44
N THR D 203 -24.70 41.11 -0.11
CA THR D 203 -24.52 40.09 0.91
C THR D 203 -24.63 38.72 0.25
N LEU D 204 -24.01 37.72 0.86
CA LEU D 204 -24.07 36.36 0.35
C LEU D 204 -24.96 35.51 1.26
N PHE D 205 -25.73 34.61 0.64
CA PHE D 205 -26.65 33.73 1.35
C PHE D 205 -27.69 34.52 2.14
N ALA D 206 -28.15 35.61 1.54
CA ALA D 206 -29.37 36.29 1.97
C ALA D 206 -30.55 35.56 1.33
N GLY D 207 -31.35 34.91 2.17
CA GLY D 207 -32.44 34.09 1.68
C GLY D 207 -32.77 33.00 2.69
N ARG D 208 -34.07 32.80 2.98
CA ARG D 208 -34.46 31.83 4.00
C ARG D 208 -34.01 30.43 3.62
N ASP D 209 -33.97 30.12 2.32
CA ASP D 209 -33.63 28.78 1.84
C ASP D 209 -32.29 28.75 1.10
N ASP D 210 -31.55 29.86 1.11
CA ASP D 210 -30.25 29.88 0.46
C ASP D 210 -29.23 28.98 1.15
N LEU D 211 -29.44 28.64 2.43
CA LEU D 211 -28.60 27.68 3.14
C LEU D 211 -29.37 26.41 3.50
N ALA D 212 -30.34 26.03 2.66
CA ALA D 212 -31.17 24.85 2.94
C ALA D 212 -30.32 23.58 3.10
N TRP D 213 -29.24 23.45 2.32
CA TRP D 213 -28.32 22.33 2.52
C TRP D 213 -27.90 22.24 3.99
N VAL D 214 -27.49 23.38 4.56
CA VAL D 214 -27.10 23.41 5.96
C VAL D 214 -28.30 23.29 6.89
N ASP D 215 -29.40 24.00 6.60
CA ASP D 215 -30.55 23.98 7.51
C ASP D 215 -31.09 22.57 7.68
N SER D 216 -31.29 21.85 6.57
CA SER D 216 -31.87 20.53 6.66
C SER D 216 -30.92 19.58 7.39
N HIS D 217 -29.63 19.66 7.08
CA HIS D 217 -28.68 18.78 7.75
C HIS D 217 -28.74 18.97 9.26
N ILE D 218 -28.88 20.22 9.72
CA ILE D 218 -28.88 20.45 11.16
C ILE D 218 -30.03 19.69 11.81
N LYS D 219 -31.19 19.64 11.15
CA LYS D 219 -32.35 18.94 11.70
C LYS D 219 -32.22 17.43 11.60
N ALA D 220 -31.53 16.91 10.58
CA ALA D 220 -31.44 15.49 10.34
C ALA D 220 -30.28 14.82 11.07
N GLU D 221 -29.10 15.44 11.12
CA GLU D 221 -27.91 14.73 11.57
C GLU D 221 -28.01 14.32 13.03
N THR D 222 -28.91 14.96 13.79
CA THR D 222 -29.20 14.51 15.14
C THR D 222 -29.80 13.11 15.12
N MET D 223 -30.68 12.84 14.17
CA MET D 223 -31.23 11.50 14.05
C MET D 223 -30.14 10.51 13.60
N HIS D 224 -29.39 10.87 12.56
CA HIS D 224 -28.31 10.01 12.08
C HIS D 224 -27.35 9.64 13.21
N ALA D 225 -27.01 10.62 14.04
CA ALA D 225 -26.10 10.38 15.16
C ALA D 225 -26.59 9.24 16.05
N ALA D 226 -27.88 9.25 16.40
CA ALA D 226 -28.43 8.19 17.24
C ALA D 226 -28.48 6.86 16.49
N GLN D 227 -28.84 6.87 15.20
CA GLN D 227 -28.91 5.64 14.42
C GLN D 227 -27.59 4.89 14.43
N VAL D 228 -26.48 5.60 14.19
CA VAL D 228 -25.21 4.90 14.04
C VAL D 228 -24.66 4.45 15.37
N SER D 229 -25.12 5.04 16.49
CA SER D 229 -24.64 4.63 17.81
C SER D 229 -25.67 3.82 18.60
N ASP D 230 -26.83 3.53 18.01
CA ASP D 230 -27.84 2.69 18.67
C ASP D 230 -27.22 1.39 19.15
N GLU D 231 -27.63 0.95 20.34
CA GLU D 231 -27.02 -0.22 20.97
C GLU D 231 -27.47 -1.53 20.32
N ASP D 232 -28.59 -1.54 19.59
CA ASP D 232 -29.06 -2.75 18.92
C ASP D 232 -28.86 -2.70 17.41
N THR D 233 -29.02 -1.54 16.79
CA THR D 233 -28.97 -1.45 15.34
C THR D 233 -27.93 -0.46 14.86
N GLY D 234 -26.99 -0.06 15.72
CA GLY D 234 -25.96 0.88 15.36
C GLY D 234 -24.73 0.20 14.77
N MET D 235 -23.74 1.03 14.44
CA MET D 235 -22.65 0.56 13.61
C MET D 235 -21.80 -0.49 14.32
N THR D 236 -21.72 -0.45 15.66
CA THR D 236 -20.90 -1.43 16.36
C THR D 236 -21.55 -2.81 16.40
N ARG D 237 -22.84 -2.93 16.11
CA ARG D 237 -23.44 -4.26 16.06
C ARG D 237 -23.17 -4.95 14.73
N LEU D 238 -22.42 -4.32 13.83
CA LEU D 238 -21.87 -5.06 12.71
C LEU D 238 -20.60 -5.80 13.10
N VAL D 239 -20.06 -5.51 14.28
CA VAL D 239 -18.88 -6.19 14.80
C VAL D 239 -19.28 -7.56 15.35
N ALA D 240 -18.83 -8.63 14.70
CA ALA D 240 -19.36 -9.95 15.03
C ALA D 240 -18.56 -10.72 16.08
N ASP D 241 -17.35 -10.29 16.45
CA ASP D 241 -16.61 -11.00 17.49
C ASP D 241 -15.52 -10.09 18.06
N ARG D 242 -14.74 -10.64 19.00
CA ARG D 242 -13.73 -9.87 19.71
C ARG D 242 -12.62 -9.38 18.79
N GLU D 243 -12.19 -10.22 17.85
CA GLU D 243 -11.16 -9.78 16.92
C GLU D 243 -11.67 -8.66 16.02
N GLN D 244 -12.94 -8.73 15.61
CA GLN D 244 -13.47 -7.62 14.81
C GLN D 244 -13.62 -6.35 15.65
N ALA D 245 -13.88 -6.50 16.95
CA ALA D 245 -14.00 -5.33 17.81
C ALA D 245 -12.68 -4.57 17.88
N GLU D 246 -11.57 -5.30 17.99
CA GLU D 246 -10.26 -4.64 18.00
C GLU D 246 -10.03 -3.93 16.68
N GLU D 247 -10.35 -4.59 15.58
CA GLU D 247 -10.19 -3.98 14.27
C GLU D 247 -11.04 -2.71 14.15
N PHE D 248 -12.30 -2.78 14.58
CA PHE D 248 -13.18 -1.61 14.58
C PHE D 248 -12.52 -0.45 15.32
N LEU D 249 -12.08 -0.70 16.56
CA LEU D 249 -11.49 0.36 17.35
C LEU D 249 -10.24 0.93 16.71
N THR D 250 -9.35 0.08 16.16
CA THR D 250 -8.15 0.71 15.60
C THR D 250 -8.49 1.49 14.35
N ALA D 251 -9.46 1.01 13.56
CA ALA D 251 -9.88 1.77 12.40
C ALA D 251 -10.51 3.10 12.81
N VAL D 252 -11.33 3.09 13.87
CA VAL D 252 -11.94 4.32 14.36
C VAL D 252 -10.87 5.33 14.75
N ARG D 253 -9.88 4.89 15.53
CA ARG D 253 -8.81 5.79 15.96
C ARG D 253 -8.11 6.45 14.77
N GLU D 254 -7.70 5.63 13.78
CA GLU D 254 -6.98 6.16 12.62
C GLU D 254 -7.87 7.09 11.79
N TYR D 255 -9.06 6.62 11.44
CA TYR D 255 -9.98 7.44 10.65
C TYR D 255 -10.38 8.72 11.40
N ALA D 256 -10.65 8.63 12.70
CA ALA D 256 -10.97 9.85 13.45
C ALA D 256 -9.80 10.84 13.44
N ALA D 257 -8.56 10.33 13.52
CA ALA D 257 -7.42 11.23 13.49
C ALA D 257 -7.34 11.97 12.16
N HIS D 258 -7.65 11.28 11.05
CA HIS D 258 -7.66 11.96 9.76
C HIS D 258 -8.79 12.98 9.67
N TRP D 259 -9.98 12.63 10.17
CA TRP D 259 -11.07 13.62 10.17
C TRP D 259 -10.70 14.86 10.97
N SER D 260 -10.11 14.66 12.14
CA SER D 260 -9.78 15.81 13.00
C SER D 260 -8.74 16.71 12.33
N ALA D 261 -7.71 16.11 11.73
CA ALA D 261 -6.67 16.89 11.06
C ALA D 261 -7.23 17.63 9.85
N ALA D 262 -8.08 16.97 9.05
CA ALA D 262 -8.68 17.65 7.91
C ALA D 262 -9.49 18.86 8.36
N LEU D 263 -10.28 18.71 9.42
CA LEU D 263 -11.13 19.82 9.85
C LEU D 263 -10.30 20.97 10.39
N GLU D 264 -9.16 20.66 11.02
CA GLU D 264 -8.25 21.70 11.50
C GLU D 264 -7.84 22.63 10.38
N THR D 265 -7.66 22.11 9.16
CA THR D 265 -7.26 22.98 8.06
C THR D 265 -8.36 23.98 7.72
N TYR D 266 -9.62 23.66 8.04
CA TYR D 266 -10.70 24.63 7.88
C TYR D 266 -10.50 25.82 8.81
N ALA D 267 -10.11 25.54 10.05
CA ALA D 267 -9.74 26.60 10.98
C ALA D 267 -8.57 27.43 10.45
N GLN D 268 -7.53 26.74 9.94
CA GLN D 268 -6.41 27.41 9.25
C GLN D 268 -6.93 28.41 8.21
N ALA D 269 -7.87 27.96 7.37
CA ALA D 269 -8.36 28.83 6.30
C ALA D 269 -9.11 30.01 6.87
N LEU D 270 -9.87 29.80 7.94
CA LEU D 270 -10.62 30.89 8.53
C LEU D 270 -9.70 31.92 9.19
N ARG D 271 -8.61 31.45 9.80
CA ARG D 271 -7.66 32.37 10.39
C ARG D 271 -6.94 33.18 9.33
N ASP D 272 -6.55 32.55 8.22
CA ASP D 272 -5.72 33.19 7.21
C ASP D 272 -6.50 33.95 6.15
N GLY D 273 -7.80 33.69 5.99
CA GLY D 273 -8.55 34.32 4.94
C GLY D 273 -8.33 33.74 3.55
N HIS D 274 -7.64 32.61 3.41
CA HIS D 274 -7.42 31.99 2.11
C HIS D 274 -6.82 30.59 2.30
N ALA D 275 -6.79 29.83 1.20
CA ALA D 275 -6.31 28.44 1.20
C ALA D 275 -4.91 28.27 1.77
N ALA E 7 17.55 57.02 -33.68
CA ALA E 7 17.98 56.06 -32.66
C ALA E 7 16.96 55.97 -31.53
N LEU E 8 17.35 55.33 -30.43
CA LEU E 8 16.46 55.13 -29.28
C LEU E 8 17.13 55.64 -28.02
N SER E 9 16.37 56.37 -27.21
CA SER E 9 16.86 56.85 -25.93
C SER E 9 17.28 55.68 -25.04
N ALA E 10 18.04 56.00 -23.99
CA ALA E 10 18.36 54.98 -22.99
C ALA E 10 17.10 54.47 -22.30
N ALA E 11 16.05 55.29 -22.24
CA ALA E 11 14.77 54.82 -21.73
C ALA E 11 14.08 53.92 -22.75
N GLU E 12 13.89 54.43 -23.97
CA GLU E 12 13.22 53.66 -25.02
C GLU E 12 13.88 52.30 -25.22
N GLN E 13 15.19 52.22 -24.99
CA GLN E 13 15.92 50.97 -25.19
C GLN E 13 15.40 49.86 -24.29
N GLN E 14 14.89 50.20 -23.10
CA GLN E 14 14.35 49.21 -22.19
C GLN E 14 12.82 49.20 -22.14
N ASP E 15 12.17 50.33 -22.45
CA ASP E 15 10.72 50.28 -22.63
C ASP E 15 10.36 49.20 -23.63
N LEU E 16 11.15 49.07 -24.71
CA LEU E 16 10.92 48.05 -25.72
C LEU E 16 11.07 46.66 -25.13
N ASP E 17 12.22 46.39 -24.49
CA ASP E 17 12.42 45.10 -23.87
C ASP E 17 11.37 44.83 -22.80
N ALA E 18 10.81 45.89 -22.20
CA ALA E 18 9.75 45.73 -21.22
C ALA E 18 8.45 45.27 -21.88
N ARG E 19 8.02 45.97 -22.93
CA ARG E 19 6.87 45.50 -23.70
C ARG E 19 7.10 44.10 -24.26
N VAL E 20 8.37 43.76 -24.56
CA VAL E 20 8.66 42.47 -25.16
C VAL E 20 8.43 41.36 -24.15
N GLY E 21 8.97 41.51 -22.94
CA GLY E 21 8.67 40.55 -21.88
C GLY E 21 7.17 40.45 -21.61
N LYS E 22 6.44 41.55 -21.77
CA LYS E 22 5.01 41.50 -21.53
C LYS E 22 4.33 40.64 -22.58
N GLU E 23 4.71 40.79 -23.85
CA GLU E 23 4.14 39.95 -24.90
C GLU E 23 4.39 38.47 -24.61
N ILE E 24 5.59 38.14 -24.14
CA ILE E 24 5.89 36.75 -23.81
C ILE E 24 4.99 36.27 -22.68
N ASP E 25 4.82 37.11 -21.64
CA ASP E 25 3.83 36.87 -20.60
C ASP E 25 2.46 36.59 -21.19
N ALA E 26 1.96 37.52 -22.02
CA ALA E 26 0.62 37.39 -22.57
C ALA E 26 0.45 36.12 -23.39
N ALA E 27 1.52 35.62 -23.97
CA ALA E 27 1.46 34.41 -24.80
C ALA E 27 1.50 33.14 -23.98
N ARG E 28 1.62 33.24 -22.66
CA ARG E 28 1.60 32.09 -21.77
C ARG E 28 2.80 31.18 -22.03
N LEU E 29 3.97 31.77 -22.23
CA LEU E 29 5.20 31.02 -22.43
C LEU E 29 6.02 30.85 -21.15
N ARG E 30 5.72 31.61 -20.09
CA ARG E 30 6.47 31.49 -18.86
C ARG E 30 6.21 30.14 -18.20
N ARG E 31 6.99 29.86 -17.15
CA ARG E 31 6.98 28.55 -16.51
C ARG E 31 5.58 28.18 -15.99
N ALA E 32 4.99 29.06 -15.18
CA ALA E 32 3.75 28.74 -14.49
C ALA E 32 2.50 28.91 -15.35
N ASP E 33 2.63 29.38 -16.59
CA ASP E 33 1.44 29.60 -17.42
C ASP E 33 1.31 28.68 -18.62
N ASN E 34 2.37 27.98 -19.02
CA ASN E 34 2.38 27.24 -20.28
C ASN E 34 2.06 25.77 -20.03
N ALA E 35 1.04 25.26 -20.75
CA ALA E 35 0.50 23.95 -20.44
C ALA E 35 1.52 22.84 -20.62
N PHE E 36 2.47 23.00 -21.55
CA PHE E 36 3.47 21.95 -21.74
C PHE E 36 4.30 21.72 -20.48
N PHE E 37 4.87 22.80 -19.93
CA PHE E 37 5.71 22.66 -18.74
C PHE E 37 4.89 22.06 -17.60
N GLY E 38 3.63 22.48 -17.46
CA GLY E 38 2.75 21.92 -16.43
C GLY E 38 2.49 20.43 -16.63
N GLU E 39 2.13 20.03 -17.85
CA GLU E 39 1.83 18.62 -18.08
C GLU E 39 3.08 17.75 -17.98
N ALA E 40 4.24 18.29 -18.37
CA ALA E 40 5.48 17.53 -18.25
C ALA E 40 5.83 17.27 -16.79
N ARG E 41 5.51 18.22 -15.91
CA ARG E 41 5.72 17.96 -14.49
C ARG E 41 4.64 17.03 -13.95
N LYS E 42 3.36 17.38 -14.17
CA LYS E 42 2.25 16.64 -13.58
C LYS E 42 2.21 15.17 -14.01
N ALA E 43 2.82 14.84 -15.15
CA ALA E 43 2.66 13.49 -15.69
C ALA E 43 3.33 12.46 -14.77
N GLU E 44 2.73 11.26 -14.73
CA GLU E 44 3.29 10.15 -13.96
C GLU E 44 4.08 9.20 -14.84
N SER E 45 3.47 8.75 -15.94
CA SER E 45 4.14 7.95 -16.95
C SER E 45 3.90 8.61 -18.31
N VAL E 46 4.73 8.24 -19.29
CA VAL E 46 4.63 8.78 -20.64
C VAL E 46 4.79 7.63 -21.63
N THR E 47 3.81 7.44 -22.51
CA THR E 47 3.93 6.39 -23.49
C THR E 47 5.05 6.71 -24.47
N PRO E 48 5.70 5.70 -25.03
CA PRO E 48 6.71 5.97 -26.07
C PRO E 48 6.12 6.62 -27.30
N GLU E 49 4.83 6.43 -27.57
CA GLU E 49 4.23 7.01 -28.76
C GLU E 49 4.07 8.52 -28.60
N ALA E 50 3.65 8.97 -27.41
CA ALA E 50 3.57 10.41 -27.15
C ALA E 50 4.96 11.05 -27.14
N ALA E 51 5.94 10.37 -26.56
CA ALA E 51 7.29 10.93 -26.53
C ALA E 51 7.92 10.97 -27.93
N LEU E 52 7.52 10.05 -28.81
CA LEU E 52 8.02 10.08 -30.18
C LEU E 52 7.35 11.19 -30.98
N ALA E 53 6.05 11.40 -30.79
CA ALA E 53 5.40 12.52 -31.45
C ALA E 53 6.08 13.83 -31.08
N ILE E 54 6.30 14.03 -29.78
CA ILE E 54 7.01 15.24 -29.34
C ILE E 54 8.42 15.29 -29.93
N ALA E 55 9.08 14.15 -30.06
CA ALA E 55 10.44 14.19 -30.58
C ALA E 55 10.47 14.59 -32.06
N HIS E 56 9.54 14.07 -32.86
CA HIS E 56 9.48 14.50 -34.26
C HIS E 56 9.21 16.00 -34.35
N ARG E 57 8.27 16.48 -33.54
CA ARG E 57 7.91 17.89 -33.52
C ARG E 57 9.11 18.76 -33.12
N TRP E 58 9.84 18.36 -32.08
CA TRP E 58 11.00 19.17 -31.68
C TRP E 58 12.11 19.10 -32.71
N ARG E 59 12.29 17.95 -33.37
CA ARG E 59 13.29 17.86 -34.43
C ARG E 59 12.99 18.89 -35.50
N ALA E 60 11.72 19.01 -35.90
CA ALA E 60 11.35 19.95 -36.93
C ALA E 60 11.53 21.38 -36.43
N MET E 61 11.12 21.64 -35.19
CA MET E 61 11.11 23.00 -34.69
C MET E 61 12.52 23.52 -34.46
N THR E 62 13.41 22.66 -33.97
CA THR E 62 14.75 23.18 -33.68
C THR E 62 15.63 23.20 -34.91
N LYS E 63 15.40 22.32 -35.89
CA LYS E 63 16.08 22.44 -37.18
C LYS E 63 15.71 23.75 -37.86
N ALA E 64 14.41 24.07 -37.89
CA ALA E 64 13.97 25.30 -38.51
C ALA E 64 14.50 26.51 -37.78
N PHE E 65 14.53 26.44 -36.44
CA PHE E 65 15.05 27.55 -35.65
C PHE E 65 16.47 27.87 -36.05
N MET E 66 17.33 26.85 -36.13
CA MET E 66 18.74 27.08 -36.42
C MET E 66 18.90 27.67 -37.81
N PHE E 67 18.37 26.99 -38.83
CA PHE E 67 18.57 27.45 -40.20
C PHE E 67 17.90 28.79 -40.46
N THR E 68 16.67 28.99 -39.97
CA THR E 68 16.03 30.28 -40.25
C THR E 68 16.68 31.42 -39.46
N THR E 69 17.22 31.13 -38.28
CA THR E 69 18.00 32.15 -37.58
C THR E 69 19.26 32.48 -38.37
N LEU E 70 19.97 31.46 -38.86
CA LEU E 70 21.15 31.72 -39.67
C LEU E 70 20.77 32.51 -40.91
N SER E 71 19.64 32.19 -41.52
CA SER E 71 19.19 32.94 -42.69
C SER E 71 18.93 34.40 -42.32
N GLY E 72 18.29 34.64 -41.16
CA GLY E 72 18.05 36.02 -40.76
C GLY E 72 19.33 36.79 -40.48
N LEU E 73 20.33 36.10 -39.95
CA LEU E 73 21.66 36.69 -39.79
C LEU E 73 22.20 37.18 -41.13
N GLY E 74 22.04 36.37 -42.18
CA GLY E 74 22.48 36.79 -43.50
C GLY E 74 21.78 38.03 -43.99
N VAL E 75 20.46 38.11 -43.75
CA VAL E 75 19.72 39.33 -44.06
C VAL E 75 20.35 40.54 -43.38
N MET E 76 20.64 40.43 -42.08
CA MET E 76 21.27 41.54 -41.39
C MET E 76 22.62 41.85 -42.00
N ALA E 77 23.37 40.81 -42.37
CA ALA E 77 24.70 41.03 -42.95
C ALA E 77 24.60 41.86 -44.21
N ARG E 78 23.65 41.51 -45.08
CA ARG E 78 23.41 42.27 -46.30
C ARG E 78 23.07 43.73 -45.99
N ARG E 79 22.21 43.94 -44.98
CA ARG E 79 21.88 45.30 -44.57
C ARG E 79 23.11 46.06 -44.04
N PHE E 80 23.91 45.42 -43.20
CA PHE E 80 25.14 46.07 -42.71
C PHE E 80 26.09 46.38 -43.86
N GLN E 81 26.12 45.53 -44.90
CA GLN E 81 27.03 45.83 -45.98
C GLN E 81 26.58 47.04 -46.76
N GLY E 82 25.28 47.33 -46.78
CA GLY E 82 24.81 48.55 -47.44
C GLY E 82 25.23 49.83 -46.75
N GLN E 83 25.76 49.74 -45.53
CA GLN E 83 26.17 50.89 -44.74
C GLN E 83 27.67 51.08 -44.82
N ASP E 84 28.09 52.35 -44.91
CA ASP E 84 29.52 52.67 -44.94
C ASP E 84 30.21 52.28 -43.63
N ALA E 85 29.53 52.48 -42.50
CA ALA E 85 30.14 52.21 -41.19
C ALA E 85 29.05 51.83 -40.19
N PRO E 86 28.64 50.57 -40.19
CA PRO E 86 27.67 50.11 -39.19
C PRO E 86 28.07 50.51 -37.77
N ASP E 87 27.06 50.92 -36.99
CA ASP E 87 27.25 51.26 -35.59
C ASP E 87 27.83 50.09 -34.81
N HIS E 88 28.92 50.35 -34.07
CA HIS E 88 29.59 49.28 -33.34
C HIS E 88 28.68 48.63 -32.32
N GLU E 89 27.67 49.36 -31.82
CA GLU E 89 26.75 48.73 -30.88
C GLU E 89 25.97 47.64 -31.58
N LEU E 90 25.48 47.91 -32.80
CA LEU E 90 24.73 46.91 -33.54
C LEU E 90 25.62 45.74 -33.92
N LEU E 91 26.87 46.01 -34.29
CA LEU E 91 27.78 44.90 -34.59
C LEU E 91 28.00 44.02 -33.36
N ALA E 92 28.03 44.60 -32.16
CA ALA E 92 28.21 43.80 -30.95
C ALA E 92 27.05 42.83 -30.78
N ALA E 93 25.81 43.32 -30.90
CA ALA E 93 24.64 42.46 -30.86
C ALA E 93 24.66 41.43 -31.99
N PHE E 94 25.17 41.83 -33.15
CA PHE E 94 25.28 40.92 -34.30
C PHE E 94 26.26 39.81 -33.97
N GLN E 95 27.38 40.17 -33.34
CA GLN E 95 28.28 39.16 -32.79
C GLN E 95 27.56 38.23 -31.83
N THR E 96 26.57 38.73 -31.10
CA THR E 96 25.88 37.87 -30.13
C THR E 96 25.03 36.83 -30.85
N VAL E 97 24.24 37.27 -31.84
CA VAL E 97 23.46 36.35 -32.66
C VAL E 97 24.35 35.24 -33.20
N TYR E 98 25.51 35.61 -33.77
CA TYR E 98 26.39 34.63 -34.39
C TYR E 98 26.92 33.63 -33.37
N GLN E 99 27.31 34.11 -32.18
CA GLN E 99 27.82 33.19 -31.17
C GLN E 99 26.73 32.25 -30.67
N VAL E 100 25.54 32.79 -30.38
CA VAL E 100 24.48 32.00 -29.78
C VAL E 100 24.02 30.90 -30.71
N ILE E 101 23.72 31.24 -31.97
CA ILE E 101 23.23 30.23 -32.90
C ILE E 101 24.33 29.24 -33.24
N GLY E 102 25.59 29.63 -33.08
CA GLY E 102 26.67 28.69 -33.29
C GLY E 102 26.73 27.59 -32.27
N ASP E 103 25.99 27.72 -31.16
CA ASP E 103 25.82 26.57 -30.31
C ASP E 103 25.08 25.45 -31.05
N ASP E 104 23.97 25.79 -31.72
CA ASP E 104 23.17 24.77 -32.42
C ASP E 104 23.94 24.13 -33.56
N LEU E 105 24.74 24.92 -34.28
CA LEU E 105 25.44 24.42 -35.46
C LEU E 105 26.78 23.79 -35.14
N ASP E 106 27.48 24.27 -34.10
CA ASP E 106 28.86 23.91 -33.88
C ASP E 106 29.23 23.64 -32.43
N ASN E 107 28.30 23.78 -31.49
CA ASN E 107 28.55 23.45 -30.07
C ASN E 107 29.69 24.30 -29.49
N ALA E 108 29.57 25.62 -29.70
CA ALA E 108 30.63 26.54 -29.31
C ALA E 108 30.76 26.63 -27.80
N ALA E 109 29.65 26.81 -27.10
CA ALA E 109 29.69 27.01 -25.66
C ALA E 109 30.22 25.75 -24.96
N PRO E 110 31.04 25.93 -23.90
CA PRO E 110 31.68 24.77 -23.26
C PRO E 110 30.72 23.69 -22.80
N ALA E 111 29.56 24.06 -22.25
CA ALA E 111 28.56 23.08 -21.84
C ALA E 111 28.23 22.11 -22.96
N PHE E 112 28.21 22.59 -24.21
CA PHE E 112 28.01 21.73 -25.37
C PHE E 112 29.32 21.08 -25.85
N ARG E 113 30.43 21.81 -25.82
CA ARG E 113 31.67 21.27 -26.41
C ARG E 113 32.19 20.07 -25.62
N GLU E 114 31.88 19.98 -24.32
CA GLU E 114 32.37 18.86 -23.51
C GLU E 114 31.63 17.56 -23.81
N VAL E 115 30.38 17.59 -24.24
CA VAL E 115 29.62 16.35 -24.38
C VAL E 115 29.13 16.11 -25.80
N ALA E 116 29.04 17.12 -26.66
CA ALA E 116 28.43 16.93 -27.97
C ALA E 116 29.31 16.08 -28.89
N PRO E 117 28.70 15.26 -29.76
CA PRO E 117 29.50 14.57 -30.78
C PRO E 117 30.17 15.56 -31.71
N ARG E 118 31.20 15.09 -32.41
CA ARG E 118 31.93 15.94 -33.36
C ARG E 118 31.24 15.97 -34.72
N GLY E 119 31.44 17.06 -35.44
CA GLY E 119 31.00 17.16 -36.81
C GLY E 119 29.50 17.33 -36.96
N PRO E 120 28.97 16.94 -38.11
CA PRO E 120 27.51 17.06 -38.31
C PRO E 120 26.68 16.27 -37.31
N ALA E 121 27.21 15.20 -36.74
CA ALA E 121 26.46 14.50 -35.70
C ALA E 121 26.22 15.38 -34.48
N GLY E 122 26.98 16.47 -34.33
CA GLY E 122 26.80 17.39 -33.21
C GLY E 122 25.76 18.46 -33.43
N ILE E 123 25.32 18.67 -34.68
CA ILE E 123 24.27 19.67 -34.92
C ILE E 123 23.04 19.29 -34.11
N HIS E 124 22.48 20.29 -33.42
CA HIS E 124 21.52 19.99 -32.36
C HIS E 124 20.30 19.21 -32.86
N TYR E 125 19.78 19.51 -34.05
CA TYR E 125 18.64 18.72 -34.51
C TYR E 125 19.05 17.29 -34.87
N VAL E 126 20.30 17.10 -35.29
CA VAL E 126 20.79 15.77 -35.62
C VAL E 126 21.10 15.00 -34.35
N TRP E 127 21.76 15.67 -33.41
CA TRP E 127 22.05 15.06 -32.11
C TRP E 127 20.75 14.59 -31.46
N TRP E 128 19.69 15.42 -31.53
CA TRP E 128 18.38 15.02 -31.01
C TRP E 128 17.81 13.82 -31.75
N GLU E 129 17.97 13.80 -33.08
CA GLU E 129 17.53 12.65 -33.89
C GLU E 129 18.14 11.36 -33.36
N ASP E 130 19.47 11.35 -33.20
CA ASP E 130 20.21 10.12 -32.93
C ASP E 130 19.97 9.62 -31.50
N THR E 131 19.98 10.53 -30.52
CA THR E 131 20.06 10.15 -29.12
C THR E 131 18.75 10.27 -28.36
N VAL E 132 17.74 10.96 -28.90
CA VAL E 132 16.41 10.99 -28.30
C VAL E 132 15.38 10.33 -29.18
N LEU E 133 15.28 10.79 -30.44
CA LEU E 133 14.17 10.37 -31.30
C LEU E 133 14.30 8.89 -31.67
N LYS E 134 15.44 8.48 -32.19
CA LYS E 134 15.56 7.11 -32.66
C LYS E 134 15.46 6.09 -31.52
N PRO E 135 16.12 6.31 -30.36
CA PRO E 135 15.95 5.31 -29.28
C PRO E 135 14.49 5.17 -28.85
N VAL E 136 13.74 6.28 -28.78
CA VAL E 136 12.31 6.18 -28.52
C VAL E 136 11.60 5.40 -29.63
N ALA E 137 11.94 5.67 -30.90
CA ALA E 137 11.23 5.04 -32.01
C ALA E 137 11.40 3.52 -32.02
N ALA E 138 12.51 3.03 -31.48
CA ALA E 138 12.76 1.59 -31.47
C ALA E 138 11.69 0.84 -30.70
N HIS E 139 10.92 1.53 -29.87
CA HIS E 139 9.88 0.93 -29.03
C HIS E 139 8.48 1.27 -29.51
N VAL E 140 8.32 1.67 -30.77
CA VAL E 140 7.02 2.10 -31.30
C VAL E 140 6.72 1.32 -32.57
N ALA E 141 5.49 0.81 -32.69
CA ALA E 141 5.10 0.08 -33.88
C ALA E 141 5.01 1.02 -35.09
N GLU E 142 5.26 0.44 -36.27
CA GLU E 142 5.40 1.20 -37.52
C GLU E 142 4.22 2.14 -37.76
N GLU E 143 3.01 1.62 -37.68
CA GLU E 143 1.82 2.45 -37.84
C GLU E 143 1.82 3.62 -36.87
N ASP E 144 2.22 3.37 -35.62
CA ASP E 144 2.23 4.46 -34.64
C ASP E 144 3.37 5.45 -34.90
N ARG E 145 4.52 4.96 -35.37
CA ARG E 145 5.59 5.86 -35.78
C ARG E 145 5.12 6.85 -36.85
N GLN E 146 4.38 6.35 -37.84
CA GLN E 146 3.89 7.21 -38.91
C GLN E 146 2.93 8.25 -38.40
N SER E 147 2.07 7.89 -37.44
CA SER E 147 1.23 8.88 -36.79
C SER E 147 2.07 9.91 -36.03
N ALA E 148 3.15 9.44 -35.39
CA ALA E 148 3.99 10.34 -34.62
C ALA E 148 4.71 11.35 -35.51
N ALA E 149 5.08 10.93 -36.73
CA ALA E 149 5.82 11.75 -37.65
C ALA E 149 4.96 12.83 -38.34
N VAL E 150 3.64 12.74 -38.24
CA VAL E 150 2.78 13.76 -38.85
C VAL E 150 2.68 14.92 -37.88
N LEU E 151 3.16 16.08 -38.28
CA LEU E 151 3.21 17.23 -37.40
C LEU E 151 1.84 17.89 -37.28
N PRO E 152 1.49 18.40 -36.09
CA PRO E 152 0.21 19.11 -35.95
C PRO E 152 0.26 20.48 -36.61
N ARG E 153 -0.93 20.98 -37.00
CA ARG E 153 -0.98 22.26 -37.68
C ARG E 153 -0.37 23.39 -36.84
N ALA E 154 -0.45 23.33 -35.50
CA ALA E 154 0.19 24.39 -34.72
C ALA E 154 1.71 24.35 -34.89
N VAL E 155 2.27 23.16 -35.12
CA VAL E 155 3.71 23.08 -35.38
C VAL E 155 4.05 23.63 -36.76
N THR E 156 3.29 23.24 -37.79
CA THR E 156 3.55 23.81 -39.11
C THR E 156 3.32 25.31 -39.13
N GLY E 157 2.33 25.78 -38.36
CA GLY E 157 2.15 27.22 -38.24
C GLY E 157 3.39 27.93 -37.72
N LEU E 158 4.06 27.32 -36.73
CA LEU E 158 5.32 27.89 -36.25
C LEU E 158 6.41 27.78 -37.30
N LEU E 159 6.45 26.67 -38.03
CA LEU E 159 7.53 26.54 -39.02
C LEU E 159 7.38 27.60 -40.11
N ASP E 160 6.13 27.94 -40.48
CA ASP E 160 5.90 29.00 -41.44
C ASP E 160 6.26 30.37 -40.85
N SER E 161 6.00 30.58 -39.57
CA SER E 161 6.46 31.81 -38.94
C SER E 161 7.98 31.91 -39.03
N MET E 162 8.69 30.80 -38.86
CA MET E 162 10.16 30.85 -38.91
C MET E 162 10.66 31.15 -40.33
N ASP E 163 10.03 30.56 -41.34
CA ASP E 163 10.36 30.86 -42.74
C ASP E 163 10.19 32.34 -43.06
N ARG E 164 9.15 32.98 -42.50
CA ARG E 164 8.96 34.40 -42.73
C ARG E 164 10.09 35.20 -42.09
N LEU E 165 10.43 34.87 -40.84
CA LEU E 165 11.48 35.60 -40.15
C LEU E 165 12.85 35.31 -40.73
N ALA E 166 12.99 34.23 -41.51
CA ALA E 166 14.24 33.91 -42.18
C ALA E 166 14.67 35.00 -43.17
N THR E 167 13.73 35.80 -43.68
CA THR E 167 14.04 36.88 -44.60
C THR E 167 13.78 38.26 -43.98
N HIS E 168 13.44 38.31 -42.72
CA HIS E 168 13.04 39.55 -42.05
C HIS E 168 14.27 40.23 -41.44
N PRO E 169 14.46 41.53 -41.68
CA PRO E 169 15.67 42.21 -41.17
C PRO E 169 15.83 42.16 -39.65
N LEU E 170 14.76 41.97 -38.88
CA LEU E 170 14.88 41.74 -37.45
C LEU E 170 14.62 40.28 -37.08
N GLY E 171 14.50 39.40 -38.06
CA GLY E 171 13.98 38.06 -37.80
C GLY E 171 14.84 37.28 -36.82
N ALA E 172 16.15 37.31 -37.02
CA ALA E 172 17.03 36.57 -36.12
C ALA E 172 16.95 37.11 -34.70
N ALA E 173 16.87 38.43 -34.56
CA ALA E 173 16.77 39.04 -33.23
C ALA E 173 15.45 38.70 -32.57
N VAL E 174 14.35 38.73 -33.34
CA VAL E 174 13.04 38.33 -32.79
C VAL E 174 13.10 36.90 -32.28
N GLN E 175 13.72 36.01 -33.06
CA GLN E 175 13.70 34.59 -32.72
C GLN E 175 14.54 34.30 -31.50
N LEU E 176 15.77 34.82 -31.46
CA LEU E 176 16.63 34.60 -30.29
C LEU E 176 16.03 35.20 -29.03
N ARG E 177 15.40 36.37 -29.15
CA ARG E 177 14.86 37.04 -27.98
C ARG E 177 13.72 36.25 -27.34
N VAL E 178 12.81 35.69 -28.16
CA VAL E 178 11.74 34.87 -27.60
C VAL E 178 12.30 33.54 -27.12
N VAL E 179 13.12 32.89 -27.96
CA VAL E 179 13.47 31.48 -27.72
C VAL E 179 14.41 31.34 -26.54
N GLU E 180 15.35 32.26 -26.36
CA GLU E 180 16.26 32.01 -25.24
C GLU E 180 15.64 32.41 -23.89
N ASP E 181 14.46 33.04 -23.89
CA ASP E 181 13.68 33.14 -22.66
C ASP E 181 13.08 31.79 -22.25
N ILE E 182 12.68 30.97 -23.21
CA ILE E 182 11.88 29.78 -22.94
C ILE E 182 12.67 28.50 -23.08
N ALA E 183 13.95 28.57 -23.44
CA ALA E 183 14.69 27.34 -23.72
C ALA E 183 14.83 26.49 -22.46
N LEU E 184 15.12 27.11 -21.32
CA LEU E 184 15.33 26.34 -20.09
C LEU E 184 14.08 25.54 -19.74
N ASP E 185 12.92 26.22 -19.74
CA ASP E 185 11.66 25.53 -19.39
C ASP E 185 11.34 24.41 -20.37
N ILE E 186 11.74 24.55 -21.63
CA ILE E 186 11.54 23.46 -22.58
C ILE E 186 12.45 22.28 -22.21
N ALA E 187 13.73 22.55 -21.99
CA ALA E 187 14.67 21.46 -21.73
C ALA E 187 14.29 20.70 -20.46
N VAL E 188 13.81 21.42 -19.45
CA VAL E 188 13.39 20.77 -18.22
C VAL E 188 12.14 19.93 -18.47
N GLY E 189 11.23 20.44 -19.30
CA GLY E 189 10.08 19.63 -19.71
C GLY E 189 10.49 18.33 -20.37
N PHE E 190 11.53 18.39 -21.21
CA PHE E 190 12.08 17.19 -21.84
C PHE E 190 12.69 16.26 -20.80
N ARG E 191 13.52 16.81 -19.90
CA ARG E 191 14.16 15.96 -18.89
C ARG E 191 13.12 15.17 -18.11
N ARG E 192 12.03 15.82 -17.72
CA ARG E 192 10.98 15.15 -16.97
C ARG E 192 10.25 14.12 -17.82
N LEU E 193 9.79 14.50 -19.02
CA LEU E 193 8.91 13.61 -19.76
C LEU E 193 9.67 12.41 -20.31
N TYR E 194 10.90 12.61 -20.78
CA TYR E 194 11.58 11.48 -21.41
C TYR E 194 12.09 10.49 -20.37
N ALA E 195 12.49 10.98 -19.20
CA ALA E 195 12.81 10.09 -18.08
C ALA E 195 11.60 9.24 -17.69
N LYS E 196 10.40 9.75 -17.87
CA LYS E 196 9.18 9.10 -17.42
C LYS E 196 8.57 8.17 -18.47
N VAL E 197 9.32 7.79 -19.51
CA VAL E 197 8.73 7.02 -20.60
C VAL E 197 8.67 5.54 -20.21
N GLU E 198 7.48 4.96 -20.29
CA GLU E 198 7.26 3.60 -19.82
C GLU E 198 7.34 2.63 -20.99
N VAL E 199 8.42 1.86 -21.04
CA VAL E 199 8.52 0.72 -21.93
C VAL E 199 8.58 -0.52 -21.04
N PRO E 200 7.85 -1.59 -21.35
CA PRO E 200 7.93 -2.80 -20.52
C PRO E 200 9.21 -3.58 -20.80
N GLY E 201 9.97 -3.85 -19.74
CA GLY E 201 11.15 -4.68 -19.85
C GLY E 201 12.45 -4.03 -19.41
N THR E 202 12.67 -2.79 -19.84
CA THR E 202 13.91 -2.08 -19.60
C THR E 202 13.59 -0.67 -19.11
N THR E 203 14.62 0.13 -18.94
CA THR E 203 14.50 1.54 -18.65
C THR E 203 15.12 2.33 -19.79
N LEU E 204 14.59 3.52 -20.01
CA LEU E 204 15.10 4.41 -21.05
C LEU E 204 15.61 5.69 -20.41
N PHE E 205 16.71 6.22 -20.95
CA PHE E 205 17.30 7.47 -20.50
C PHE E 205 17.73 7.41 -19.04
N ALA E 206 17.94 6.19 -18.52
CA ALA E 206 18.46 6.02 -17.17
C ALA E 206 19.98 6.00 -17.11
N GLY E 207 20.64 5.49 -18.16
CA GLY E 207 22.08 5.57 -18.24
C GLY E 207 22.58 7.01 -18.18
N ARG E 208 23.84 7.16 -17.76
CA ARG E 208 24.30 8.48 -17.35
C ARG E 208 24.47 9.42 -18.53
N ASP E 209 24.96 8.93 -19.67
CA ASP E 209 25.10 9.78 -20.83
C ASP E 209 23.95 9.59 -21.83
N ASP E 210 22.75 9.23 -21.33
CA ASP E 210 21.64 8.97 -22.24
C ASP E 210 20.91 10.26 -22.60
N LEU E 211 20.83 11.20 -21.67
CA LEU E 211 20.17 12.47 -21.88
C LEU E 211 21.18 13.61 -22.00
N ALA E 212 22.33 13.33 -22.64
CA ALA E 212 23.35 14.36 -22.78
C ALA E 212 22.81 15.60 -23.50
N TRP E 213 21.92 15.40 -24.48
CA TRP E 213 21.33 16.55 -25.18
C TRP E 213 20.57 17.45 -24.21
N VAL E 214 19.65 16.88 -23.43
CA VAL E 214 18.83 17.68 -22.54
C VAL E 214 19.67 18.29 -21.41
N ASP E 215 20.63 17.53 -20.89
CA ASP E 215 21.36 17.98 -19.72
C ASP E 215 22.28 19.16 -20.05
N SER E 216 23.07 19.04 -21.13
CA SER E 216 23.93 20.15 -21.53
C SER E 216 23.13 21.41 -21.83
N HIS E 217 21.92 21.27 -22.37
CA HIS E 217 21.07 22.43 -22.57
C HIS E 217 20.66 23.06 -21.25
N ILE E 218 20.30 22.24 -20.26
CA ILE E 218 20.01 22.78 -18.93
C ILE E 218 21.26 23.42 -18.35
N LYS E 219 22.41 22.75 -18.47
CA LYS E 219 23.66 23.31 -17.98
C LYS E 219 23.98 24.64 -18.67
N ALA E 220 23.83 24.69 -20.00
CA ALA E 220 24.15 25.91 -20.72
C ALA E 220 23.28 27.08 -20.27
N GLU E 221 21.98 26.82 -20.10
CA GLU E 221 21.05 27.87 -19.67
C GLU E 221 21.29 28.30 -18.23
N THR E 222 21.80 27.39 -17.37
CA THR E 222 22.07 27.75 -15.98
C THR E 222 23.42 28.44 -15.81
N MET E 223 24.33 28.28 -16.77
CA MET E 223 25.50 29.14 -16.85
C MET E 223 25.20 30.49 -17.46
N HIS E 224 23.94 30.70 -17.88
CA HIS E 224 23.40 31.95 -18.40
C HIS E 224 23.90 32.24 -19.81
N ALA E 225 23.16 31.76 -20.80
CA ALA E 225 23.27 32.22 -22.18
C ALA E 225 22.30 33.36 -22.47
N ALA E 226 21.98 34.17 -21.46
CA ALA E 226 21.00 35.25 -21.59
C ALA E 226 21.64 36.55 -22.06
N GLN E 227 22.56 36.48 -23.03
CA GLN E 227 23.02 37.65 -23.76
C GLN E 227 22.02 38.11 -24.81
N VAL E 228 20.91 37.36 -24.95
CA VAL E 228 19.79 37.78 -25.81
C VAL E 228 18.89 38.78 -25.07
N SER E 229 18.82 38.69 -23.74
CA SER E 229 18.02 39.59 -22.93
C SER E 229 18.87 40.70 -22.30
N ASP E 230 20.16 40.77 -22.64
CA ASP E 230 21.02 41.83 -22.11
C ASP E 230 20.55 43.20 -22.59
N GLU E 231 20.89 44.23 -21.82
CA GLU E 231 20.50 45.59 -22.17
C GLU E 231 21.47 46.27 -23.14
N ASP E 232 22.72 45.82 -23.20
CA ASP E 232 23.73 46.48 -24.03
C ASP E 232 24.12 45.67 -25.26
N THR E 233 24.16 44.33 -25.17
CA THR E 233 24.39 43.47 -26.32
C THR E 233 23.23 42.50 -26.52
N GLY E 234 22.01 42.96 -26.22
CA GLY E 234 20.82 42.16 -26.34
C GLY E 234 20.11 42.36 -27.67
N MET E 235 19.09 41.54 -27.90
CA MET E 235 18.41 41.54 -29.19
C MET E 235 17.74 42.87 -29.47
N THR E 236 17.20 43.54 -28.44
CA THR E 236 16.62 44.86 -28.69
C THR E 236 17.67 45.89 -29.08
N ARG E 237 18.96 45.55 -28.97
CA ARG E 237 19.98 46.49 -29.42
C ARG E 237 20.15 46.47 -30.93
N LEU E 238 19.67 45.43 -31.59
CA LEU E 238 19.62 45.47 -33.04
C LEU E 238 18.48 46.36 -33.53
N VAL E 239 17.63 46.86 -32.64
CA VAL E 239 16.64 47.85 -33.05
C VAL E 239 17.33 49.20 -33.18
N ALA E 240 17.03 49.92 -34.26
CA ALA E 240 17.65 51.21 -34.55
C ALA E 240 16.71 52.37 -34.25
N ASP E 241 15.52 52.36 -34.83
CA ASP E 241 14.60 53.48 -34.75
C ASP E 241 13.25 53.00 -34.22
N ARG E 242 12.30 53.94 -34.14
CA ARG E 242 10.98 53.63 -33.62
C ARG E 242 10.16 52.77 -34.58
N GLU E 243 10.36 52.96 -35.90
CA GLU E 243 9.60 52.18 -36.87
C GLU E 243 9.88 50.70 -36.73
N GLN E 244 11.15 50.35 -36.48
CA GLN E 244 11.50 48.96 -36.23
C GLN E 244 10.95 48.48 -34.90
N ALA E 245 10.90 49.38 -33.90
CA ALA E 245 10.40 48.99 -32.59
C ALA E 245 8.96 48.46 -32.66
N GLU E 246 8.09 49.13 -33.43
CA GLU E 246 6.73 48.61 -33.56
C GLU E 246 6.69 47.33 -34.40
N GLU E 247 7.57 47.22 -35.40
CA GLU E 247 7.70 45.98 -36.16
C GLU E 247 8.20 44.85 -35.29
N PHE E 248 9.29 45.09 -34.56
CA PHE E 248 9.83 44.11 -33.63
C PHE E 248 8.75 43.61 -32.67
N LEU E 249 7.99 44.53 -32.09
CA LEU E 249 6.94 44.16 -31.15
C LEU E 249 5.88 43.30 -31.83
N THR E 250 5.43 43.70 -33.02
CA THR E 250 4.43 42.91 -33.73
C THR E 250 4.96 41.54 -34.13
N ALA E 251 6.24 41.44 -34.48
CA ALA E 251 6.84 40.16 -34.84
C ALA E 251 6.92 39.25 -33.61
N VAL E 252 7.31 39.82 -32.47
CA VAL E 252 7.38 39.04 -31.24
C VAL E 252 6.00 38.51 -30.86
N ARG E 253 4.97 39.35 -30.94
CA ARG E 253 3.64 38.90 -30.55
C ARG E 253 3.18 37.72 -31.40
N GLU E 254 3.38 37.81 -32.72
CA GLU E 254 2.95 36.73 -33.59
C GLU E 254 3.79 35.48 -33.41
N TYR E 255 5.12 35.65 -33.32
CA TYR E 255 6.01 34.52 -33.11
C TYR E 255 5.73 33.85 -31.76
N ALA E 256 5.64 34.64 -30.70
CA ALA E 256 5.35 34.07 -29.38
C ALA E 256 4.10 33.21 -29.44
N ALA E 257 3.04 33.72 -30.08
CA ALA E 257 1.78 32.98 -30.15
C ALA E 257 1.94 31.64 -30.86
N HIS E 258 2.76 31.61 -31.93
CA HIS E 258 3.01 30.33 -32.59
C HIS E 258 3.79 29.38 -31.70
N TRP E 259 4.84 29.87 -31.04
CA TRP E 259 5.59 29.00 -30.14
C TRP E 259 4.68 28.44 -29.04
N SER E 260 3.74 29.25 -28.55
CA SER E 260 2.89 28.77 -27.47
C SER E 260 1.92 27.72 -27.96
N ALA E 261 1.34 27.91 -29.15
CA ALA E 261 0.41 26.92 -29.68
C ALA E 261 1.12 25.62 -30.01
N ALA E 262 2.34 25.70 -30.52
CA ALA E 262 3.10 24.49 -30.83
C ALA E 262 3.38 23.70 -29.56
N LEU E 263 3.80 24.40 -28.50
CA LEU E 263 4.10 23.73 -27.24
C LEU E 263 2.84 23.15 -26.59
N GLU E 264 1.70 23.83 -26.75
CA GLU E 264 0.44 23.28 -26.29
C GLU E 264 0.19 21.90 -26.89
N THR E 265 0.65 21.65 -28.14
CA THR E 265 0.46 20.32 -28.71
C THR E 265 1.31 19.29 -27.99
N TYR E 266 2.45 19.70 -27.42
CA TYR E 266 3.20 18.76 -26.60
C TYR E 266 2.38 18.35 -25.37
N ALA E 267 1.71 19.32 -24.75
CA ALA E 267 0.81 19.03 -23.64
C ALA E 267 -0.29 18.06 -24.08
N GLN E 268 -0.96 18.35 -25.20
CA GLN E 268 -1.97 17.45 -25.74
C GLN E 268 -1.45 16.04 -25.91
N ALA E 269 -0.27 15.90 -26.52
CA ALA E 269 0.32 14.57 -26.70
C ALA E 269 0.48 13.86 -25.37
N LEU E 270 0.92 14.58 -24.34
CA LEU E 270 1.15 13.97 -23.03
C LEU E 270 -0.17 13.48 -22.42
N ARG E 271 -1.18 14.35 -22.35
CA ARG E 271 -2.49 13.94 -21.84
C ARG E 271 -3.06 12.77 -22.62
N ASP E 272 -2.86 12.76 -23.94
CA ASP E 272 -3.42 11.70 -24.78
C ASP E 272 -2.61 10.41 -24.71
N GLY E 273 -1.36 10.47 -24.32
CA GLY E 273 -0.53 9.29 -24.39
C GLY E 273 -0.26 8.78 -25.79
N HIS E 274 -0.54 9.57 -26.82
CA HIS E 274 -0.27 9.17 -28.20
C HIS E 274 -0.26 10.43 -29.07
N ALA E 275 -0.17 10.24 -30.38
CA ALA E 275 -0.36 11.33 -31.34
C ALA E 275 -1.83 11.67 -31.49
N ALA F 7 -18.79 8.88 -24.80
CA ALA F 7 -20.14 8.97 -24.24
C ALA F 7 -21.18 8.43 -25.21
N LEU F 8 -22.29 7.92 -24.68
CA LEU F 8 -23.39 7.41 -25.50
C LEU F 8 -24.34 8.57 -25.81
N SER F 9 -24.42 8.94 -27.08
CA SER F 9 -25.44 9.87 -27.51
C SER F 9 -26.83 9.28 -27.28
N ALA F 10 -27.85 10.16 -27.25
CA ALA F 10 -29.22 9.69 -27.19
C ALA F 10 -29.55 8.78 -28.36
N ALA F 11 -28.72 8.79 -29.41
CA ALA F 11 -28.87 7.87 -30.52
C ALA F 11 -28.38 6.47 -30.14
N GLU F 12 -27.16 6.38 -29.61
CA GLU F 12 -26.64 5.08 -29.21
C GLU F 12 -27.46 4.48 -28.06
N GLN F 13 -28.12 5.33 -27.27
CA GLN F 13 -28.90 4.84 -26.12
C GLN F 13 -30.07 3.96 -26.57
N GLN F 14 -30.82 4.40 -27.59
CA GLN F 14 -31.98 3.63 -28.02
C GLN F 14 -31.59 2.32 -28.69
N ASP F 15 -30.51 2.34 -29.48
CA ASP F 15 -29.99 1.08 -30.03
C ASP F 15 -29.70 0.07 -28.93
N LEU F 16 -29.02 0.51 -27.88
CA LEU F 16 -28.72 -0.37 -26.75
C LEU F 16 -30.00 -0.80 -26.04
N ASP F 17 -30.88 0.16 -25.74
CA ASP F 17 -32.12 -0.20 -25.08
C ASP F 17 -32.88 -1.23 -25.89
N ALA F 18 -33.04 -0.98 -27.19
CA ALA F 18 -33.72 -1.93 -28.05
C ALA F 18 -33.01 -3.28 -28.08
N ARG F 19 -31.69 -3.26 -28.21
CA ARG F 19 -30.94 -4.51 -28.23
C ARG F 19 -31.08 -5.27 -26.91
N VAL F 20 -31.12 -4.56 -25.77
CA VAL F 20 -31.29 -5.24 -24.50
C VAL F 20 -32.63 -5.95 -24.45
N GLY F 21 -33.70 -5.26 -24.88
CA GLY F 21 -35.00 -5.90 -24.93
C GLY F 21 -35.01 -7.15 -25.81
N LYS F 22 -34.19 -7.16 -26.86
CA LYS F 22 -34.17 -8.33 -27.74
C LYS F 22 -33.48 -9.51 -27.08
N GLU F 23 -32.37 -9.27 -26.37
CA GLU F 23 -31.67 -10.37 -25.71
C GLU F 23 -32.55 -11.05 -24.69
N ILE F 24 -33.44 -10.28 -24.05
CA ILE F 24 -34.37 -10.87 -23.08
C ILE F 24 -35.43 -11.69 -23.80
N ASP F 25 -35.89 -11.21 -24.96
CA ASP F 25 -36.79 -12.02 -25.79
C ASP F 25 -36.14 -13.33 -26.18
N ALA F 26 -34.96 -13.23 -26.82
CA ALA F 26 -34.21 -14.40 -27.28
C ALA F 26 -33.82 -15.34 -26.15
N ALA F 27 -33.86 -14.86 -24.90
CA ALA F 27 -33.63 -15.72 -23.74
C ALA F 27 -34.85 -16.56 -23.38
N ARG F 28 -35.97 -16.34 -24.07
CA ARG F 28 -37.21 -17.05 -23.79
C ARG F 28 -37.69 -16.78 -22.37
N LEU F 29 -37.58 -15.52 -21.95
CA LEU F 29 -37.94 -15.12 -20.60
C LEU F 29 -39.28 -14.42 -20.51
N ARG F 30 -39.91 -14.10 -21.64
CA ARG F 30 -41.17 -13.34 -21.61
C ARG F 30 -42.31 -14.18 -21.06
N ARG F 31 -43.40 -13.49 -20.69
CA ARG F 31 -44.55 -14.14 -20.09
C ARG F 31 -44.96 -15.39 -20.84
N ALA F 32 -45.07 -15.29 -22.17
CA ALA F 32 -45.63 -16.36 -22.98
C ALA F 32 -44.55 -17.18 -23.69
N ASP F 33 -43.28 -17.06 -23.30
CA ASP F 33 -42.21 -17.86 -23.88
C ASP F 33 -41.45 -18.73 -22.88
N ASN F 34 -41.47 -18.39 -21.59
CA ASN F 34 -40.75 -19.20 -20.61
C ASN F 34 -41.62 -20.36 -20.17
N ALA F 35 -40.97 -21.42 -19.68
CA ALA F 35 -41.68 -22.65 -19.35
C ALA F 35 -42.30 -22.65 -17.95
N PHE F 36 -41.76 -21.87 -17.01
CA PHE F 36 -42.26 -21.94 -15.64
C PHE F 36 -43.61 -21.24 -15.47
N PHE F 37 -43.78 -20.05 -16.05
CA PHE F 37 -45.05 -19.35 -15.91
C PHE F 37 -46.19 -20.17 -16.52
N GLY F 38 -45.92 -20.91 -17.58
CA GLY F 38 -46.93 -21.78 -18.15
C GLY F 38 -47.28 -22.94 -17.22
N GLU F 39 -46.27 -23.72 -16.82
CA GLU F 39 -46.54 -24.84 -15.92
C GLU F 39 -47.15 -24.40 -14.61
N ALA F 40 -46.83 -23.18 -14.15
CA ALA F 40 -47.45 -22.65 -12.94
C ALA F 40 -48.94 -22.42 -13.14
N ARG F 41 -49.33 -21.91 -14.31
CA ARG F 41 -50.76 -21.69 -14.58
C ARG F 41 -51.47 -23.02 -14.86
N LYS F 42 -50.94 -23.80 -15.80
CA LYS F 42 -51.65 -25.00 -16.27
C LYS F 42 -51.58 -26.17 -15.30
N ALA F 43 -50.77 -26.08 -14.25
CA ALA F 43 -50.75 -27.17 -13.26
C ALA F 43 -52.12 -27.32 -12.62
N GLU F 44 -52.46 -28.55 -12.28
CA GLU F 44 -53.71 -28.83 -11.58
C GLU F 44 -53.50 -28.84 -10.08
N SER F 45 -52.52 -29.62 -9.63
CA SER F 45 -52.08 -29.66 -8.24
C SER F 45 -50.56 -29.55 -8.25
N VAL F 46 -50.00 -29.27 -7.07
CA VAL F 46 -48.57 -29.25 -6.86
C VAL F 46 -48.28 -29.89 -5.51
N THR F 47 -47.30 -30.78 -5.47
CA THR F 47 -46.99 -31.43 -4.21
C THR F 47 -46.26 -30.48 -3.28
N PRO F 48 -46.38 -30.67 -1.97
CA PRO F 48 -45.46 -29.97 -1.05
C PRO F 48 -44.01 -30.17 -1.41
N GLU F 49 -43.65 -31.36 -1.89
CA GLU F 49 -42.25 -31.62 -2.22
C GLU F 49 -41.76 -30.68 -3.32
N ALA F 50 -42.52 -30.56 -4.42
CA ALA F 50 -42.12 -29.66 -5.48
C ALA F 50 -42.21 -28.21 -5.02
N ALA F 51 -43.23 -27.88 -4.22
CA ALA F 51 -43.36 -26.53 -3.67
C ALA F 51 -42.15 -26.15 -2.84
N LEU F 52 -41.64 -27.09 -2.03
CA LEU F 52 -40.49 -26.79 -1.20
C LEU F 52 -39.23 -26.64 -2.05
N ALA F 53 -39.07 -27.49 -3.07
CA ALA F 53 -37.88 -27.40 -3.90
C ALA F 53 -37.82 -26.08 -4.65
N ILE F 54 -38.98 -25.59 -5.12
CA ILE F 54 -39.05 -24.25 -5.69
C ILE F 54 -38.66 -23.22 -4.63
N ALA F 55 -39.15 -23.40 -3.40
CA ALA F 55 -38.92 -22.44 -2.33
C ALA F 55 -37.45 -22.36 -1.92
N HIS F 56 -36.76 -23.50 -1.86
CA HIS F 56 -35.33 -23.46 -1.57
C HIS F 56 -34.56 -22.86 -2.74
N ARG F 57 -35.03 -23.09 -3.97
CA ARG F 57 -34.36 -22.49 -5.13
C ARG F 57 -34.56 -20.99 -5.15
N TRP F 58 -35.77 -20.50 -4.87
CA TRP F 58 -36.02 -19.07 -4.84
C TRP F 58 -35.22 -18.41 -3.74
N ARG F 59 -35.26 -18.97 -2.53
CA ARG F 59 -34.48 -18.45 -1.41
C ARG F 59 -33.03 -18.24 -1.81
N ALA F 60 -32.40 -19.25 -2.40
CA ALA F 60 -31.01 -19.10 -2.77
C ALA F 60 -30.84 -18.07 -3.86
N MET F 61 -31.76 -18.05 -4.83
CA MET F 61 -31.60 -17.16 -5.97
C MET F 61 -31.88 -15.73 -5.57
N THR F 62 -32.88 -15.50 -4.72
CA THR F 62 -33.23 -14.13 -4.37
C THR F 62 -32.25 -13.56 -3.35
N LYS F 63 -31.77 -14.37 -2.41
CA LYS F 63 -30.72 -13.91 -1.50
C LYS F 63 -29.47 -13.49 -2.27
N ALA F 64 -29.02 -14.34 -3.21
CA ALA F 64 -27.84 -13.99 -4.00
C ALA F 64 -28.11 -12.79 -4.90
N PHE F 65 -29.30 -12.72 -5.49
CA PHE F 65 -29.65 -11.51 -6.26
C PHE F 65 -29.47 -10.27 -5.40
N MET F 66 -30.02 -10.29 -4.18
CA MET F 66 -29.99 -9.09 -3.36
C MET F 66 -28.56 -8.71 -3.01
N PHE F 67 -27.78 -9.68 -2.54
CA PHE F 67 -26.46 -9.31 -2.02
C PHE F 67 -25.47 -9.01 -3.13
N THR F 68 -25.55 -9.73 -4.27
CA THR F 68 -24.59 -9.44 -5.33
C THR F 68 -24.95 -8.17 -6.10
N THR F 69 -26.24 -7.79 -6.14
CA THR F 69 -26.60 -6.48 -6.67
C THR F 69 -26.08 -5.36 -5.77
N LEU F 70 -26.20 -5.55 -4.47
CA LEU F 70 -25.65 -4.60 -3.51
C LEU F 70 -24.13 -4.50 -3.66
N SER F 71 -23.46 -5.65 -3.74
CA SER F 71 -22.04 -5.65 -4.03
C SER F 71 -21.72 -4.91 -5.33
N GLY F 72 -22.51 -5.16 -6.38
CA GLY F 72 -22.27 -4.44 -7.63
C GLY F 72 -22.47 -2.95 -7.49
N LEU F 73 -23.43 -2.56 -6.65
CA LEU F 73 -23.60 -1.15 -6.31
C LEU F 73 -22.31 -0.57 -5.73
N GLY F 74 -21.63 -1.33 -4.88
CA GLY F 74 -20.35 -0.88 -4.35
C GLY F 74 -19.30 -0.67 -5.44
N VAL F 75 -19.24 -1.58 -6.40
CA VAL F 75 -18.29 -1.45 -7.51
C VAL F 75 -18.55 -0.16 -8.27
N MET F 76 -19.81 0.11 -8.62
CA MET F 76 -20.14 1.38 -9.26
C MET F 76 -19.68 2.55 -8.42
N ALA F 77 -19.84 2.44 -7.08
CA ALA F 77 -19.47 3.57 -6.23
C ALA F 77 -17.96 3.80 -6.26
N ARG F 78 -17.16 2.72 -6.27
CA ARG F 78 -15.72 2.89 -6.40
C ARG F 78 -15.35 3.52 -7.73
N ARG F 79 -16.00 3.11 -8.82
CA ARG F 79 -15.75 3.72 -10.11
C ARG F 79 -16.06 5.21 -10.08
N PHE F 80 -17.21 5.59 -9.53
CA PHE F 80 -17.57 7.01 -9.45
C PHE F 80 -16.56 7.79 -8.60
N GLN F 81 -16.07 7.19 -7.51
CA GLN F 81 -15.16 7.95 -6.67
C GLN F 81 -13.86 8.24 -7.37
N GLY F 82 -13.44 7.35 -8.29
CA GLY F 82 -12.28 7.62 -9.11
C GLY F 82 -12.42 8.82 -10.03
N GLN F 83 -13.65 9.23 -10.34
CA GLN F 83 -13.86 10.32 -11.29
C GLN F 83 -14.04 11.63 -10.55
N ASP F 84 -13.45 12.69 -11.11
CA ASP F 84 -13.50 13.97 -10.41
C ASP F 84 -14.92 14.54 -10.39
N ALA F 85 -15.70 14.33 -11.45
CA ALA F 85 -17.07 14.81 -11.50
C ALA F 85 -17.90 13.85 -12.34
N PRO F 86 -18.41 12.78 -11.71
CA PRO F 86 -19.28 11.85 -12.44
C PRO F 86 -20.44 12.56 -13.11
N ASP F 87 -20.73 12.13 -14.33
CA ASP F 87 -21.82 12.72 -15.10
C ASP F 87 -23.15 12.52 -14.37
N HIS F 88 -23.88 13.61 -14.20
CA HIS F 88 -25.12 13.56 -13.44
C HIS F 88 -26.15 12.61 -14.07
N GLU F 89 -26.02 12.29 -15.36
CA GLU F 89 -26.96 11.36 -15.98
C GLU F 89 -26.71 9.92 -15.52
N LEU F 90 -25.45 9.55 -15.33
CA LEU F 90 -25.14 8.29 -14.68
C LEU F 90 -25.61 8.29 -13.23
N LEU F 91 -25.38 9.40 -12.52
CA LEU F 91 -25.78 9.46 -11.12
C LEU F 91 -27.30 9.32 -10.95
N ALA F 92 -28.09 9.79 -11.92
CA ALA F 92 -29.53 9.63 -11.79
C ALA F 92 -29.92 8.15 -11.88
N ALA F 93 -29.27 7.40 -12.76
CA ALA F 93 -29.51 5.95 -12.80
C ALA F 93 -28.94 5.25 -11.56
N PHE F 94 -27.82 5.75 -11.03
CA PHE F 94 -27.28 5.20 -9.78
C PHE F 94 -28.27 5.34 -8.63
N GLN F 95 -28.92 6.51 -8.51
CA GLN F 95 -30.01 6.65 -7.55
C GLN F 95 -31.07 5.57 -7.75
N THR F 96 -31.36 5.23 -9.01
CA THR F 96 -32.40 4.23 -9.23
C THR F 96 -31.99 2.87 -8.67
N VAL F 97 -30.76 2.44 -8.97
CA VAL F 97 -30.24 1.19 -8.41
C VAL F 97 -30.46 1.16 -6.91
N TYR F 98 -30.05 2.23 -6.23
CA TYR F 98 -30.15 2.25 -4.78
C TYR F 98 -31.58 2.08 -4.30
N GLN F 99 -32.54 2.75 -4.96
CA GLN F 99 -33.93 2.72 -4.47
C GLN F 99 -34.56 1.35 -4.70
N VAL F 100 -34.45 0.83 -5.92
CA VAL F 100 -35.10 -0.44 -6.26
C VAL F 100 -34.55 -1.56 -5.37
N ILE F 101 -33.23 -1.78 -5.41
CA ILE F 101 -32.69 -2.86 -4.60
C ILE F 101 -32.98 -2.63 -3.12
N GLY F 102 -33.11 -1.37 -2.71
CA GLY F 102 -33.50 -1.10 -1.34
C GLY F 102 -34.86 -1.65 -0.93
N ASP F 103 -35.75 -1.91 -1.88
CA ASP F 103 -37.02 -2.52 -1.49
C ASP F 103 -36.81 -3.94 -0.97
N ASP F 104 -35.92 -4.70 -1.60
CA ASP F 104 -35.58 -6.03 -1.12
C ASP F 104 -34.95 -5.99 0.26
N LEU F 105 -34.23 -4.90 0.57
CA LEU F 105 -33.51 -4.85 1.84
C LEU F 105 -34.33 -4.22 2.96
N ASP F 106 -35.19 -3.26 2.64
CA ASP F 106 -35.82 -2.49 3.71
C ASP F 106 -37.23 -2.03 3.35
N ASN F 107 -37.78 -2.47 2.22
CA ASN F 107 -39.17 -2.20 1.86
C ASN F 107 -39.49 -0.71 1.89
N ALA F 108 -39.08 0.02 0.85
CA ALA F 108 -39.36 1.46 0.82
C ALA F 108 -40.67 1.78 0.09
N ALA F 109 -41.00 1.04 -0.95
CA ALA F 109 -42.19 1.31 -1.72
C ALA F 109 -43.44 1.12 -0.87
N PRO F 110 -44.51 1.88 -1.15
CA PRO F 110 -45.77 1.75 -0.38
C PRO F 110 -46.31 0.33 -0.34
N ALA F 111 -46.32 -0.36 -1.48
CA ALA F 111 -46.84 -1.72 -1.55
C ALA F 111 -46.13 -2.67 -0.58
N PHE F 112 -44.92 -2.33 -0.12
CA PHE F 112 -44.18 -3.18 0.81
C PHE F 112 -44.28 -2.71 2.25
N ARG F 113 -44.08 -1.41 2.51
CA ARG F 113 -44.10 -0.93 3.89
C ARG F 113 -45.45 -1.17 4.56
N GLU F 114 -46.52 -1.31 3.77
CA GLU F 114 -47.85 -1.56 4.33
C GLU F 114 -47.96 -2.97 4.92
N VAL F 115 -47.34 -3.96 4.28
CA VAL F 115 -47.52 -5.36 4.65
C VAL F 115 -46.23 -5.96 5.22
N ALA F 116 -45.08 -5.62 4.65
CA ALA F 116 -43.85 -6.31 5.00
C ALA F 116 -43.53 -6.12 6.48
N PRO F 117 -42.97 -7.14 7.14
CA PRO F 117 -42.59 -6.98 8.55
C PRO F 117 -41.43 -6.00 8.70
N ARG F 118 -41.25 -5.54 9.94
CA ARG F 118 -40.23 -4.56 10.26
C ARG F 118 -38.87 -5.21 10.42
N GLY F 119 -37.83 -4.47 10.05
CA GLY F 119 -36.48 -4.91 10.33
C GLY F 119 -36.04 -6.06 9.44
N PRO F 120 -35.19 -6.93 9.97
CA PRO F 120 -34.64 -7.99 9.13
C PRO F 120 -35.70 -8.99 8.66
N ALA F 121 -36.78 -9.18 9.42
CA ALA F 121 -37.91 -10.00 8.96
C ALA F 121 -38.50 -9.49 7.64
N GLY F 122 -38.30 -8.22 7.31
CA GLY F 122 -38.80 -7.70 6.06
C GLY F 122 -37.90 -7.91 4.88
N ILE F 123 -36.63 -8.29 5.12
CA ILE F 123 -35.73 -8.59 4.00
C ILE F 123 -36.33 -9.73 3.18
N HIS F 124 -36.35 -9.54 1.86
CA HIS F 124 -37.26 -10.35 1.05
C HIS F 124 -36.90 -11.84 1.05
N TYR F 125 -35.61 -12.19 1.15
CA TYR F 125 -35.34 -13.62 1.26
C TYR F 125 -35.68 -14.15 2.66
N VAL F 126 -35.55 -13.31 3.69
CA VAL F 126 -35.98 -13.74 5.02
C VAL F 126 -37.49 -13.82 5.11
N TRP F 127 -38.17 -12.80 4.57
CA TRP F 127 -39.63 -12.81 4.51
C TRP F 127 -40.15 -14.05 3.78
N TRP F 128 -39.44 -14.47 2.74
CA TRP F 128 -39.80 -15.68 2.01
C TRP F 128 -39.59 -16.93 2.86
N GLU F 129 -38.44 -17.02 3.55
CA GLU F 129 -38.17 -18.17 4.42
C GLU F 129 -39.28 -18.36 5.43
N ASP F 130 -39.72 -17.26 6.07
CA ASP F 130 -40.62 -17.34 7.21
C ASP F 130 -42.06 -17.60 6.80
N THR F 131 -42.50 -17.09 5.65
CA THR F 131 -43.91 -17.14 5.30
C THR F 131 -44.19 -18.01 4.09
N VAL F 132 -43.17 -18.61 3.47
CA VAL F 132 -43.40 -19.51 2.34
C VAL F 132 -42.62 -20.81 2.51
N LEU F 133 -41.30 -20.72 2.67
CA LEU F 133 -40.47 -21.92 2.69
C LEU F 133 -40.77 -22.77 3.92
N LYS F 134 -40.81 -22.14 5.09
CA LYS F 134 -40.96 -22.92 6.32
C LYS F 134 -42.36 -23.50 6.46
N PRO F 135 -43.44 -22.76 6.21
CA PRO F 135 -44.77 -23.39 6.28
C PRO F 135 -44.96 -24.55 5.32
N VAL F 136 -44.38 -24.49 4.12
CA VAL F 136 -44.40 -25.64 3.21
C VAL F 136 -43.57 -26.78 3.78
N ALA F 137 -42.33 -26.48 4.19
CA ALA F 137 -41.49 -27.46 4.88
C ALA F 137 -42.22 -28.19 6.00
N ALA F 138 -43.24 -27.57 6.59
CA ALA F 138 -44.00 -28.20 7.68
C ALA F 138 -44.83 -29.38 7.22
N HIS F 139 -45.02 -29.57 5.91
CA HIS F 139 -45.75 -30.69 5.36
C HIS F 139 -44.86 -31.56 4.46
N VAL F 140 -43.59 -31.70 4.84
CA VAL F 140 -42.62 -32.50 4.10
C VAL F 140 -41.77 -33.23 5.12
N ALA F 141 -41.53 -34.52 4.87
CA ALA F 141 -40.70 -35.30 5.77
C ALA F 141 -39.23 -34.92 5.62
N GLU F 142 -38.50 -35.01 6.73
CA GLU F 142 -37.11 -34.54 6.76
C GLU F 142 -36.27 -35.21 5.69
N GLU F 143 -36.52 -36.50 5.44
CA GLU F 143 -35.87 -37.18 4.32
C GLU F 143 -36.07 -36.41 3.02
N ASP F 144 -37.29 -35.95 2.77
CA ASP F 144 -37.58 -35.24 1.53
C ASP F 144 -37.20 -33.76 1.60
N ARG F 145 -37.09 -33.20 2.81
CA ARG F 145 -36.61 -31.83 2.94
C ARG F 145 -35.21 -31.69 2.37
N GLN F 146 -34.33 -32.63 2.73
CA GLN F 146 -32.95 -32.57 2.26
C GLN F 146 -32.87 -32.66 0.74
N SER F 147 -33.68 -33.52 0.14
CA SER F 147 -33.71 -33.61 -1.32
C SER F 147 -34.15 -32.29 -1.94
N ALA F 148 -35.13 -31.63 -1.31
CA ALA F 148 -35.66 -30.38 -1.85
C ALA F 148 -34.60 -29.27 -1.85
N ALA F 149 -33.67 -29.28 -0.89
CA ALA F 149 -32.69 -28.21 -0.79
C ALA F 149 -31.51 -28.38 -1.74
N VAL F 150 -31.41 -29.48 -2.47
CA VAL F 150 -30.28 -29.65 -3.37
C VAL F 150 -30.57 -28.87 -4.65
N LEU F 151 -29.73 -27.89 -4.94
CA LEU F 151 -30.05 -26.95 -6.01
C LEU F 151 -29.69 -27.55 -7.36
N PRO F 152 -30.57 -27.47 -8.36
CA PRO F 152 -30.22 -27.95 -9.70
C PRO F 152 -29.00 -27.25 -10.27
N ARG F 153 -28.38 -27.91 -11.24
CA ARG F 153 -27.14 -27.39 -11.80
C ARG F 153 -27.34 -26.06 -12.51
N ALA F 154 -28.49 -25.89 -13.18
CA ALA F 154 -28.77 -24.61 -13.82
C ALA F 154 -29.00 -23.50 -12.80
N VAL F 155 -29.48 -23.85 -11.59
CA VAL F 155 -29.60 -22.85 -10.54
C VAL F 155 -28.22 -22.40 -10.07
N THR F 156 -27.37 -23.37 -9.71
CA THR F 156 -25.97 -23.07 -9.38
C THR F 156 -25.28 -22.29 -10.48
N GLY F 157 -25.64 -22.56 -11.73
CA GLY F 157 -25.09 -21.78 -12.82
C GLY F 157 -25.50 -20.32 -12.73
N LEU F 158 -26.77 -20.07 -12.39
CA LEU F 158 -27.21 -18.70 -12.14
C LEU F 158 -26.46 -18.09 -10.95
N LEU F 159 -26.43 -18.80 -9.82
CA LEU F 159 -25.76 -18.28 -8.65
C LEU F 159 -24.30 -17.93 -8.95
N ASP F 160 -23.64 -18.75 -9.78
CA ASP F 160 -22.26 -18.42 -10.17
C ASP F 160 -22.22 -17.21 -11.09
N SER F 161 -23.23 -17.02 -11.94
CA SER F 161 -23.27 -15.80 -12.74
C SER F 161 -23.38 -14.57 -11.84
N MET F 162 -24.20 -14.66 -10.79
CA MET F 162 -24.37 -13.53 -9.88
C MET F 162 -23.07 -13.17 -9.18
N ASP F 163 -22.32 -14.19 -8.70
CA ASP F 163 -21.07 -13.88 -8.00
C ASP F 163 -20.07 -13.18 -8.90
N ARG F 164 -20.12 -13.45 -10.21
CA ARG F 164 -19.25 -12.72 -11.13
C ARG F 164 -19.73 -11.29 -11.33
N LEU F 165 -21.04 -11.12 -11.52
CA LEU F 165 -21.59 -9.79 -11.67
C LEU F 165 -21.45 -8.97 -10.39
N ALA F 166 -21.28 -9.62 -9.24
CA ALA F 166 -21.12 -8.92 -7.98
C ALA F 166 -19.93 -8.00 -7.96
N THR F 167 -18.92 -8.27 -8.80
CA THR F 167 -17.71 -7.46 -8.86
C THR F 167 -17.53 -6.78 -10.20
N HIS F 168 -18.59 -6.74 -11.04
CA HIS F 168 -18.58 -6.17 -12.38
C HIS F 168 -19.10 -4.74 -12.36
N PRO F 169 -18.40 -3.79 -12.98
CA PRO F 169 -18.80 -2.37 -12.84
C PRO F 169 -20.17 -2.06 -13.44
N LEU F 170 -20.76 -2.99 -14.19
CA LEU F 170 -22.14 -2.83 -14.65
C LEU F 170 -23.04 -3.91 -14.08
N GLY F 171 -22.50 -4.74 -13.18
CA GLY F 171 -23.24 -5.92 -12.71
C GLY F 171 -24.55 -5.59 -12.03
N ALA F 172 -24.57 -4.53 -11.21
CA ALA F 172 -25.81 -4.15 -10.54
C ALA F 172 -26.86 -3.74 -11.57
N ALA F 173 -26.45 -2.95 -12.57
CA ALA F 173 -27.38 -2.53 -13.61
C ALA F 173 -27.90 -3.72 -14.40
N VAL F 174 -27.03 -4.69 -14.70
CA VAL F 174 -27.46 -5.82 -15.52
C VAL F 174 -28.48 -6.66 -14.78
N GLN F 175 -28.24 -6.93 -13.50
CA GLN F 175 -29.16 -7.76 -12.74
C GLN F 175 -30.52 -7.08 -12.58
N LEU F 176 -30.51 -5.80 -12.23
CA LEU F 176 -31.77 -5.07 -12.04
C LEU F 176 -32.54 -4.98 -13.35
N ARG F 177 -31.85 -4.82 -14.47
CA ARG F 177 -32.54 -4.66 -15.74
C ARG F 177 -33.26 -5.93 -16.15
N VAL F 178 -32.68 -7.11 -15.85
CA VAL F 178 -33.31 -8.38 -16.22
C VAL F 178 -34.32 -8.81 -15.16
N VAL F 179 -33.90 -8.88 -13.89
CA VAL F 179 -34.74 -9.47 -12.86
C VAL F 179 -36.03 -8.68 -12.70
N GLU F 180 -35.92 -7.35 -12.58
CA GLU F 180 -37.12 -6.56 -12.37
C GLU F 180 -38.05 -6.61 -13.59
N ASP F 181 -37.48 -6.86 -14.78
CA ASP F 181 -38.31 -6.95 -15.98
C ASP F 181 -39.15 -8.24 -15.98
N ILE F 182 -38.66 -9.31 -15.37
CA ILE F 182 -39.38 -10.59 -15.34
C ILE F 182 -39.98 -10.89 -13.99
N ALA F 183 -39.84 -9.99 -13.02
CA ALA F 183 -40.27 -10.34 -11.66
C ALA F 183 -41.78 -10.48 -11.53
N LEU F 184 -42.55 -9.71 -12.29
CA LEU F 184 -44.01 -9.80 -12.19
C LEU F 184 -44.49 -11.21 -12.52
N ASP F 185 -44.03 -11.74 -13.66
CA ASP F 185 -44.39 -13.09 -14.06
C ASP F 185 -43.94 -14.11 -13.01
N ILE F 186 -42.73 -13.92 -12.45
CA ILE F 186 -42.29 -14.83 -11.40
C ILE F 186 -43.21 -14.74 -10.20
N ALA F 187 -43.59 -13.52 -9.82
CA ALA F 187 -44.48 -13.35 -8.67
C ALA F 187 -45.84 -13.99 -8.93
N VAL F 188 -46.38 -13.86 -10.14
CA VAL F 188 -47.71 -14.43 -10.38
C VAL F 188 -47.61 -15.94 -10.51
N GLY F 189 -46.52 -16.44 -11.09
CA GLY F 189 -46.27 -17.88 -11.07
C GLY F 189 -46.30 -18.44 -9.66
N PHE F 190 -45.69 -17.73 -8.71
CA PHE F 190 -45.77 -18.15 -7.30
C PHE F 190 -47.21 -18.05 -6.80
N ARG F 191 -47.90 -16.95 -7.09
CA ARG F 191 -49.29 -16.82 -6.69
C ARG F 191 -50.10 -18.00 -7.19
N ARG F 192 -49.92 -18.39 -8.46
CA ARG F 192 -50.63 -19.53 -8.98
C ARG F 192 -50.08 -20.85 -8.44
N LEU F 193 -48.78 -20.93 -8.16
CA LEU F 193 -48.19 -22.20 -7.73
C LEU F 193 -48.60 -22.57 -6.31
N TYR F 194 -48.57 -21.61 -5.38
CA TYR F 194 -48.53 -21.93 -3.96
C TYR F 194 -49.89 -22.03 -3.27
N ALA F 195 -50.94 -21.48 -3.86
CA ALA F 195 -52.28 -21.74 -3.33
C ALA F 195 -52.86 -23.05 -3.84
N LYS F 196 -52.40 -23.53 -5.00
CA LYS F 196 -52.74 -24.85 -5.50
C LYS F 196 -51.95 -25.95 -4.81
N VAL F 197 -51.26 -25.64 -3.71
CA VAL F 197 -50.57 -26.65 -2.93
C VAL F 197 -51.60 -27.45 -2.14
N GLU F 198 -51.59 -28.77 -2.31
CA GLU F 198 -52.48 -29.66 -1.58
C GLU F 198 -51.68 -30.37 -0.49
N VAL F 199 -52.06 -30.12 0.77
CA VAL F 199 -51.46 -30.79 1.91
C VAL F 199 -52.55 -31.60 2.61
N PRO F 200 -52.21 -32.70 3.27
CA PRO F 200 -53.25 -33.55 3.87
C PRO F 200 -53.95 -32.95 5.08
N GLY F 201 -55.09 -32.30 4.87
CA GLY F 201 -55.92 -31.82 5.96
C GLY F 201 -56.25 -30.34 5.88
N THR F 202 -55.27 -29.52 5.54
CA THR F 202 -55.45 -28.08 5.54
C THR F 202 -55.37 -27.55 4.11
N THR F 203 -55.97 -26.38 3.86
CA THR F 203 -55.85 -25.73 2.56
C THR F 203 -54.82 -24.62 2.73
N LEU F 204 -53.56 -24.96 2.46
CA LEU F 204 -52.47 -24.05 2.76
C LEU F 204 -52.60 -22.76 1.95
N PHE F 205 -52.38 -21.62 2.63
CA PHE F 205 -52.37 -20.30 2.01
C PHE F 205 -53.72 -19.91 1.42
N ALA F 206 -54.81 -20.34 2.07
CA ALA F 206 -56.15 -19.97 1.64
C ALA F 206 -56.60 -18.63 2.20
N GLY F 207 -56.11 -18.24 3.37
CA GLY F 207 -56.40 -16.93 3.90
C GLY F 207 -55.92 -15.82 2.98
N ARG F 208 -56.44 -14.62 3.21
CA ARG F 208 -56.15 -13.50 2.32
C ARG F 208 -54.73 -12.96 2.55
N ASP F 209 -54.29 -12.91 3.81
CA ASP F 209 -52.96 -12.45 4.15
C ASP F 209 -51.97 -13.59 4.31
N ASP F 210 -52.29 -14.78 3.80
CA ASP F 210 -51.38 -15.91 3.87
C ASP F 210 -50.28 -15.85 2.80
N LEU F 211 -50.37 -14.93 1.86
CA LEU F 211 -49.33 -14.72 0.86
C LEU F 211 -48.97 -13.24 0.80
N ALA F 212 -48.68 -12.65 1.98
CA ALA F 212 -48.32 -11.24 2.04
C ALA F 212 -47.09 -10.92 1.21
N TRP F 213 -46.18 -11.88 1.06
CA TRP F 213 -45.02 -11.70 0.19
C TRP F 213 -45.43 -11.46 -1.25
N VAL F 214 -46.42 -12.20 -1.74
CA VAL F 214 -46.65 -12.35 -3.17
C VAL F 214 -47.51 -11.22 -3.77
N ASP F 215 -48.59 -10.81 -3.10
CA ASP F 215 -49.47 -9.82 -3.71
C ASP F 215 -48.79 -8.46 -3.77
N SER F 216 -48.14 -8.06 -2.67
CA SER F 216 -47.40 -6.80 -2.66
C SER F 216 -46.36 -6.77 -3.78
N HIS F 217 -45.66 -7.88 -3.99
CA HIS F 217 -44.69 -7.94 -5.08
C HIS F 217 -45.35 -7.70 -6.44
N ILE F 218 -46.51 -8.30 -6.67
CA ILE F 218 -47.24 -8.03 -7.91
C ILE F 218 -47.63 -6.56 -7.97
N LYS F 219 -48.12 -6.02 -6.84
CA LYS F 219 -48.42 -4.60 -6.71
C LYS F 219 -47.20 -3.70 -6.96
N ALA F 220 -45.98 -4.25 -6.96
CA ALA F 220 -44.79 -3.42 -7.02
C ALA F 220 -43.86 -3.74 -8.19
N GLU F 221 -43.91 -4.94 -8.76
CA GLU F 221 -42.96 -5.27 -9.80
C GLU F 221 -43.28 -4.62 -11.14
N THR F 222 -44.54 -4.22 -11.39
CA THR F 222 -44.78 -3.48 -12.62
C THR F 222 -44.14 -2.11 -12.57
N MET F 223 -44.07 -1.51 -11.37
CA MET F 223 -43.35 -0.27 -11.21
C MET F 223 -41.84 -0.46 -11.37
N HIS F 224 -41.29 -1.51 -10.73
CA HIS F 224 -39.85 -1.75 -10.83
C HIS F 224 -39.44 -2.01 -12.27
N ALA F 225 -40.25 -2.79 -13.00
CA ALA F 225 -39.97 -3.04 -14.41
C ALA F 225 -39.89 -1.74 -15.18
N ALA F 226 -40.71 -0.76 -14.82
CA ALA F 226 -40.65 0.53 -15.47
C ALA F 226 -39.41 1.31 -15.04
N GLN F 227 -39.11 1.30 -13.74
CA GLN F 227 -37.95 2.03 -13.23
C GLN F 227 -36.67 1.56 -13.92
N VAL F 228 -36.51 0.26 -14.15
CA VAL F 228 -35.24 -0.26 -14.65
C VAL F 228 -35.08 -0.05 -16.15
N SER F 229 -36.17 0.17 -16.88
CA SER F 229 -36.05 0.44 -18.31
C SER F 229 -36.38 1.89 -18.65
N ASP F 230 -36.53 2.77 -17.65
CA ASP F 230 -36.72 4.19 -17.92
C ASP F 230 -35.60 4.71 -18.80
N GLU F 231 -35.96 5.58 -19.74
CA GLU F 231 -34.99 6.01 -20.74
C GLU F 231 -33.99 7.00 -20.18
N ASP F 232 -34.32 7.70 -19.11
CA ASP F 232 -33.41 8.66 -18.48
C ASP F 232 -32.78 8.15 -17.19
N THR F 233 -33.51 7.38 -16.38
CA THR F 233 -32.98 6.94 -15.09
C THR F 233 -33.03 5.42 -14.93
N GLY F 234 -33.04 4.67 -16.02
CA GLY F 234 -33.04 3.22 -15.96
C GLY F 234 -31.64 2.67 -16.03
N MET F 235 -31.56 1.34 -16.04
CA MET F 235 -30.28 0.66 -15.84
C MET F 235 -29.32 0.91 -16.99
N THR F 236 -29.85 0.95 -18.22
CA THR F 236 -28.97 1.20 -19.36
C THR F 236 -28.39 2.62 -19.35
N ARG F 237 -28.90 3.52 -18.51
CA ARG F 237 -28.29 4.84 -18.40
C ARG F 237 -27.05 4.86 -17.51
N LEU F 238 -26.66 3.72 -16.93
CA LEU F 238 -25.38 3.59 -16.24
C LEU F 238 -24.26 3.24 -17.21
N VAL F 239 -24.58 2.99 -18.46
CA VAL F 239 -23.59 2.70 -19.49
C VAL F 239 -22.95 4.00 -19.96
N ALA F 240 -21.64 4.14 -19.76
CA ALA F 240 -20.98 5.41 -19.98
C ALA F 240 -20.53 5.58 -21.43
N ASP F 241 -19.99 4.52 -22.04
CA ASP F 241 -19.46 4.65 -23.40
C ASP F 241 -19.82 3.46 -24.28
N ARG F 242 -19.27 3.47 -25.49
CA ARG F 242 -19.60 2.47 -26.49
C ARG F 242 -19.06 1.10 -26.09
N GLU F 243 -17.84 1.06 -25.55
CA GLU F 243 -17.28 -0.21 -25.13
C GLU F 243 -18.10 -0.85 -24.00
N GLN F 244 -18.65 -0.01 -23.12
CA GLN F 244 -19.49 -0.53 -22.04
C GLN F 244 -20.86 -0.96 -22.55
N ALA F 245 -21.34 -0.31 -23.62
CA ALA F 245 -22.58 -0.76 -24.26
C ALA F 245 -22.47 -2.20 -24.73
N GLU F 246 -21.33 -2.56 -25.32
CA GLU F 246 -21.09 -3.94 -25.73
C GLU F 246 -20.98 -4.87 -24.53
N GLU F 247 -20.27 -4.45 -23.49
CA GLU F 247 -20.12 -5.27 -22.30
C GLU F 247 -21.47 -5.52 -21.64
N PHE F 248 -22.34 -4.51 -21.62
CA PHE F 248 -23.67 -4.67 -21.06
C PHE F 248 -24.47 -5.71 -21.83
N LEU F 249 -24.35 -5.72 -23.16
CA LEU F 249 -25.15 -6.62 -23.98
C LEU F 249 -24.75 -8.07 -23.80
N THR F 250 -23.46 -8.39 -23.97
CA THR F 250 -23.04 -9.77 -23.75
C THR F 250 -23.42 -10.23 -22.34
N ALA F 251 -23.12 -9.41 -21.33
CA ALA F 251 -23.48 -9.77 -19.97
C ALA F 251 -24.98 -10.01 -19.83
N VAL F 252 -25.82 -9.16 -20.44
CA VAL F 252 -27.26 -9.40 -20.33
C VAL F 252 -27.64 -10.71 -21.00
N ARG F 253 -26.95 -11.09 -22.07
CA ARG F 253 -27.27 -12.32 -22.77
C ARG F 253 -26.93 -13.54 -21.93
N GLU F 254 -25.70 -13.61 -21.40
CA GLU F 254 -25.31 -14.71 -20.53
C GLU F 254 -26.24 -14.80 -19.32
N TYR F 255 -26.36 -13.68 -18.58
CA TYR F 255 -27.21 -13.62 -17.41
C TYR F 255 -28.64 -14.08 -17.72
N ALA F 256 -29.23 -13.53 -18.80
CA ALA F 256 -30.61 -13.86 -19.14
C ALA F 256 -30.79 -15.33 -19.44
N ALA F 257 -29.80 -15.95 -20.12
CA ALA F 257 -29.85 -17.38 -20.33
C ALA F 257 -29.91 -18.12 -18.99
N HIS F 258 -29.08 -17.69 -18.02
CA HIS F 258 -29.00 -18.40 -16.75
C HIS F 258 -30.30 -18.30 -15.99
N TRP F 259 -30.92 -17.12 -15.98
CA TRP F 259 -32.22 -17.00 -15.33
C TRP F 259 -33.25 -17.92 -15.98
N SER F 260 -33.26 -17.96 -17.31
CA SER F 260 -34.19 -18.83 -18.03
C SER F 260 -33.92 -20.29 -17.68
N ALA F 261 -32.66 -20.73 -17.83
CA ALA F 261 -32.29 -22.08 -17.42
C ALA F 261 -32.73 -22.36 -15.99
N ALA F 262 -32.56 -21.37 -15.10
CA ALA F 262 -32.93 -21.54 -13.70
C ALA F 262 -34.43 -21.72 -13.54
N LEU F 263 -35.22 -20.81 -14.10
CA LEU F 263 -36.67 -20.94 -14.02
C LEU F 263 -37.14 -22.21 -14.73
N GLU F 264 -36.40 -22.65 -15.75
CA GLU F 264 -36.71 -23.90 -16.42
C GLU F 264 -36.82 -25.07 -15.43
N THR F 265 -35.90 -25.13 -14.46
CA THR F 265 -35.98 -26.20 -13.46
C THR F 265 -37.19 -26.04 -12.56
N TYR F 266 -37.78 -24.85 -12.50
CA TYR F 266 -39.02 -24.69 -11.74
C TYR F 266 -40.16 -25.42 -12.43
N ALA F 267 -40.16 -25.41 -13.76
CA ALA F 267 -41.17 -26.16 -14.50
C ALA F 267 -40.96 -27.65 -14.31
N GLN F 268 -39.71 -28.11 -14.39
CA GLN F 268 -39.42 -29.54 -14.25
C GLN F 268 -39.91 -30.08 -12.91
N ALA F 269 -39.56 -29.40 -11.81
CA ALA F 269 -40.03 -29.82 -10.50
C ALA F 269 -41.56 -29.81 -10.40
N LEU F 270 -42.23 -28.91 -11.11
CA LEU F 270 -43.69 -28.91 -11.08
C LEU F 270 -44.27 -30.15 -11.78
N ARG F 271 -43.63 -30.59 -12.87
CA ARG F 271 -44.04 -31.83 -13.52
C ARG F 271 -43.76 -33.05 -12.63
N ASP F 272 -42.50 -33.20 -12.20
CA ASP F 272 -42.13 -34.38 -11.40
C ASP F 272 -42.85 -34.41 -10.06
N GLY F 273 -43.08 -33.25 -9.47
CA GLY F 273 -43.58 -33.20 -8.10
C GLY F 273 -42.49 -33.25 -7.05
N HIS F 274 -41.22 -33.21 -7.44
CA HIS F 274 -40.11 -33.22 -6.50
C HIS F 274 -38.89 -32.63 -7.20
N ALA F 275 -37.82 -32.43 -6.43
CA ALA F 275 -36.56 -31.94 -6.97
C ALA F 275 -35.93 -32.97 -7.92
#